data_4ZQA
# 
_entry.id   4ZQA 
# 
_audit_conform.dict_name       mmcif_pdbx.dic 
_audit_conform.dict_version    5.387 
_audit_conform.dict_location   http://mmcif.pdb.org/dictionaries/ascii/mmcif_pdbx.dic 
# 
loop_
_database_2.database_id 
_database_2.database_code 
_database_2.pdbx_database_accession 
_database_2.pdbx_DOI 
PDB   4ZQA         pdb_00004zqa 10.2210/pdb4zqa/pdb 
WWPDB D_1000209700 ?            ?                   
# 
loop_
_pdbx_audit_revision_history.ordinal 
_pdbx_audit_revision_history.data_content_type 
_pdbx_audit_revision_history.major_revision 
_pdbx_audit_revision_history.minor_revision 
_pdbx_audit_revision_history.revision_date 
1 'Structure model' 1 0 2015-07-15 
2 'Structure model' 1 1 2015-07-29 
3 'Structure model' 1 2 2017-09-27 
4 'Structure model' 1 3 2019-12-25 
5 'Structure model' 1 4 2024-03-06 
# 
_pdbx_audit_revision_details.ordinal             1 
_pdbx_audit_revision_details.revision_ordinal    1 
_pdbx_audit_revision_details.data_content_type   'Structure model' 
_pdbx_audit_revision_details.provider            repository 
_pdbx_audit_revision_details.type                'Initial release' 
_pdbx_audit_revision_details.description         ? 
_pdbx_audit_revision_details.details             ? 
# 
loop_
_pdbx_audit_revision_group.ordinal 
_pdbx_audit_revision_group.revision_ordinal 
_pdbx_audit_revision_group.data_content_type 
_pdbx_audit_revision_group.group 
1 2 'Structure model' 'Database references'        
2 3 'Structure model' 'Author supporting evidence' 
3 3 'Structure model' 'Database references'        
4 3 'Structure model' 'Derived calculations'       
5 3 'Structure model' 'Refinement description'     
6 3 'Structure model' 'Source and taxonomy'        
7 4 'Structure model' 'Author supporting evidence' 
8 5 'Structure model' 'Data collection'            
9 5 'Structure model' 'Database references'        
# 
loop_
_pdbx_audit_revision_category.ordinal 
_pdbx_audit_revision_category.revision_ordinal 
_pdbx_audit_revision_category.data_content_type 
_pdbx_audit_revision_category.category 
1 3 'Structure model' citation              
2 3 'Structure model' entity_src_gen        
3 3 'Structure model' pdbx_audit_support    
4 3 'Structure model' pdbx_struct_oper_list 
5 3 'Structure model' software              
6 4 'Structure model' pdbx_audit_support    
7 5 'Structure model' chem_comp_atom        
8 5 'Structure model' chem_comp_bond        
9 5 'Structure model' database_2            
# 
loop_
_pdbx_audit_revision_item.ordinal 
_pdbx_audit_revision_item.revision_ordinal 
_pdbx_audit_revision_item.data_content_type 
_pdbx_audit_revision_item.item 
1 3 'Structure model' '_citation.journal_id_CSD'                  
2 3 'Structure model' '_entity_src_gen.pdbx_alt_source_flag'      
3 3 'Structure model' '_pdbx_audit_support.funding_organization'  
4 3 'Structure model' '_pdbx_struct_oper_list.symmetry_operation' 
5 3 'Structure model' '_software.classification'                  
6 4 'Structure model' '_pdbx_audit_support.funding_organization'  
7 5 'Structure model' '_database_2.pdbx_DOI'                      
8 5 'Structure model' '_database_2.pdbx_database_accession'       
# 
_pdbx_database_status.status_code                     REL 
_pdbx_database_status.status_code_sf                  REL 
_pdbx_database_status.status_code_mr                  ? 
_pdbx_database_status.entry_id                        4ZQA 
_pdbx_database_status.recvd_initial_deposition_date   2015-05-08 
_pdbx_database_status.SG_entry                        N 
_pdbx_database_status.deposit_site                    RCSB 
_pdbx_database_status.process_site                    RCSB 
_pdbx_database_status.status_code_cs                  ? 
_pdbx_database_status.methods_development_category    ? 
_pdbx_database_status.pdb_format_compatible           Y 
_pdbx_database_status.status_code_nmr_data            ? 
# 
loop_
_audit_author.name 
_audit_author.pdbx_ordinal 
'Chan, C.W.'        1 
'Mondragon, A.'     2 
'Clark, M.'         3 
'Radhakrishnan, I.' 4 
# 
_citation.abstract                  ? 
_citation.abstract_id_CAS           ? 
_citation.book_id_ISBN              ? 
_citation.book_publisher            ? 
_citation.book_publisher_city       ? 
_citation.book_title                ? 
_citation.coordinate_linkage        ? 
_citation.country                   US 
_citation.database_id_Medline       ? 
_citation.details                   ? 
_citation.id                        primary 
_citation.journal_abbrev            Proc.Natl.Acad.Sci.USA 
_citation.journal_id_ASTM           PNASA6 
_citation.journal_id_CSD            0040 
_citation.journal_id_ISSN           1091-6490 
_citation.journal_full              ? 
_citation.journal_issue             ? 
_citation.journal_volume            112 
_citation.language                  ? 
_citation.page_first                E3669 
_citation.page_last                 E3678 
_citation.title                     
'Structural insights into the assembly of the histone deacetylase-associated Sin3L/Rpd3L corepressor complex.' 
_citation.year                      2015 
_citation.database_id_CSD           ? 
_citation.pdbx_database_id_DOI      10.1073/pnas.1504021112 
_citation.pdbx_database_id_PubMed   26124119 
_citation.unpublished_flag          ? 
# 
loop_
_citation_author.citation_id 
_citation_author.name 
_citation_author.ordinal 
_citation_author.identifier_ORCID 
primary 'Clark, M.D.'       1  ? 
primary 'Marcum, R.'        2  ? 
primary 'Graveline, R.'     3  ? 
primary 'Chan, C.W.'        4  ? 
primary 'Xie, T.'           5  ? 
primary 'Chen, Z.'          6  ? 
primary 'Ding, Y.'          7  ? 
primary 'Zhang, Y.'         8  ? 
primary 'Mondragon, A.'     9  ? 
primary 'David, G.'         10 ? 
primary 'Radhakrishnan, I.' 11 ? 
# 
loop_
_entity.id 
_entity.type 
_entity.src_method 
_entity.pdbx_description 
_entity.formula_weight 
_entity.pdbx_number_of_molecules 
_entity.pdbx_ec 
_entity.pdbx_mutation 
_entity.pdbx_fragment 
_entity.details 
1 polymer man 'Sin3 histone deacetylase corepressor complex component SDS3' 10396.940 1   ? ? 'UNP residues 90-172' ? 
2 water   nat water                                                         18.015    120 ? ? ?                     ? 
# 
_entity_name_com.entity_id   1 
_entity_name_com.name        'Suppressor of defective silencing 3 protein homolog' 
# 
_entity_poly.entity_id                      1 
_entity_poly.type                           'polypeptide(L)' 
_entity_poly.nstd_linkage                   no 
_entity_poly.nstd_monomer                   no 
_entity_poly.pdbx_seq_one_letter_code       
;SNAGTLQEYQKRMKKLDQQYRERIRNAELFLQLETEQVERNYIKEKKAAVKEFEDKKVELKENLIAELEEKKKMIENEKL
TMELTG
;
_entity_poly.pdbx_seq_one_letter_code_can   
;SNAGTLQEYQKRMKKLDQQYRERIRNAELFLQLETEQVERNYIKEKKAAVKEFEDKKVELKENLIAELEEKKKMIENEKL
TMELTG
;
_entity_poly.pdbx_strand_id                 A 
_entity_poly.pdbx_target_identifier         ? 
# 
_pdbx_entity_nonpoly.entity_id   2 
_pdbx_entity_nonpoly.name        water 
_pdbx_entity_nonpoly.comp_id     HOH 
# 
loop_
_entity_poly_seq.entity_id 
_entity_poly_seq.num 
_entity_poly_seq.mon_id 
_entity_poly_seq.hetero 
1 1  SER n 
1 2  ASN n 
1 3  ALA n 
1 4  GLY n 
1 5  THR n 
1 6  LEU n 
1 7  GLN n 
1 8  GLU n 
1 9  TYR n 
1 10 GLN n 
1 11 LYS n 
1 12 ARG n 
1 13 MET n 
1 14 LYS n 
1 15 LYS n 
1 16 LEU n 
1 17 ASP n 
1 18 GLN n 
1 19 GLN n 
1 20 TYR n 
1 21 ARG n 
1 22 GLU n 
1 23 ARG n 
1 24 ILE n 
1 25 ARG n 
1 26 ASN n 
1 27 ALA n 
1 28 GLU n 
1 29 LEU n 
1 30 PHE n 
1 31 LEU n 
1 32 GLN n 
1 33 LEU n 
1 34 GLU n 
1 35 THR n 
1 36 GLU n 
1 37 GLN n 
1 38 VAL n 
1 39 GLU n 
1 40 ARG n 
1 41 ASN n 
1 42 TYR n 
1 43 ILE n 
1 44 LYS n 
1 45 GLU n 
1 46 LYS n 
1 47 LYS n 
1 48 ALA n 
1 49 ALA n 
1 50 VAL n 
1 51 LYS n 
1 52 GLU n 
1 53 PHE n 
1 54 GLU n 
1 55 ASP n 
1 56 LYS n 
1 57 LYS n 
1 58 VAL n 
1 59 GLU n 
1 60 LEU n 
1 61 LYS n 
1 62 GLU n 
1 63 ASN n 
1 64 LEU n 
1 65 ILE n 
1 66 ALA n 
1 67 GLU n 
1 68 LEU n 
1 69 GLU n 
1 70 GLU n 
1 71 LYS n 
1 72 LYS n 
1 73 LYS n 
1 74 MET n 
1 75 ILE n 
1 76 GLU n 
1 77 ASN n 
1 78 GLU n 
1 79 LYS n 
1 80 LEU n 
1 81 THR n 
1 82 MET n 
1 83 GLU n 
1 84 LEU n 
1 85 THR n 
1 86 GLY n 
# 
_entity_src_gen.entity_id                          1 
_entity_src_gen.pdbx_src_id                        1 
_entity_src_gen.pdbx_alt_source_flag               sample 
_entity_src_gen.pdbx_seq_type                      'Biological sequence' 
_entity_src_gen.pdbx_beg_seq_num                   1 
_entity_src_gen.pdbx_end_seq_num                   86 
_entity_src_gen.gene_src_common_name               Mouse 
_entity_src_gen.gene_src_genus                     ? 
_entity_src_gen.pdbx_gene_src_gene                 'Suds3, Sds3' 
_entity_src_gen.gene_src_species                   ? 
_entity_src_gen.gene_src_strain                    ? 
_entity_src_gen.gene_src_tissue                    ? 
_entity_src_gen.gene_src_tissue_fraction           ? 
_entity_src_gen.gene_src_details                   ? 
_entity_src_gen.pdbx_gene_src_fragment             ? 
_entity_src_gen.pdbx_gene_src_scientific_name      'Mus musculus' 
_entity_src_gen.pdbx_gene_src_ncbi_taxonomy_id     10090 
_entity_src_gen.pdbx_gene_src_variant              ? 
_entity_src_gen.pdbx_gene_src_cell_line            ? 
_entity_src_gen.pdbx_gene_src_atcc                 ? 
_entity_src_gen.pdbx_gene_src_organ                ? 
_entity_src_gen.pdbx_gene_src_organelle            ? 
_entity_src_gen.pdbx_gene_src_cell                 ? 
_entity_src_gen.pdbx_gene_src_cellular_location    ? 
_entity_src_gen.host_org_common_name               ? 
_entity_src_gen.pdbx_host_org_scientific_name      'Escherichia coli' 
_entity_src_gen.pdbx_host_org_ncbi_taxonomy_id     562 
_entity_src_gen.host_org_genus                     ? 
_entity_src_gen.pdbx_host_org_gene                 ? 
_entity_src_gen.pdbx_host_org_organ                ? 
_entity_src_gen.host_org_species                   ? 
_entity_src_gen.pdbx_host_org_tissue               ? 
_entity_src_gen.pdbx_host_org_tissue_fraction      ? 
_entity_src_gen.pdbx_host_org_strain               ? 
_entity_src_gen.pdbx_host_org_variant              ? 
_entity_src_gen.pdbx_host_org_cell_line            ? 
_entity_src_gen.pdbx_host_org_atcc                 ? 
_entity_src_gen.pdbx_host_org_culture_collection   ? 
_entity_src_gen.pdbx_host_org_cell                 ? 
_entity_src_gen.pdbx_host_org_organelle            ? 
_entity_src_gen.pdbx_host_org_cellular_location    ? 
_entity_src_gen.pdbx_host_org_vector_type          ? 
_entity_src_gen.pdbx_host_org_vector               ? 
_entity_src_gen.host_org_details                   ? 
_entity_src_gen.expression_system_id               ? 
_entity_src_gen.plasmid_name                       ? 
_entity_src_gen.plasmid_details                    ? 
_entity_src_gen.pdbx_description                   ? 
# 
loop_
_chem_comp.id 
_chem_comp.type 
_chem_comp.mon_nstd_flag 
_chem_comp.name 
_chem_comp.pdbx_synonyms 
_chem_comp.formula 
_chem_comp.formula_weight 
ALA 'L-peptide linking' y ALANINE         ? 'C3 H7 N O2'     89.093  
ARG 'L-peptide linking' y ARGININE        ? 'C6 H15 N4 O2 1' 175.209 
ASN 'L-peptide linking' y ASPARAGINE      ? 'C4 H8 N2 O3'    132.118 
ASP 'L-peptide linking' y 'ASPARTIC ACID' ? 'C4 H7 N O4'     133.103 
GLN 'L-peptide linking' y GLUTAMINE       ? 'C5 H10 N2 O3'   146.144 
GLU 'L-peptide linking' y 'GLUTAMIC ACID' ? 'C5 H9 N O4'     147.129 
GLY 'peptide linking'   y GLYCINE         ? 'C2 H5 N O2'     75.067  
HOH non-polymer         . WATER           ? 'H2 O'           18.015  
ILE 'L-peptide linking' y ISOLEUCINE      ? 'C6 H13 N O2'    131.173 
LEU 'L-peptide linking' y LEUCINE         ? 'C6 H13 N O2'    131.173 
LYS 'L-peptide linking' y LYSINE          ? 'C6 H15 N2 O2 1' 147.195 
MET 'L-peptide linking' y METHIONINE      ? 'C5 H11 N O2 S'  149.211 
PHE 'L-peptide linking' y PHENYLALANINE   ? 'C9 H11 N O2'    165.189 
SER 'L-peptide linking' y SERINE          ? 'C3 H7 N O3'     105.093 
THR 'L-peptide linking' y THREONINE       ? 'C4 H9 N O3'     119.119 
TYR 'L-peptide linking' y TYROSINE        ? 'C9 H11 N O3'    181.189 
VAL 'L-peptide linking' y VALINE          ? 'C5 H11 N O2'    117.146 
# 
loop_
_pdbx_poly_seq_scheme.asym_id 
_pdbx_poly_seq_scheme.entity_id 
_pdbx_poly_seq_scheme.seq_id 
_pdbx_poly_seq_scheme.mon_id 
_pdbx_poly_seq_scheme.ndb_seq_num 
_pdbx_poly_seq_scheme.pdb_seq_num 
_pdbx_poly_seq_scheme.auth_seq_num 
_pdbx_poly_seq_scheme.pdb_mon_id 
_pdbx_poly_seq_scheme.auth_mon_id 
_pdbx_poly_seq_scheme.pdb_strand_id 
_pdbx_poly_seq_scheme.pdb_ins_code 
_pdbx_poly_seq_scheme.hetero 
A 1 1  SER 1  2  2  SER SER A . n 
A 1 2  ASN 2  3  3  ASN ASN A . n 
A 1 3  ALA 3  4  4  ALA ALA A . n 
A 1 4  GLY 4  5  5  GLY GLY A . n 
A 1 5  THR 5  6  6  THR THR A . n 
A 1 6  LEU 6  7  7  LEU LEU A . n 
A 1 7  GLN 7  8  8  GLN GLN A . n 
A 1 8  GLU 8  9  9  GLU GLU A . n 
A 1 9  TYR 9  10 10 TYR TYR A . n 
A 1 10 GLN 10 11 11 GLN GLN A . n 
A 1 11 LYS 11 12 12 LYS LYS A . n 
A 1 12 ARG 12 13 13 ARG ARG A . n 
A 1 13 MET 13 14 14 MET MET A . n 
A 1 14 LYS 14 15 15 LYS LYS A . n 
A 1 15 LYS 15 16 16 LYS LYS A . n 
A 1 16 LEU 16 17 17 LEU LEU A . n 
A 1 17 ASP 17 18 18 ASP ASP A . n 
A 1 18 GLN 18 19 19 GLN GLN A . n 
A 1 19 GLN 19 20 20 GLN GLN A . n 
A 1 20 TYR 20 21 21 TYR TYR A . n 
A 1 21 ARG 21 22 22 ARG ARG A . n 
A 1 22 GLU 22 23 23 GLU GLU A . n 
A 1 23 ARG 23 24 24 ARG ARG A . n 
A 1 24 ILE 24 25 25 ILE ILE A . n 
A 1 25 ARG 25 26 26 ARG ARG A . n 
A 1 26 ASN 26 27 27 ASN ASN A . n 
A 1 27 ALA 27 28 28 ALA ALA A . n 
A 1 28 GLU 28 29 29 GLU GLU A . n 
A 1 29 LEU 29 30 30 LEU LEU A . n 
A 1 30 PHE 30 31 31 PHE PHE A . n 
A 1 31 LEU 31 32 32 LEU LEU A . n 
A 1 32 GLN 32 33 33 GLN GLN A . n 
A 1 33 LEU 33 34 34 LEU LEU A . n 
A 1 34 GLU 34 35 35 GLU GLU A . n 
A 1 35 THR 35 36 36 THR THR A . n 
A 1 36 GLU 36 37 37 GLU GLU A . n 
A 1 37 GLN 37 38 38 GLN GLN A . n 
A 1 38 VAL 38 39 39 VAL VAL A . n 
A 1 39 GLU 39 40 40 GLU GLU A . n 
A 1 40 ARG 40 41 41 ARG ARG A . n 
A 1 41 ASN 41 42 42 ASN ASN A . n 
A 1 42 TYR 42 43 43 TYR TYR A . n 
A 1 43 ILE 43 44 44 ILE ILE A . n 
A 1 44 LYS 44 45 45 LYS LYS A . n 
A 1 45 GLU 45 46 46 GLU GLU A . n 
A 1 46 LYS 46 47 47 LYS LYS A . n 
A 1 47 LYS 47 48 48 LYS LYS A . n 
A 1 48 ALA 48 49 49 ALA ALA A . n 
A 1 49 ALA 49 50 50 ALA ALA A . n 
A 1 50 VAL 50 51 51 VAL VAL A . n 
A 1 51 LYS 51 52 52 LYS LYS A . n 
A 1 52 GLU 52 53 53 GLU GLU A . n 
A 1 53 PHE 53 54 54 PHE PHE A . n 
A 1 54 GLU 54 55 55 GLU GLU A . n 
A 1 55 ASP 55 56 56 ASP ASP A . n 
A 1 56 LYS 56 57 57 LYS LYS A . n 
A 1 57 LYS 57 58 58 LYS LYS A . n 
A 1 58 VAL 58 59 59 VAL VAL A . n 
A 1 59 GLU 59 60 60 GLU GLU A . n 
A 1 60 LEU 60 61 61 LEU LEU A . n 
A 1 61 LYS 61 62 62 LYS LYS A . n 
A 1 62 GLU 62 63 63 GLU GLU A . n 
A 1 63 ASN 63 64 64 ASN ASN A . n 
A 1 64 LEU 64 65 65 LEU LEU A . n 
A 1 65 ILE 65 66 66 ILE ILE A . n 
A 1 66 ALA 66 67 67 ALA ALA A . n 
A 1 67 GLU 67 68 68 GLU GLU A . n 
A 1 68 LEU 68 69 69 LEU LEU A . n 
A 1 69 GLU 69 70 70 GLU GLU A . n 
A 1 70 GLU 70 71 71 GLU GLU A . n 
A 1 71 LYS 71 72 72 LYS LYS A . n 
A 1 72 LYS 72 73 73 LYS LYS A . n 
A 1 73 LYS 73 74 74 LYS LYS A . n 
A 1 74 MET 74 75 75 MET MET A . n 
A 1 75 ILE 75 76 76 ILE ILE A . n 
A 1 76 GLU 76 77 77 GLU GLU A . n 
A 1 77 ASN 77 78 78 ASN ASN A . n 
A 1 78 GLU 78 79 79 GLU GLU A . n 
A 1 79 LYS 79 80 80 LYS LYS A . n 
A 1 80 LEU 80 81 81 LEU LEU A . n 
A 1 81 THR 81 82 82 THR THR A . n 
A 1 82 MET 82 83 83 MET MET A . n 
A 1 83 GLU 83 84 84 GLU GLU A . n 
A 1 84 LEU 84 85 85 LEU LEU A . n 
A 1 85 THR 85 86 86 THR THR A . n 
A 1 86 GLY 86 87 87 GLY GLY A . n 
# 
loop_
_pdbx_nonpoly_scheme.asym_id 
_pdbx_nonpoly_scheme.entity_id 
_pdbx_nonpoly_scheme.mon_id 
_pdbx_nonpoly_scheme.ndb_seq_num 
_pdbx_nonpoly_scheme.pdb_seq_num 
_pdbx_nonpoly_scheme.auth_seq_num 
_pdbx_nonpoly_scheme.pdb_mon_id 
_pdbx_nonpoly_scheme.auth_mon_id 
_pdbx_nonpoly_scheme.pdb_strand_id 
_pdbx_nonpoly_scheme.pdb_ins_code 
B 2 HOH 1   101 49  HOH HOH A . 
B 2 HOH 2   102 89  HOH HOH A . 
B 2 HOH 3   103 112 HOH HOH A . 
B 2 HOH 4   104 62  HOH HOH A . 
B 2 HOH 5   105 66  HOH HOH A . 
B 2 HOH 6   106 40  HOH HOH A . 
B 2 HOH 7   107 8   HOH HOH A . 
B 2 HOH 8   108 38  HOH HOH A . 
B 2 HOH 9   109 94  HOH HOH A . 
B 2 HOH 10  110 68  HOH HOH A . 
B 2 HOH 11  111 46  HOH HOH A . 
B 2 HOH 12  112 14  HOH HOH A . 
B 2 HOH 13  113 64  HOH HOH A . 
B 2 HOH 14  114 88  HOH HOH A . 
B 2 HOH 15  115 98  HOH HOH A . 
B 2 HOH 16  116 15  HOH HOH A . 
B 2 HOH 17  117 101 HOH HOH A . 
B 2 HOH 18  118 78  HOH HOH A . 
B 2 HOH 19  119 17  HOH HOH A . 
B 2 HOH 20  120 75  HOH HOH A . 
B 2 HOH 21  121 26  HOH HOH A . 
B 2 HOH 22  122 86  HOH HOH A . 
B 2 HOH 23  123 63  HOH HOH A . 
B 2 HOH 24  124 11  HOH HOH A . 
B 2 HOH 25  125 74  HOH HOH A . 
B 2 HOH 26  126 25  HOH HOH A . 
B 2 HOH 27  127 36  HOH HOH A . 
B 2 HOH 28  128 110 HOH HOH A . 
B 2 HOH 29  129 114 HOH HOH A . 
B 2 HOH 30  130 90  HOH HOH A . 
B 2 HOH 31  131 4   HOH HOH A . 
B 2 HOH 32  132 45  HOH HOH A . 
B 2 HOH 33  133 42  HOH HOH A . 
B 2 HOH 34  134 2   HOH HOH A . 
B 2 HOH 35  135 6   HOH HOH A . 
B 2 HOH 36  136 118 HOH HOH A . 
B 2 HOH 37  137 97  HOH HOH A . 
B 2 HOH 38  138 41  HOH HOH A . 
B 2 HOH 39  139 107 HOH HOH A . 
B 2 HOH 40  140 31  HOH HOH A . 
B 2 HOH 41  141 59  HOH HOH A . 
B 2 HOH 42  142 56  HOH HOH A . 
B 2 HOH 43  143 92  HOH HOH A . 
B 2 HOH 44  144 9   HOH HOH A . 
B 2 HOH 45  145 7   HOH HOH A . 
B 2 HOH 46  146 83  HOH HOH A . 
B 2 HOH 47  147 5   HOH HOH A . 
B 2 HOH 48  148 1   HOH HOH A . 
B 2 HOH 49  149 13  HOH HOH A . 
B 2 HOH 50  150 115 HOH HOH A . 
B 2 HOH 51  151 12  HOH HOH A . 
B 2 HOH 52  152 51  HOH HOH A . 
B 2 HOH 53  153 10  HOH HOH A . 
B 2 HOH 54  154 34  HOH HOH A . 
B 2 HOH 55  155 3   HOH HOH A . 
B 2 HOH 56  156 65  HOH HOH A . 
B 2 HOH 57  157 28  HOH HOH A . 
B 2 HOH 58  158 108 HOH HOH A . 
B 2 HOH 59  159 79  HOH HOH A . 
B 2 HOH 60  160 77  HOH HOH A . 
B 2 HOH 61  161 16  HOH HOH A . 
B 2 HOH 62  162 43  HOH HOH A . 
B 2 HOH 63  163 116 HOH HOH A . 
B 2 HOH 64  164 22  HOH HOH A . 
B 2 HOH 65  165 85  HOH HOH A . 
B 2 HOH 66  166 104 HOH HOH A . 
B 2 HOH 67  167 102 HOH HOH A . 
B 2 HOH 68  168 119 HOH HOH A . 
B 2 HOH 69  169 50  HOH HOH A . 
B 2 HOH 70  170 81  HOH HOH A . 
B 2 HOH 71  171 111 HOH HOH A . 
B 2 HOH 72  172 37  HOH HOH A . 
B 2 HOH 73  173 67  HOH HOH A . 
B 2 HOH 74  174 20  HOH HOH A . 
B 2 HOH 75  175 52  HOH HOH A . 
B 2 HOH 76  176 32  HOH HOH A . 
B 2 HOH 77  177 80  HOH HOH A . 
B 2 HOH 78  178 53  HOH HOH A . 
B 2 HOH 79  179 61  HOH HOH A . 
B 2 HOH 80  180 33  HOH HOH A . 
B 2 HOH 81  181 106 HOH HOH A . 
B 2 HOH 82  182 105 HOH HOH A . 
B 2 HOH 83  183 84  HOH HOH A . 
B 2 HOH 84  184 96  HOH HOH A . 
B 2 HOH 85  185 30  HOH HOH A . 
B 2 HOH 86  186 54  HOH HOH A . 
B 2 HOH 87  187 91  HOH HOH A . 
B 2 HOH 88  188 109 HOH HOH A . 
B 2 HOH 89  189 71  HOH HOH A . 
B 2 HOH 90  190 44  HOH HOH A . 
B 2 HOH 91  191 24  HOH HOH A . 
B 2 HOH 92  192 19  HOH HOH A . 
B 2 HOH 93  193 82  HOH HOH A . 
B 2 HOH 94  194 47  HOH HOH A . 
B 2 HOH 95  195 99  HOH HOH A . 
B 2 HOH 96  196 60  HOH HOH A . 
B 2 HOH 97  197 29  HOH HOH A . 
B 2 HOH 98  198 69  HOH HOH A . 
B 2 HOH 99  199 100 HOH HOH A . 
B 2 HOH 100 200 23  HOH HOH A . 
B 2 HOH 101 201 72  HOH HOH A . 
B 2 HOH 102 202 76  HOH HOH A . 
B 2 HOH 103 203 35  HOH HOH A . 
B 2 HOH 104 204 113 HOH HOH A . 
B 2 HOH 105 205 39  HOH HOH A . 
B 2 HOH 106 206 57  HOH HOH A . 
B 2 HOH 107 207 70  HOH HOH A . 
B 2 HOH 108 208 93  HOH HOH A . 
B 2 HOH 109 209 117 HOH HOH A . 
B 2 HOH 110 210 55  HOH HOH A . 
B 2 HOH 111 211 27  HOH HOH A . 
B 2 HOH 112 212 103 HOH HOH A . 
B 2 HOH 113 213 58  HOH HOH A . 
B 2 HOH 114 214 21  HOH HOH A . 
B 2 HOH 115 215 73  HOH HOH A . 
B 2 HOH 116 216 120 HOH HOH A . 
B 2 HOH 117 217 48  HOH HOH A . 
B 2 HOH 118 218 87  HOH HOH A . 
B 2 HOH 119 219 18  HOH HOH A . 
B 2 HOH 120 220 95  HOH HOH A . 
# 
loop_
_software.citation_id 
_software.classification 
_software.compiler_name 
_software.compiler_version 
_software.contact_author 
_software.contact_author_email 
_software.date 
_software.description 
_software.dependencies 
_software.hardware 
_software.language 
_software.location 
_software.mods 
_software.name 
_software.os 
_software.os_version 
_software.type 
_software.version 
_software.pdbx_ordinal 
? refinement       ? ? ? ? ? ? ? ? ? ? ? REFMAC  ? ? ? 5.8.0073 1 
? 'data scaling'   ? ? ? ? ? ? ? ? ? ? ? Aimless ? ? ? .        2 
? 'data reduction' ? ? ? ? ? ? ? ? ? ? ? MOSFLM  ? ? ? .        3 
? phasing          ? ? ? ? ? ? ? ? ? ? ? SHARP   ? ? ? .        4 
# 
_cell.entry_id           4ZQA 
_cell.length_a           44.460 
_cell.length_b           49.390 
_cell.length_c           106.510 
_cell.angle_alpha        90.00 
_cell.angle_beta         90.00 
_cell.angle_gamma        90.00 
_cell.Z_PDB              8 
_cell.pdbx_unique_axis   ? 
# 
_symmetry.entry_id                         4ZQA 
_symmetry.space_group_name_H-M             'C 2 2 21' 
_symmetry.pdbx_full_space_group_name_H-M   ? 
_symmetry.cell_setting                     ? 
_symmetry.Int_Tables_number                20 
# 
_exptl.absorpt_coefficient_mu     ? 
_exptl.absorpt_correction_T_max   ? 
_exptl.absorpt_correction_T_min   ? 
_exptl.absorpt_correction_type    ? 
_exptl.absorpt_process_details    ? 
_exptl.entry_id                   4ZQA 
_exptl.crystals_number            1 
_exptl.details                    ? 
_exptl.method                     'X-RAY DIFFRACTION' 
_exptl.method_details             ? 
# 
_exptl_crystal.colour                      ? 
_exptl_crystal.density_diffrn              ? 
_exptl_crystal.density_Matthews            2.81 
_exptl_crystal.density_method              ? 
_exptl_crystal.density_percent_sol         56.26 
_exptl_crystal.description                 ? 
_exptl_crystal.F_000                       ? 
_exptl_crystal.id                          1 
_exptl_crystal.preparation                 ? 
_exptl_crystal.size_max                    ? 
_exptl_crystal.size_mid                    ? 
_exptl_crystal.size_min                    ? 
_exptl_crystal.size_rad                    ? 
_exptl_crystal.colour_lustre               ? 
_exptl_crystal.colour_modifier             ? 
_exptl_crystal.colour_primary              ? 
_exptl_crystal.density_meas                ? 
_exptl_crystal.density_meas_esd            ? 
_exptl_crystal.density_meas_gt             ? 
_exptl_crystal.density_meas_lt             ? 
_exptl_crystal.density_meas_temp           ? 
_exptl_crystal.density_meas_temp_esd       ? 
_exptl_crystal.density_meas_temp_gt        ? 
_exptl_crystal.density_meas_temp_lt        ? 
_exptl_crystal.pdbx_crystal_image_url      ? 
_exptl_crystal.pdbx_crystal_image_format   ? 
_exptl_crystal.pdbx_mosaicity              ? 
_exptl_crystal.pdbx_mosaicity_esd          ? 
# 
_exptl_crystal_grow.apparatus       ? 
_exptl_crystal_grow.atmosphere      ? 
_exptl_crystal_grow.crystal_id      1 
_exptl_crystal_grow.details         ? 
_exptl_crystal_grow.method          'VAPOR DIFFUSION, SITTING DROP' 
_exptl_crystal_grow.method_ref      ? 
_exptl_crystal_grow.pH              7.4 
_exptl_crystal_grow.pressure        ? 
_exptl_crystal_grow.pressure_esd    ? 
_exptl_crystal_grow.seeding         ? 
_exptl_crystal_grow.seeding_ref     ? 
_exptl_crystal_grow.temp            287 
_exptl_crystal_grow.temp_details    ? 
_exptl_crystal_grow.temp_esd        ? 
_exptl_crystal_grow.time            ? 
_exptl_crystal_grow.pdbx_details    '15% ethanol (v/v), 200 mM MgCl2, and 100 mM imidazole' 
_exptl_crystal_grow.pdbx_pH_range   7.2-7.8 
# 
_diffrn.ambient_environment    ? 
_diffrn.ambient_temp           100 
_diffrn.ambient_temp_details   ? 
_diffrn.ambient_temp_esd       ? 
_diffrn.crystal_id             1 
_diffrn.crystal_support        ? 
_diffrn.crystal_treatment      ? 
_diffrn.details                ? 
_diffrn.id                     1 
_diffrn.ambient_pressure       ? 
_diffrn.ambient_pressure_esd   ? 
_diffrn.ambient_pressure_gt    ? 
_diffrn.ambient_pressure_lt    ? 
_diffrn.ambient_temp_gt        ? 
_diffrn.ambient_temp_lt        ? 
# 
_diffrn_detector.details                      ? 
_diffrn_detector.detector                     CCD 
_diffrn_detector.diffrn_id                    1 
_diffrn_detector.type                         'MARMOSAIC 300 mm CCD' 
_diffrn_detector.area_resol_mean              ? 
_diffrn_detector.dtime                        ? 
_diffrn_detector.pdbx_frames_total            ? 
_diffrn_detector.pdbx_collection_time_total   ? 
_diffrn_detector.pdbx_collection_date         2014-06-09 
# 
_diffrn_radiation.collimation                      ? 
_diffrn_radiation.diffrn_id                        1 
_diffrn_radiation.filter_edge                      ? 
_diffrn_radiation.inhomogeneity                    ? 
_diffrn_radiation.monochromator                    ? 
_diffrn_radiation.polarisn_norm                    ? 
_diffrn_radiation.polarisn_ratio                   ? 
_diffrn_radiation.probe                            ? 
_diffrn_radiation.type                             ? 
_diffrn_radiation.xray_symbol                      ? 
_diffrn_radiation.wavelength_id                    1 
_diffrn_radiation.pdbx_monochromatic_or_laue_m_l   M 
_diffrn_radiation.pdbx_wavelength_list             ? 
_diffrn_radiation.pdbx_wavelength                  ? 
_diffrn_radiation.pdbx_diffrn_protocol             'SINGLE WAVELENGTH' 
_diffrn_radiation.pdbx_analyzer                    ? 
_diffrn_radiation.pdbx_scattering_type             x-ray 
# 
loop_
_diffrn_radiation_wavelength.id 
_diffrn_radiation_wavelength.wavelength 
_diffrn_radiation_wavelength.wt 
1 0.97856 1.0 
2 0.97872 1.0 
# 
_diffrn_source.current                     ? 
_diffrn_source.details                     ? 
_diffrn_source.diffrn_id                   1 
_diffrn_source.power                       ? 
_diffrn_source.size                        ? 
_diffrn_source.source                      SYNCHROTRON 
_diffrn_source.target                      ? 
_diffrn_source.type                        'APS BEAMLINE 21-ID-G' 
_diffrn_source.voltage                     ? 
_diffrn_source.take-off_angle              ? 
_diffrn_source.pdbx_wavelength_list        '0.97856, 0.97872' 
_diffrn_source.pdbx_wavelength             ? 
_diffrn_source.pdbx_synchrotron_beamline   21-ID-G 
_diffrn_source.pdbx_synchrotron_site       APS 
# 
_reflns.B_iso_Wilson_estimate            ? 
_reflns.entry_id                         4ZQA 
_reflns.data_reduction_details           ? 
_reflns.data_reduction_method            ? 
_reflns.d_resolution_high                1.65 
_reflns.d_resolution_low                 35.5 
_reflns.details                          ? 
_reflns.limit_h_max                      ? 
_reflns.limit_h_min                      ? 
_reflns.limit_k_max                      ? 
_reflns.limit_k_min                      ? 
_reflns.limit_l_max                      ? 
_reflns.limit_l_min                      ? 
_reflns.number_all                       ? 
_reflns.number_obs                       13534 
_reflns.observed_criterion               ? 
_reflns.observed_criterion_F_max         ? 
_reflns.observed_criterion_F_min         ? 
_reflns.observed_criterion_I_max         ? 
_reflns.observed_criterion_I_min         ? 
_reflns.observed_criterion_sigma_F       ? 
_reflns.observed_criterion_sigma_I       ? 
_reflns.percent_possible_obs             94.2 
_reflns.R_free_details                   ? 
_reflns.Rmerge_F_all                     ? 
_reflns.Rmerge_F_obs                     ? 
_reflns.Friedel_coverage                 ? 
_reflns.number_gt                        ? 
_reflns.threshold_expression             ? 
_reflns.pdbx_redundancy                  3.9 
_reflns.pdbx_Rmerge_I_obs                0.045 
_reflns.pdbx_Rmerge_I_all                ? 
_reflns.pdbx_Rsym_value                  ? 
_reflns.pdbx_netI_over_av_sigmaI         ? 
_reflns.pdbx_netI_over_sigmaI            11.3 
_reflns.pdbx_res_netI_over_av_sigmaI_2   ? 
_reflns.pdbx_res_netI_over_sigmaI_2      ? 
_reflns.pdbx_chi_squared                 ? 
_reflns.pdbx_scaling_rejects             ? 
_reflns.pdbx_d_res_high_opt              ? 
_reflns.pdbx_d_res_low_opt               ? 
_reflns.pdbx_d_res_opt_method            ? 
_reflns.phase_calculation_details        ? 
_reflns.pdbx_Rrim_I_all                  ? 
_reflns.pdbx_Rpim_I_all                  ? 
_reflns.pdbx_d_opt                       ? 
_reflns.pdbx_number_measured_all         ? 
_reflns.pdbx_diffrn_id                   1 
_reflns.pdbx_ordinal                     1 
_reflns.pdbx_CC_half                     ? 
_reflns.pdbx_R_split                     ? 
# 
_reflns_shell.Rmerge_F_all                ? 
_reflns_shell.Rmerge_F_gt                 ? 
_reflns_shell.Rmerge_F_obs                ? 
_reflns_shell.Rmerge_I_all                ? 
_reflns_shell.Rmerge_I_gt                 ? 
_reflns_shell.Rmerge_I_obs                0.246 
_reflns_shell.d_res_high                  1.65 
_reflns_shell.d_res_low                   1.68 
_reflns_shell.meanI_over_sigI_all         ? 
_reflns_shell.meanI_over_sigI_gt          ? 
_reflns_shell.meanI_over_sigI_obs         2.8 
_reflns_shell.meanI_over_uI_all           ? 
_reflns_shell.meanI_over_uI_gt            ? 
_reflns_shell.number_measured_all         ? 
_reflns_shell.number_measured_gt          ? 
_reflns_shell.number_measured_obs         ? 
_reflns_shell.number_possible             ? 
_reflns_shell.number_unique_all           667 
_reflns_shell.number_unique_gt            ? 
_reflns_shell.number_unique_obs           ? 
_reflns_shell.pdbx_CC_half                ? 
_reflns_shell.pdbx_R_split                ? 
_reflns_shell.pdbx_Rpim_I_all             ? 
_reflns_shell.pdbx_Rrim_I_all             ? 
_reflns_shell.pdbx_Rsym_value             ? 
_reflns_shell.pdbx_chi_squared            ? 
_reflns_shell.pdbx_diffrn_id              1 
_reflns_shell.pdbx_netI_over_sigmaI_all   ? 
_reflns_shell.pdbx_netI_over_sigmaI_obs   ? 
_reflns_shell.pdbx_ordinal                1 
_reflns_shell.pdbx_redundancy             3.8 
_reflns_shell.pdbx_rejects                ? 
_reflns_shell.percent_possible_all        96.5 
_reflns_shell.percent_possible_gt         ? 
_reflns_shell.percent_possible_obs        ? 
# 
_refine.pdbx_refine_id                           'X-RAY DIFFRACTION' 
_refine.entry_id                                 4ZQA 
_refine.pdbx_diffrn_id                           1 
_refine.pdbx_TLS_residual_ADP_flag               ? 
_refine.ls_number_reflns_obs                     12803 
_refine.ls_number_reflns_all                     ? 
_refine.pdbx_ls_sigma_I                          ? 
_refine.pdbx_ls_sigma_F                          ? 
_refine.pdbx_data_cutoff_high_absF               ? 
_refine.pdbx_data_cutoff_low_absF                ? 
_refine.pdbx_data_cutoff_high_rms_absF           ? 
_refine.ls_d_res_low                             33.00 
_refine.ls_d_res_high                            1.65 
_refine.ls_percent_reflns_obs                    93.07 
_refine.ls_R_factor_obs                          0.16257 
_refine.ls_R_factor_all                          ? 
_refine.ls_R_factor_R_work                       0.15998 
_refine.ls_R_factor_R_free                       0.20896 
_refine.ls_R_factor_R_free_error                 ? 
_refine.ls_R_factor_R_free_error_details         ? 
_refine.ls_percent_reflns_R_free                 5.1 
_refine.ls_number_reflns_R_free                  685 
_refine.ls_number_parameters                     ? 
_refine.ls_number_restraints                     ? 
_refine.occupancy_min                            ? 
_refine.occupancy_max                            ? 
_refine.correlation_coeff_Fo_to_Fc               0.972 
_refine.correlation_coeff_Fo_to_Fc_free          0.956 
_refine.B_iso_mean                               37.075 
_refine.aniso_B[1][1]                            1.22 
_refine.aniso_B[2][2]                            2.57 
_refine.aniso_B[3][3]                            -3.79 
_refine.aniso_B[1][2]                            0.00 
_refine.aniso_B[1][3]                            -0.00 
_refine.aniso_B[2][3]                            0.00 
_refine.solvent_model_details                    MASK 
_refine.solvent_model_param_ksol                 ? 
_refine.solvent_model_param_bsol                 ? 
_refine.pdbx_solvent_vdw_probe_radii             1.20 
_refine.pdbx_solvent_ion_probe_radii             0.80 
_refine.pdbx_solvent_shrinkage_radii             0.80 
_refine.pdbx_ls_cross_valid_method               THROUGHOUT 
_refine.details                                  'HYDROGENS HAVE BEEN ADDED IN THE RIDING POSITIONS' 
_refine.pdbx_starting_model                      ? 
_refine.pdbx_method_to_determine_struct          SIRAS 
_refine.pdbx_isotropic_thermal_model             ? 
_refine.pdbx_stereochemistry_target_values       'MAXIMUM LIKELIHOOD' 
_refine.pdbx_stereochem_target_val_spec_case     ? 
_refine.pdbx_R_Free_selection_details            RANDOM 
_refine.pdbx_overall_ESU_R                       0.114 
_refine.pdbx_overall_ESU_R_Free                  0.093 
_refine.overall_SU_ML                            0.076 
_refine.pdbx_overall_phase_error                 ? 
_refine.overall_SU_B                             5.328 
_refine.overall_SU_R_Cruickshank_DPI             ? 
_refine.pdbx_overall_SU_R_free_Cruickshank_DPI   ? 
_refine.pdbx_overall_SU_R_Blow_DPI               ? 
_refine.pdbx_overall_SU_R_free_Blow_DPI          ? 
# 
_refine_hist.pdbx_refine_id                   'X-RAY DIFFRACTION' 
_refine_hist.cycle_id                         LAST 
_refine_hist.pdbx_number_atoms_protein        726 
_refine_hist.pdbx_number_atoms_nucleic_acid   0 
_refine_hist.pdbx_number_atoms_ligand         0 
_refine_hist.number_atoms_solvent             120 
_refine_hist.number_atoms_total               846 
_refine_hist.d_res_high                       1.65 
_refine_hist.d_res_low                        33.00 
# 
loop_
_refine_ls_restr.type 
_refine_ls_restr.dev_ideal 
_refine_ls_restr.dev_ideal_target 
_refine_ls_restr.weight 
_refine_ls_restr.number 
_refine_ls_restr.pdbx_refine_id 
_refine_ls_restr.pdbx_restraint_function 
r_bond_refined_d             0.013  0.019  ? 753  'X-RAY DIFFRACTION' ? 
r_bond_other_d               0.001  0.020  ? 775  'X-RAY DIFFRACTION' ? 
r_angle_refined_deg          1.307  2.001  ? 1001 'X-RAY DIFFRACTION' ? 
r_angle_other_deg            0.781  3.000  ? 1799 'X-RAY DIFFRACTION' ? 
r_dihedral_angle_1_deg       4.509  5.000  ? 91   'X-RAY DIFFRACTION' ? 
r_dihedral_angle_2_deg       35.661 25.952 ? 42   'X-RAY DIFFRACTION' ? 
r_dihedral_angle_3_deg       13.954 15.000 ? 183  'X-RAY DIFFRACTION' ? 
r_dihedral_angle_4_deg       15.809 15.000 ? 6    'X-RAY DIFFRACTION' ? 
r_chiral_restr               0.063  0.200  ? 108  'X-RAY DIFFRACTION' ? 
r_gen_planes_refined         0.005  0.020  ? 830  'X-RAY DIFFRACTION' ? 
r_gen_planes_other           0.001  0.020  ? 156  'X-RAY DIFFRACTION' ? 
r_nbd_refined                ?      ?      ? ?    'X-RAY DIFFRACTION' ? 
r_nbd_other                  ?      ?      ? ?    'X-RAY DIFFRACTION' ? 
r_nbtor_refined              ?      ?      ? ?    'X-RAY DIFFRACTION' ? 
r_nbtor_other                ?      ?      ? ?    'X-RAY DIFFRACTION' ? 
r_xyhbond_nbd_refined        ?      ?      ? ?    'X-RAY DIFFRACTION' ? 
r_xyhbond_nbd_other          ?      ?      ? ?    'X-RAY DIFFRACTION' ? 
r_metal_ion_refined          ?      ?      ? ?    'X-RAY DIFFRACTION' ? 
r_metal_ion_other            ?      ?      ? ?    'X-RAY DIFFRACTION' ? 
r_symmetry_vdw_refined       ?      ?      ? ?    'X-RAY DIFFRACTION' ? 
r_symmetry_vdw_other         ?      ?      ? ?    'X-RAY DIFFRACTION' ? 
r_symmetry_hbond_refined     ?      ?      ? ?    'X-RAY DIFFRACTION' ? 
r_symmetry_hbond_other       ?      ?      ? ?    'X-RAY DIFFRACTION' ? 
r_symmetry_metal_ion_refined ?      ?      ? ?    'X-RAY DIFFRACTION' ? 
r_symmetry_metal_ion_other   ?      ?      ? ?    'X-RAY DIFFRACTION' ? 
r_mcbond_it                  2.422  1.705  ? 349  'X-RAY DIFFRACTION' ? 
r_mcbond_other               2.280  1.692  ? 348  'X-RAY DIFFRACTION' ? 
r_mcangle_it                 3.199  2.551  ? 436  'X-RAY DIFFRACTION' ? 
r_mcangle_other              3.211  2.554  ? 437  'X-RAY DIFFRACTION' ? 
r_scbond_it                  4.801  2.351  ? 404  'X-RAY DIFFRACTION' ? 
r_scbond_other               4.797  2.353  ? 405  'X-RAY DIFFRACTION' ? 
r_scangle_it                 ?      ?      ? ?    'X-RAY DIFFRACTION' ? 
r_scangle_other              5.713  3.261  ? 563  'X-RAY DIFFRACTION' ? 
r_long_range_B_refined       5.981  16.641 ? 977  'X-RAY DIFFRACTION' ? 
r_long_range_B_other         5.418  14.639 ? 910  'X-RAY DIFFRACTION' ? 
r_rigid_bond_restr           2.956  3.000  ? 1528 'X-RAY DIFFRACTION' ? 
r_sphericity_free            39.751 5.000  ? 33   'X-RAY DIFFRACTION' ? 
r_sphericity_bonded          15.064 5.000  ? 1608 'X-RAY DIFFRACTION' ? 
# 
_refine_ls_shell.pdbx_refine_id                   'X-RAY DIFFRACTION' 
_refine_ls_shell.pdbx_total_number_of_bins_used   20 
_refine_ls_shell.d_res_high                       1.650 
_refine_ls_shell.d_res_low                        1.693 
_refine_ls_shell.number_reflns_R_work             950 
_refine_ls_shell.R_factor_R_work                  0.238 
_refine_ls_shell.percent_reflns_obs               95.49 
_refine_ls_shell.R_factor_R_free                  0.293 
_refine_ls_shell.R_factor_R_free_error            ? 
_refine_ls_shell.percent_reflns_R_free            ? 
_refine_ls_shell.number_reflns_R_free             46 
_refine_ls_shell.number_reflns_all                ? 
_refine_ls_shell.R_factor_all                     ? 
_refine_ls_shell.R_factor_obs                     ? 
_refine_ls_shell.number_reflns_obs                ? 
# 
_struct.entry_id                     4ZQA 
_struct.title                        'Crystal Structure of the Sds3 Dimerization Domain' 
_struct.pdbx_model_details           ? 
_struct.pdbx_formula_weight          ? 
_struct.pdbx_formula_weight_method   ? 
_struct.pdbx_model_type_details      ? 
_struct.pdbx_CASP_flag               ? 
# 
_struct_keywords.entry_id        4ZQA 
_struct_keywords.text            
'transcription repression, histone deacetylase complex, coiled-coil, corepressor complex, TRANSCRIPTION REPRESSOR' 
_struct_keywords.pdbx_keywords   'TRANSCRIPTION REPRESSOR' 
# 
loop_
_struct_asym.id 
_struct_asym.pdbx_blank_PDB_chainid_flag 
_struct_asym.pdbx_modified 
_struct_asym.entity_id 
_struct_asym.details 
A N N 1 ? 
B N N 2 ? 
# 
_struct_ref.db_code                    SDS3_MOUSE 
_struct_ref.db_name                    UNP 
_struct_ref.details                    ? 
_struct_ref.entity_id                  1 
_struct_ref.id                         1 
_struct_ref.seq_align                  ? 
_struct_ref.seq_dif                    ? 
_struct_ref.pdbx_db_accession          Q8BR65 
_struct_ref.pdbx_db_isoform            ? 
_struct_ref.pdbx_seq_one_letter_code   
;GTLQEYQKRMKKLDQQYRERIRNAELFLQLETEQVERNYIKEKKAAVKEFEDKKVELKENLIAELEEKKKMIENEKLTME
LTG
;
_struct_ref.pdbx_align_begin           90 
_struct_ref.pdbx_align_end             ? 
# 
_struct_ref_seq.align_id                      1 
_struct_ref_seq.ref_id                        1 
_struct_ref_seq.pdbx_PDB_id_code              4ZQA 
_struct_ref_seq.pdbx_strand_id                A 
_struct_ref_seq.seq_align_beg                 4 
_struct_ref_seq.pdbx_seq_align_beg_ins_code   ? 
_struct_ref_seq.seq_align_end                 86 
_struct_ref_seq.pdbx_seq_align_end_ins_code   ? 
_struct_ref_seq.pdbx_db_accession             Q8BR65 
_struct_ref_seq.db_align_beg                  90 
_struct_ref_seq.pdbx_db_align_beg_ins_code    ? 
_struct_ref_seq.db_align_end                  172 
_struct_ref_seq.pdbx_db_align_end_ins_code    ? 
_struct_ref_seq.pdbx_auth_seq_align_beg       5 
_struct_ref_seq.pdbx_auth_seq_align_end       87 
# 
loop_
_struct_ref_seq_dif.align_id 
_struct_ref_seq_dif.pdbx_pdb_id_code 
_struct_ref_seq_dif.mon_id 
_struct_ref_seq_dif.pdbx_pdb_strand_id 
_struct_ref_seq_dif.seq_num 
_struct_ref_seq_dif.pdbx_pdb_ins_code 
_struct_ref_seq_dif.pdbx_seq_db_name 
_struct_ref_seq_dif.pdbx_seq_db_accession_code 
_struct_ref_seq_dif.db_mon_id 
_struct_ref_seq_dif.pdbx_seq_db_seq_num 
_struct_ref_seq_dif.details 
_struct_ref_seq_dif.pdbx_auth_seq_num 
_struct_ref_seq_dif.pdbx_ordinal 
1 4ZQA SER A 1 ? UNP Q8BR65 ? ? 'expression tag' 2 1 
1 4ZQA ASN A 2 ? UNP Q8BR65 ? ? 'expression tag' 3 2 
1 4ZQA ALA A 3 ? UNP Q8BR65 ? ? 'expression tag' 4 3 
# 
_pdbx_struct_assembly.id                   1 
_pdbx_struct_assembly.details              author_and_software_defined_assembly 
_pdbx_struct_assembly.method_details       PISA 
_pdbx_struct_assembly.oligomeric_details   dimeric 
_pdbx_struct_assembly.oligomeric_count     2 
# 
loop_
_pdbx_struct_assembly_prop.biol_id 
_pdbx_struct_assembly_prop.type 
_pdbx_struct_assembly_prop.value 
_pdbx_struct_assembly_prop.details 
1 'ABSA (A^2)' 3590  ? 
1 MORE         -30   ? 
1 'SSA (A^2)'  13930 ? 
# 
_pdbx_struct_assembly_gen.assembly_id       1 
_pdbx_struct_assembly_gen.oper_expression   1,2 
_pdbx_struct_assembly_gen.asym_id_list      A,B 
# 
loop_
_pdbx_struct_oper_list.id 
_pdbx_struct_oper_list.type 
_pdbx_struct_oper_list.name 
_pdbx_struct_oper_list.symmetry_operation 
_pdbx_struct_oper_list.matrix[1][1] 
_pdbx_struct_oper_list.matrix[1][2] 
_pdbx_struct_oper_list.matrix[1][3] 
_pdbx_struct_oper_list.vector[1] 
_pdbx_struct_oper_list.matrix[2][1] 
_pdbx_struct_oper_list.matrix[2][2] 
_pdbx_struct_oper_list.matrix[2][3] 
_pdbx_struct_oper_list.vector[2] 
_pdbx_struct_oper_list.matrix[3][1] 
_pdbx_struct_oper_list.matrix[3][2] 
_pdbx_struct_oper_list.matrix[3][3] 
_pdbx_struct_oper_list.vector[3] 
1 'identity operation'         1_555 x,y,z       1.0000000000 0.0000000000 0.0000000000  0.0000000000  0.0000000000 1.0000000000  0.0000000000  0.0000000000  0.0000000000  0.0000000000  1.0000000000  0.0000000000  
2 'crystal symmetry operation' 3_554 -x,y,-z-1/2 0.1816060312 0.1110852661 -0.9770769228 13.3014142198 0.1110852661 -0.9895566407 -0.0918570548 -3.9954810017 -0.9770769228 -0.0918570548 -0.1920493905 15.6315146114 
# 
_struct_conf.conf_type_id            HELX_P 
_struct_conf.id                      HELX_P1 
_struct_conf.pdbx_PDB_helix_id       AA1 
_struct_conf.beg_label_comp_id       ASN 
_struct_conf.beg_label_asym_id       A 
_struct_conf.beg_label_seq_id        2 
_struct_conf.pdbx_beg_PDB_ins_code   ? 
_struct_conf.end_label_comp_id       THR 
_struct_conf.end_label_asym_id       A 
_struct_conf.end_label_seq_id        85 
_struct_conf.pdbx_end_PDB_ins_code   ? 
_struct_conf.beg_auth_comp_id        ASN 
_struct_conf.beg_auth_asym_id        A 
_struct_conf.beg_auth_seq_id         3 
_struct_conf.end_auth_comp_id        THR 
_struct_conf.end_auth_asym_id        A 
_struct_conf.end_auth_seq_id         86 
_struct_conf.pdbx_PDB_helix_class    1 
_struct_conf.details                 ? 
_struct_conf.pdbx_PDB_helix_length   84 
# 
_struct_conf_type.id          HELX_P 
_struct_conf_type.criteria    ? 
_struct_conf_type.reference   ? 
# 
_pdbx_validate_close_contact.id               1 
_pdbx_validate_close_contact.PDB_model_num    1 
_pdbx_validate_close_contact.auth_atom_id_1   NH1 
_pdbx_validate_close_contact.auth_asym_id_1   A 
_pdbx_validate_close_contact.auth_comp_id_1   ARG 
_pdbx_validate_close_contact.auth_seq_id_1    22 
_pdbx_validate_close_contact.PDB_ins_code_1   ? 
_pdbx_validate_close_contact.label_alt_id_1   A 
_pdbx_validate_close_contact.auth_atom_id_2   O 
_pdbx_validate_close_contact.auth_asym_id_2   A 
_pdbx_validate_close_contact.auth_comp_id_2   HOH 
_pdbx_validate_close_contact.auth_seq_id_2    101 
_pdbx_validate_close_contact.PDB_ins_code_2   ? 
_pdbx_validate_close_contact.label_alt_id_2   ? 
_pdbx_validate_close_contact.dist             2.18 
# 
loop_
_pdbx_validate_symm_contact.id 
_pdbx_validate_symm_contact.PDB_model_num 
_pdbx_validate_symm_contact.auth_atom_id_1 
_pdbx_validate_symm_contact.auth_asym_id_1 
_pdbx_validate_symm_contact.auth_comp_id_1 
_pdbx_validate_symm_contact.auth_seq_id_1 
_pdbx_validate_symm_contact.PDB_ins_code_1 
_pdbx_validate_symm_contact.label_alt_id_1 
_pdbx_validate_symm_contact.site_symmetry_1 
_pdbx_validate_symm_contact.auth_atom_id_2 
_pdbx_validate_symm_contact.auth_asym_id_2 
_pdbx_validate_symm_contact.auth_comp_id_2 
_pdbx_validate_symm_contact.auth_seq_id_2 
_pdbx_validate_symm_contact.PDB_ins_code_2 
_pdbx_validate_symm_contact.label_alt_id_2 
_pdbx_validate_symm_contact.site_symmetry_2 
_pdbx_validate_symm_contact.dist 
1 1 O A HOH 136 ? ? 1_555 O A HOH 209 ? ? 3_554 1.24 
2 1 O A HOH 119 ? ? 1_555 O A HOH 207 ? ? 3_554 2.10 
# 
loop_
_pdbx_refine_tls.pdbx_refine_id 
_pdbx_refine_tls.id 
_pdbx_refine_tls.details 
_pdbx_refine_tls.method 
_pdbx_refine_tls.origin_x 
_pdbx_refine_tls.origin_y 
_pdbx_refine_tls.origin_z 
_pdbx_refine_tls.T[1][1] 
_pdbx_refine_tls.T[2][2] 
_pdbx_refine_tls.T[3][3] 
_pdbx_refine_tls.T[1][2] 
_pdbx_refine_tls.T[1][3] 
_pdbx_refine_tls.T[2][3] 
_pdbx_refine_tls.L[1][1] 
_pdbx_refine_tls.L[2][2] 
_pdbx_refine_tls.L[3][3] 
_pdbx_refine_tls.L[1][2] 
_pdbx_refine_tls.L[1][3] 
_pdbx_refine_tls.L[2][3] 
_pdbx_refine_tls.S[1][1] 
_pdbx_refine_tls.S[1][2] 
_pdbx_refine_tls.S[1][3] 
_pdbx_refine_tls.S[2][1] 
_pdbx_refine_tls.S[2][2] 
_pdbx_refine_tls.S[2][3] 
_pdbx_refine_tls.S[3][1] 
_pdbx_refine_tls.S[3][2] 
_pdbx_refine_tls.S[3][3] 
'X-RAY DIFFRACTION' 1 ? refined 33.5502  -28.7735 34.3704  0.1886 0.1057 0.1694 0.0006  0.0040  -0.0166 25.3784 20.0109 21.5194 -5.7966  13.0352 -6.3991 0.2911 -0.0867 -0.8682 0.0805  0.1276  0.0555  0.7206  0.3200  -0.4187 
'X-RAY DIFFRACTION' 2 ? refined 22.0370  -16.0183 16.6152  0.1078 0.0947 0.1182 -0.0247 -0.0131 -0.0278 4.3615  2.1528  7.9627  -2.4021  5.3629  -3.0951 0.1553 0.0739  -0.0761 -0.0437 -0.0508 -0.0299 0.2267  0.2034  -0.1045 
'X-RAY DIFFRACTION' 3 ? refined -5.8362  4.2520   -9.2775  0.1193 0.1008 0.1109 -0.0216 0.0031  -0.0181 7.2952  3.5772  5.4006  -4.7481  6.0311  -3.9317 0.0523 -0.0569 -0.2954 0.0279  0.0838  0.1586  0.0480  -0.0212 -0.1362 
'X-RAY DIFFRACTION' 4 ? refined -34.1195 26.5739  -22.4739 0.1642 0.1958 0.1701 0.0085  0.0200  0.0084  19.6419 15.6749 0.0147  -17.4576 -0.0621 0.0988  0.2319 0.2123  0.1933  -0.2349 -0.1967 -0.2895 -0.0147 0.0181  -0.0352  
# 
loop_
_pdbx_refine_tls_group.pdbx_refine_id 
_pdbx_refine_tls_group.id 
_pdbx_refine_tls_group.refine_tls_id 
_pdbx_refine_tls_group.beg_auth_asym_id 
_pdbx_refine_tls_group.beg_auth_seq_id 
_pdbx_refine_tls_group.beg_label_asym_id 
_pdbx_refine_tls_group.beg_label_seq_id 
_pdbx_refine_tls_group.end_auth_asym_id 
_pdbx_refine_tls_group.end_auth_seq_id 
_pdbx_refine_tls_group.end_label_asym_id 
_pdbx_refine_tls_group.end_label_seq_id 
_pdbx_refine_tls_group.selection 
_pdbx_refine_tls_group.selection_details 
'X-RAY DIFFRACTION' 1 1 A 2  ? ? A 9  ? ? ? ? 
'X-RAY DIFFRACTION' 2 2 A 10 ? ? A 36 ? ? ? ? 
'X-RAY DIFFRACTION' 3 3 A 37 ? ? A 67 ? ? ? ? 
'X-RAY DIFFRACTION' 4 4 A 68 ? ? A 87 ? ? ? ? 
# 
loop_
_chem_comp_atom.comp_id 
_chem_comp_atom.atom_id 
_chem_comp_atom.type_symbol 
_chem_comp_atom.pdbx_aromatic_flag 
_chem_comp_atom.pdbx_stereo_config 
_chem_comp_atom.pdbx_ordinal 
ALA N    N N N 1   
ALA CA   C N S 2   
ALA C    C N N 3   
ALA O    O N N 4   
ALA CB   C N N 5   
ALA OXT  O N N 6   
ALA H    H N N 7   
ALA H2   H N N 8   
ALA HA   H N N 9   
ALA HB1  H N N 10  
ALA HB2  H N N 11  
ALA HB3  H N N 12  
ALA HXT  H N N 13  
ARG N    N N N 14  
ARG CA   C N S 15  
ARG C    C N N 16  
ARG O    O N N 17  
ARG CB   C N N 18  
ARG CG   C N N 19  
ARG CD   C N N 20  
ARG NE   N N N 21  
ARG CZ   C N N 22  
ARG NH1  N N N 23  
ARG NH2  N N N 24  
ARG OXT  O N N 25  
ARG H    H N N 26  
ARG H2   H N N 27  
ARG HA   H N N 28  
ARG HB2  H N N 29  
ARG HB3  H N N 30  
ARG HG2  H N N 31  
ARG HG3  H N N 32  
ARG HD2  H N N 33  
ARG HD3  H N N 34  
ARG HE   H N N 35  
ARG HH11 H N N 36  
ARG HH12 H N N 37  
ARG HH21 H N N 38  
ARG HH22 H N N 39  
ARG HXT  H N N 40  
ASN N    N N N 41  
ASN CA   C N S 42  
ASN C    C N N 43  
ASN O    O N N 44  
ASN CB   C N N 45  
ASN CG   C N N 46  
ASN OD1  O N N 47  
ASN ND2  N N N 48  
ASN OXT  O N N 49  
ASN H    H N N 50  
ASN H2   H N N 51  
ASN HA   H N N 52  
ASN HB2  H N N 53  
ASN HB3  H N N 54  
ASN HD21 H N N 55  
ASN HD22 H N N 56  
ASN HXT  H N N 57  
ASP N    N N N 58  
ASP CA   C N S 59  
ASP C    C N N 60  
ASP O    O N N 61  
ASP CB   C N N 62  
ASP CG   C N N 63  
ASP OD1  O N N 64  
ASP OD2  O N N 65  
ASP OXT  O N N 66  
ASP H    H N N 67  
ASP H2   H N N 68  
ASP HA   H N N 69  
ASP HB2  H N N 70  
ASP HB3  H N N 71  
ASP HD2  H N N 72  
ASP HXT  H N N 73  
GLN N    N N N 74  
GLN CA   C N S 75  
GLN C    C N N 76  
GLN O    O N N 77  
GLN CB   C N N 78  
GLN CG   C N N 79  
GLN CD   C N N 80  
GLN OE1  O N N 81  
GLN NE2  N N N 82  
GLN OXT  O N N 83  
GLN H    H N N 84  
GLN H2   H N N 85  
GLN HA   H N N 86  
GLN HB2  H N N 87  
GLN HB3  H N N 88  
GLN HG2  H N N 89  
GLN HG3  H N N 90  
GLN HE21 H N N 91  
GLN HE22 H N N 92  
GLN HXT  H N N 93  
GLU N    N N N 94  
GLU CA   C N S 95  
GLU C    C N N 96  
GLU O    O N N 97  
GLU CB   C N N 98  
GLU CG   C N N 99  
GLU CD   C N N 100 
GLU OE1  O N N 101 
GLU OE2  O N N 102 
GLU OXT  O N N 103 
GLU H    H N N 104 
GLU H2   H N N 105 
GLU HA   H N N 106 
GLU HB2  H N N 107 
GLU HB3  H N N 108 
GLU HG2  H N N 109 
GLU HG3  H N N 110 
GLU HE2  H N N 111 
GLU HXT  H N N 112 
GLY N    N N N 113 
GLY CA   C N N 114 
GLY C    C N N 115 
GLY O    O N N 116 
GLY OXT  O N N 117 
GLY H    H N N 118 
GLY H2   H N N 119 
GLY HA2  H N N 120 
GLY HA3  H N N 121 
GLY HXT  H N N 122 
HOH O    O N N 123 
HOH H1   H N N 124 
HOH H2   H N N 125 
ILE N    N N N 126 
ILE CA   C N S 127 
ILE C    C N N 128 
ILE O    O N N 129 
ILE CB   C N S 130 
ILE CG1  C N N 131 
ILE CG2  C N N 132 
ILE CD1  C N N 133 
ILE OXT  O N N 134 
ILE H    H N N 135 
ILE H2   H N N 136 
ILE HA   H N N 137 
ILE HB   H N N 138 
ILE HG12 H N N 139 
ILE HG13 H N N 140 
ILE HG21 H N N 141 
ILE HG22 H N N 142 
ILE HG23 H N N 143 
ILE HD11 H N N 144 
ILE HD12 H N N 145 
ILE HD13 H N N 146 
ILE HXT  H N N 147 
LEU N    N N N 148 
LEU CA   C N S 149 
LEU C    C N N 150 
LEU O    O N N 151 
LEU CB   C N N 152 
LEU CG   C N N 153 
LEU CD1  C N N 154 
LEU CD2  C N N 155 
LEU OXT  O N N 156 
LEU H    H N N 157 
LEU H2   H N N 158 
LEU HA   H N N 159 
LEU HB2  H N N 160 
LEU HB3  H N N 161 
LEU HG   H N N 162 
LEU HD11 H N N 163 
LEU HD12 H N N 164 
LEU HD13 H N N 165 
LEU HD21 H N N 166 
LEU HD22 H N N 167 
LEU HD23 H N N 168 
LEU HXT  H N N 169 
LYS N    N N N 170 
LYS CA   C N S 171 
LYS C    C N N 172 
LYS O    O N N 173 
LYS CB   C N N 174 
LYS CG   C N N 175 
LYS CD   C N N 176 
LYS CE   C N N 177 
LYS NZ   N N N 178 
LYS OXT  O N N 179 
LYS H    H N N 180 
LYS H2   H N N 181 
LYS HA   H N N 182 
LYS HB2  H N N 183 
LYS HB3  H N N 184 
LYS HG2  H N N 185 
LYS HG3  H N N 186 
LYS HD2  H N N 187 
LYS HD3  H N N 188 
LYS HE2  H N N 189 
LYS HE3  H N N 190 
LYS HZ1  H N N 191 
LYS HZ2  H N N 192 
LYS HZ3  H N N 193 
LYS HXT  H N N 194 
MET N    N N N 195 
MET CA   C N S 196 
MET C    C N N 197 
MET O    O N N 198 
MET CB   C N N 199 
MET CG   C N N 200 
MET SD   S N N 201 
MET CE   C N N 202 
MET OXT  O N N 203 
MET H    H N N 204 
MET H2   H N N 205 
MET HA   H N N 206 
MET HB2  H N N 207 
MET HB3  H N N 208 
MET HG2  H N N 209 
MET HG3  H N N 210 
MET HE1  H N N 211 
MET HE2  H N N 212 
MET HE3  H N N 213 
MET HXT  H N N 214 
PHE N    N N N 215 
PHE CA   C N S 216 
PHE C    C N N 217 
PHE O    O N N 218 
PHE CB   C N N 219 
PHE CG   C Y N 220 
PHE CD1  C Y N 221 
PHE CD2  C Y N 222 
PHE CE1  C Y N 223 
PHE CE2  C Y N 224 
PHE CZ   C Y N 225 
PHE OXT  O N N 226 
PHE H    H N N 227 
PHE H2   H N N 228 
PHE HA   H N N 229 
PHE HB2  H N N 230 
PHE HB3  H N N 231 
PHE HD1  H N N 232 
PHE HD2  H N N 233 
PHE HE1  H N N 234 
PHE HE2  H N N 235 
PHE HZ   H N N 236 
PHE HXT  H N N 237 
SER N    N N N 238 
SER CA   C N S 239 
SER C    C N N 240 
SER O    O N N 241 
SER CB   C N N 242 
SER OG   O N N 243 
SER OXT  O N N 244 
SER H    H N N 245 
SER H2   H N N 246 
SER HA   H N N 247 
SER HB2  H N N 248 
SER HB3  H N N 249 
SER HG   H N N 250 
SER HXT  H N N 251 
THR N    N N N 252 
THR CA   C N S 253 
THR C    C N N 254 
THR O    O N N 255 
THR CB   C N R 256 
THR OG1  O N N 257 
THR CG2  C N N 258 
THR OXT  O N N 259 
THR H    H N N 260 
THR H2   H N N 261 
THR HA   H N N 262 
THR HB   H N N 263 
THR HG1  H N N 264 
THR HG21 H N N 265 
THR HG22 H N N 266 
THR HG23 H N N 267 
THR HXT  H N N 268 
TYR N    N N N 269 
TYR CA   C N S 270 
TYR C    C N N 271 
TYR O    O N N 272 
TYR CB   C N N 273 
TYR CG   C Y N 274 
TYR CD1  C Y N 275 
TYR CD2  C Y N 276 
TYR CE1  C Y N 277 
TYR CE2  C Y N 278 
TYR CZ   C Y N 279 
TYR OH   O N N 280 
TYR OXT  O N N 281 
TYR H    H N N 282 
TYR H2   H N N 283 
TYR HA   H N N 284 
TYR HB2  H N N 285 
TYR HB3  H N N 286 
TYR HD1  H N N 287 
TYR HD2  H N N 288 
TYR HE1  H N N 289 
TYR HE2  H N N 290 
TYR HH   H N N 291 
TYR HXT  H N N 292 
VAL N    N N N 293 
VAL CA   C N S 294 
VAL C    C N N 295 
VAL O    O N N 296 
VAL CB   C N N 297 
VAL CG1  C N N 298 
VAL CG2  C N N 299 
VAL OXT  O N N 300 
VAL H    H N N 301 
VAL H2   H N N 302 
VAL HA   H N N 303 
VAL HB   H N N 304 
VAL HG11 H N N 305 
VAL HG12 H N N 306 
VAL HG13 H N N 307 
VAL HG21 H N N 308 
VAL HG22 H N N 309 
VAL HG23 H N N 310 
VAL HXT  H N N 311 
# 
loop_
_chem_comp_bond.comp_id 
_chem_comp_bond.atom_id_1 
_chem_comp_bond.atom_id_2 
_chem_comp_bond.value_order 
_chem_comp_bond.pdbx_aromatic_flag 
_chem_comp_bond.pdbx_stereo_config 
_chem_comp_bond.pdbx_ordinal 
ALA N   CA   sing N N 1   
ALA N   H    sing N N 2   
ALA N   H2   sing N N 3   
ALA CA  C    sing N N 4   
ALA CA  CB   sing N N 5   
ALA CA  HA   sing N N 6   
ALA C   O    doub N N 7   
ALA C   OXT  sing N N 8   
ALA CB  HB1  sing N N 9   
ALA CB  HB2  sing N N 10  
ALA CB  HB3  sing N N 11  
ALA OXT HXT  sing N N 12  
ARG N   CA   sing N N 13  
ARG N   H    sing N N 14  
ARG N   H2   sing N N 15  
ARG CA  C    sing N N 16  
ARG CA  CB   sing N N 17  
ARG CA  HA   sing N N 18  
ARG C   O    doub N N 19  
ARG C   OXT  sing N N 20  
ARG CB  CG   sing N N 21  
ARG CB  HB2  sing N N 22  
ARG CB  HB3  sing N N 23  
ARG CG  CD   sing N N 24  
ARG CG  HG2  sing N N 25  
ARG CG  HG3  sing N N 26  
ARG CD  NE   sing N N 27  
ARG CD  HD2  sing N N 28  
ARG CD  HD3  sing N N 29  
ARG NE  CZ   sing N N 30  
ARG NE  HE   sing N N 31  
ARG CZ  NH1  sing N N 32  
ARG CZ  NH2  doub N N 33  
ARG NH1 HH11 sing N N 34  
ARG NH1 HH12 sing N N 35  
ARG NH2 HH21 sing N N 36  
ARG NH2 HH22 sing N N 37  
ARG OXT HXT  sing N N 38  
ASN N   CA   sing N N 39  
ASN N   H    sing N N 40  
ASN N   H2   sing N N 41  
ASN CA  C    sing N N 42  
ASN CA  CB   sing N N 43  
ASN CA  HA   sing N N 44  
ASN C   O    doub N N 45  
ASN C   OXT  sing N N 46  
ASN CB  CG   sing N N 47  
ASN CB  HB2  sing N N 48  
ASN CB  HB3  sing N N 49  
ASN CG  OD1  doub N N 50  
ASN CG  ND2  sing N N 51  
ASN ND2 HD21 sing N N 52  
ASN ND2 HD22 sing N N 53  
ASN OXT HXT  sing N N 54  
ASP N   CA   sing N N 55  
ASP N   H    sing N N 56  
ASP N   H2   sing N N 57  
ASP CA  C    sing N N 58  
ASP CA  CB   sing N N 59  
ASP CA  HA   sing N N 60  
ASP C   O    doub N N 61  
ASP C   OXT  sing N N 62  
ASP CB  CG   sing N N 63  
ASP CB  HB2  sing N N 64  
ASP CB  HB3  sing N N 65  
ASP CG  OD1  doub N N 66  
ASP CG  OD2  sing N N 67  
ASP OD2 HD2  sing N N 68  
ASP OXT HXT  sing N N 69  
GLN N   CA   sing N N 70  
GLN N   H    sing N N 71  
GLN N   H2   sing N N 72  
GLN CA  C    sing N N 73  
GLN CA  CB   sing N N 74  
GLN CA  HA   sing N N 75  
GLN C   O    doub N N 76  
GLN C   OXT  sing N N 77  
GLN CB  CG   sing N N 78  
GLN CB  HB2  sing N N 79  
GLN CB  HB3  sing N N 80  
GLN CG  CD   sing N N 81  
GLN CG  HG2  sing N N 82  
GLN CG  HG3  sing N N 83  
GLN CD  OE1  doub N N 84  
GLN CD  NE2  sing N N 85  
GLN NE2 HE21 sing N N 86  
GLN NE2 HE22 sing N N 87  
GLN OXT HXT  sing N N 88  
GLU N   CA   sing N N 89  
GLU N   H    sing N N 90  
GLU N   H2   sing N N 91  
GLU CA  C    sing N N 92  
GLU CA  CB   sing N N 93  
GLU CA  HA   sing N N 94  
GLU C   O    doub N N 95  
GLU C   OXT  sing N N 96  
GLU CB  CG   sing N N 97  
GLU CB  HB2  sing N N 98  
GLU CB  HB3  sing N N 99  
GLU CG  CD   sing N N 100 
GLU CG  HG2  sing N N 101 
GLU CG  HG3  sing N N 102 
GLU CD  OE1  doub N N 103 
GLU CD  OE2  sing N N 104 
GLU OE2 HE2  sing N N 105 
GLU OXT HXT  sing N N 106 
GLY N   CA   sing N N 107 
GLY N   H    sing N N 108 
GLY N   H2   sing N N 109 
GLY CA  C    sing N N 110 
GLY CA  HA2  sing N N 111 
GLY CA  HA3  sing N N 112 
GLY C   O    doub N N 113 
GLY C   OXT  sing N N 114 
GLY OXT HXT  sing N N 115 
HOH O   H1   sing N N 116 
HOH O   H2   sing N N 117 
ILE N   CA   sing N N 118 
ILE N   H    sing N N 119 
ILE N   H2   sing N N 120 
ILE CA  C    sing N N 121 
ILE CA  CB   sing N N 122 
ILE CA  HA   sing N N 123 
ILE C   O    doub N N 124 
ILE C   OXT  sing N N 125 
ILE CB  CG1  sing N N 126 
ILE CB  CG2  sing N N 127 
ILE CB  HB   sing N N 128 
ILE CG1 CD1  sing N N 129 
ILE CG1 HG12 sing N N 130 
ILE CG1 HG13 sing N N 131 
ILE CG2 HG21 sing N N 132 
ILE CG2 HG22 sing N N 133 
ILE CG2 HG23 sing N N 134 
ILE CD1 HD11 sing N N 135 
ILE CD1 HD12 sing N N 136 
ILE CD1 HD13 sing N N 137 
ILE OXT HXT  sing N N 138 
LEU N   CA   sing N N 139 
LEU N   H    sing N N 140 
LEU N   H2   sing N N 141 
LEU CA  C    sing N N 142 
LEU CA  CB   sing N N 143 
LEU CA  HA   sing N N 144 
LEU C   O    doub N N 145 
LEU C   OXT  sing N N 146 
LEU CB  CG   sing N N 147 
LEU CB  HB2  sing N N 148 
LEU CB  HB3  sing N N 149 
LEU CG  CD1  sing N N 150 
LEU CG  CD2  sing N N 151 
LEU CG  HG   sing N N 152 
LEU CD1 HD11 sing N N 153 
LEU CD1 HD12 sing N N 154 
LEU CD1 HD13 sing N N 155 
LEU CD2 HD21 sing N N 156 
LEU CD2 HD22 sing N N 157 
LEU CD2 HD23 sing N N 158 
LEU OXT HXT  sing N N 159 
LYS N   CA   sing N N 160 
LYS N   H    sing N N 161 
LYS N   H2   sing N N 162 
LYS CA  C    sing N N 163 
LYS CA  CB   sing N N 164 
LYS CA  HA   sing N N 165 
LYS C   O    doub N N 166 
LYS C   OXT  sing N N 167 
LYS CB  CG   sing N N 168 
LYS CB  HB2  sing N N 169 
LYS CB  HB3  sing N N 170 
LYS CG  CD   sing N N 171 
LYS CG  HG2  sing N N 172 
LYS CG  HG3  sing N N 173 
LYS CD  CE   sing N N 174 
LYS CD  HD2  sing N N 175 
LYS CD  HD3  sing N N 176 
LYS CE  NZ   sing N N 177 
LYS CE  HE2  sing N N 178 
LYS CE  HE3  sing N N 179 
LYS NZ  HZ1  sing N N 180 
LYS NZ  HZ2  sing N N 181 
LYS NZ  HZ3  sing N N 182 
LYS OXT HXT  sing N N 183 
MET N   CA   sing N N 184 
MET N   H    sing N N 185 
MET N   H2   sing N N 186 
MET CA  C    sing N N 187 
MET CA  CB   sing N N 188 
MET CA  HA   sing N N 189 
MET C   O    doub N N 190 
MET C   OXT  sing N N 191 
MET CB  CG   sing N N 192 
MET CB  HB2  sing N N 193 
MET CB  HB3  sing N N 194 
MET CG  SD   sing N N 195 
MET CG  HG2  sing N N 196 
MET CG  HG3  sing N N 197 
MET SD  CE   sing N N 198 
MET CE  HE1  sing N N 199 
MET CE  HE2  sing N N 200 
MET CE  HE3  sing N N 201 
MET OXT HXT  sing N N 202 
PHE N   CA   sing N N 203 
PHE N   H    sing N N 204 
PHE N   H2   sing N N 205 
PHE CA  C    sing N N 206 
PHE CA  CB   sing N N 207 
PHE CA  HA   sing N N 208 
PHE C   O    doub N N 209 
PHE C   OXT  sing N N 210 
PHE CB  CG   sing N N 211 
PHE CB  HB2  sing N N 212 
PHE CB  HB3  sing N N 213 
PHE CG  CD1  doub Y N 214 
PHE CG  CD2  sing Y N 215 
PHE CD1 CE1  sing Y N 216 
PHE CD1 HD1  sing N N 217 
PHE CD2 CE2  doub Y N 218 
PHE CD2 HD2  sing N N 219 
PHE CE1 CZ   doub Y N 220 
PHE CE1 HE1  sing N N 221 
PHE CE2 CZ   sing Y N 222 
PHE CE2 HE2  sing N N 223 
PHE CZ  HZ   sing N N 224 
PHE OXT HXT  sing N N 225 
SER N   CA   sing N N 226 
SER N   H    sing N N 227 
SER N   H2   sing N N 228 
SER CA  C    sing N N 229 
SER CA  CB   sing N N 230 
SER CA  HA   sing N N 231 
SER C   O    doub N N 232 
SER C   OXT  sing N N 233 
SER CB  OG   sing N N 234 
SER CB  HB2  sing N N 235 
SER CB  HB3  sing N N 236 
SER OG  HG   sing N N 237 
SER OXT HXT  sing N N 238 
THR N   CA   sing N N 239 
THR N   H    sing N N 240 
THR N   H2   sing N N 241 
THR CA  C    sing N N 242 
THR CA  CB   sing N N 243 
THR CA  HA   sing N N 244 
THR C   O    doub N N 245 
THR C   OXT  sing N N 246 
THR CB  OG1  sing N N 247 
THR CB  CG2  sing N N 248 
THR CB  HB   sing N N 249 
THR OG1 HG1  sing N N 250 
THR CG2 HG21 sing N N 251 
THR CG2 HG22 sing N N 252 
THR CG2 HG23 sing N N 253 
THR OXT HXT  sing N N 254 
TYR N   CA   sing N N 255 
TYR N   H    sing N N 256 
TYR N   H2   sing N N 257 
TYR CA  C    sing N N 258 
TYR CA  CB   sing N N 259 
TYR CA  HA   sing N N 260 
TYR C   O    doub N N 261 
TYR C   OXT  sing N N 262 
TYR CB  CG   sing N N 263 
TYR CB  HB2  sing N N 264 
TYR CB  HB3  sing N N 265 
TYR CG  CD1  doub Y N 266 
TYR CG  CD2  sing Y N 267 
TYR CD1 CE1  sing Y N 268 
TYR CD1 HD1  sing N N 269 
TYR CD2 CE2  doub Y N 270 
TYR CD2 HD2  sing N N 271 
TYR CE1 CZ   doub Y N 272 
TYR CE1 HE1  sing N N 273 
TYR CE2 CZ   sing Y N 274 
TYR CE2 HE2  sing N N 275 
TYR CZ  OH   sing N N 276 
TYR OH  HH   sing N N 277 
TYR OXT HXT  sing N N 278 
VAL N   CA   sing N N 279 
VAL N   H    sing N N 280 
VAL N   H2   sing N N 281 
VAL CA  C    sing N N 282 
VAL CA  CB   sing N N 283 
VAL CA  HA   sing N N 284 
VAL C   O    doub N N 285 
VAL C   OXT  sing N N 286 
VAL CB  CG1  sing N N 287 
VAL CB  CG2  sing N N 288 
VAL CB  HB   sing N N 289 
VAL CG1 HG11 sing N N 290 
VAL CG1 HG12 sing N N 291 
VAL CG1 HG13 sing N N 292 
VAL CG2 HG21 sing N N 293 
VAL CG2 HG22 sing N N 294 
VAL CG2 HG23 sing N N 295 
VAL OXT HXT  sing N N 296 
# 
loop_
_pdbx_audit_support.funding_organization 
_pdbx_audit_support.country 
_pdbx_audit_support.grant_number 
_pdbx_audit_support.ordinal 
'National Institutes of Health/National Institute of General Medical Sciences (NIH/NIGMS)' 'United States' GM64715        1 
'American Heart Association'                                                               'United States' 14GRNT20170003 2 
# 
_atom_sites.entry_id                    4ZQA 
_atom_sites.fract_transf_matrix[1][1]   -0.00867644 
_atom_sites.fract_transf_matrix[1][2]   -0.01664954 
_atom_sites.fract_transf_matrix[1][3]   -0.01238556 
_atom_sites.fract_transf_matrix[2][1]   -0.01556260 
_atom_sites.fract_transf_matrix[2][2]   -0.00146307 
_atom_sites.fract_transf_matrix[2][3]   0.01286880 
_atom_sites.fract_transf_matrix[3][1]   -0.00479105 
_atom_sites.fract_transf_matrix[3][2]   0.00627603 
_atom_sites.fract_transf_matrix[3][3]   -0.00508042 
_atom_sites.fract_transf_vector[1]      0.121246 
_atom_sites.fract_transf_vector[2]      -0.152122 
_atom_sites.fract_transf_vector[3]      -0.165897 
# 
loop_
_atom_type.symbol 
C 
N 
O 
S 
# 
loop_
_atom_site.group_PDB 
_atom_site.id 
_atom_site.type_symbol 
_atom_site.label_atom_id 
_atom_site.label_alt_id 
_atom_site.label_comp_id 
_atom_site.label_asym_id 
_atom_site.label_entity_id 
_atom_site.label_seq_id 
_atom_site.pdbx_PDB_ins_code 
_atom_site.Cartn_x 
_atom_site.Cartn_y 
_atom_site.Cartn_z 
_atom_site.occupancy 
_atom_site.B_iso_or_equiv 
_atom_site.pdbx_formal_charge 
_atom_site.auth_seq_id 
_atom_site.auth_comp_id 
_atom_site.auth_asym_id 
_atom_site.auth_atom_id 
_atom_site.pdbx_PDB_model_num 
ATOM   1   N N   . SER A 1 1  ? 37.710  -33.136 38.462  1.00 63.76  ? 2   SER A N   1 
ATOM   2   C CA  . SER A 1 1  ? 37.261  -32.605 39.786  1.00 68.55  ? 2   SER A CA  1 
ATOM   3   C C   . SER A 1 1  ? 36.319  -31.428 39.541  1.00 60.78  ? 2   SER A C   1 
ATOM   4   O O   . SER A 1 1  ? 35.118  -31.517 39.838  1.00 61.63  ? 2   SER A O   1 
ATOM   5   C CB  . SER A 1 1  ? 38.467  -32.206 40.655  1.00 78.16  ? 2   SER A CB  1 
ATOM   6   O OG  . SER A 1 1  ? 38.100  -32.037 42.023  1.00 99.10  ? 2   SER A OG  1 
ATOM   7   N N   . ASN A 1 2  ? 36.862  -30.334 38.995  1.00 50.53  ? 3   ASN A N   1 
ATOM   8   C CA  . ASN A 1 2  ? 36.028  -29.285 38.359  1.00 44.22  ? 3   ASN A CA  1 
ATOM   9   C C   . ASN A 1 2  ? 35.848  -29.448 36.846  1.00 48.13  ? 3   ASN A C   1 
ATOM   10  O O   . ASN A 1 2  ? 35.139  -28.656 36.229  1.00 44.09  ? 3   ASN A O   1 
ATOM   11  C CB  . ASN A 1 2  ? 36.498  -27.839 38.720  1.00 46.00  ? 3   ASN A CB  1 
ATOM   12  C CG  . ASN A 1 2  ? 37.909  -27.493 38.188  1.00 55.41  ? 3   ASN A CG  1 
ATOM   13  O OD1 . ASN A 1 2  ? 38.452  -28.189 37.310  1.00 54.39  ? 3   ASN A OD1 1 
ATOM   14  N ND2 . ASN A 1 2  ? 38.525  -26.398 38.743  1.00 57.83  ? 3   ASN A ND2 1 
ATOM   15  N N   . ALA A 1 3  ? 36.465  -30.478 36.263  1.00 49.29  ? 4   ALA A N   1 
ATOM   16  C CA  . ALA A 1 3  ? 36.452  -30.706 34.818  1.00 52.33  ? 4   ALA A CA  1 
ATOM   17  C C   . ALA A 1 3  ? 35.030  -30.721 34.187  1.00 52.32  ? 4   ALA A C   1 
ATOM   18  O O   . ALA A 1 3  ? 34.803  -30.107 33.139  1.00 45.80  ? 4   ALA A O   1 
ATOM   19  C CB  . ALA A 1 3  ? 37.203  -32.002 34.493  1.00 52.85  ? 4   ALA A CB  1 
ATOM   20  N N   . GLY A 1 4  ? 34.083  -31.402 34.833  1.00 51.39  ? 5   GLY A N   1 
ATOM   21  C CA  . GLY A 1 4  ? 32.703  -31.503 34.319  1.00 48.20  ? 5   GLY A CA  1 
ATOM   22  C C   . GLY A 1 4  ? 31.938  -30.181 34.392  1.00 43.10  ? 5   GLY A C   1 
ATOM   23  O O   . GLY A 1 4  ? 31.206  -29.803 33.463  1.00 41.37  ? 5   GLY A O   1 
ATOM   24  N N   . THR A 1 5  ? 32.088  -29.482 35.512  1.00 44.52  ? 6   THR A N   1 
ATOM   25  C CA  . THR A 1 5  ? 31.528  -28.128 35.668  1.00 43.10  ? 6   THR A CA  1 
ATOM   26  C C   . THR A 1 5  ? 32.076  -27.182 34.602  1.00 35.58  ? 6   THR A C   1 
ATOM   27  O O   . THR A 1 5  ? 31.306  -26.430 33.963  1.00 39.64  ? 6   THR A O   1 
ATOM   28  C CB  . THR A 1 5  ? 31.809  -27.590 37.090  1.00 45.56  ? 6   THR A CB  1 
ATOM   29  O OG1 . THR A 1 5  ? 31.169  -28.459 38.051  1.00 59.71  ? 6   THR A OG1 1 
ATOM   30  C CG2 . THR A 1 5  ? 31.334  -26.120 37.296  1.00 42.36  ? 6   THR A CG2 1 
ATOM   31  N N   . LEU A 1 6  ? 33.382  -27.239 34.359  1.00 34.61  ? 7   LEU A N   1 
ATOM   32  C CA  . LEU A 1 6  ? 33.982  -26.328 33.378  1.00 31.53  ? 7   LEU A CA  1 
ATOM   33  C C   . LEU A 1 6  ? 33.526  -26.701 31.970  1.00 31.92  ? 7   LEU A C   1 
ATOM   34  O O   . LEU A 1 6  ? 33.262  -25.819 31.159  1.00 32.55  ? 7   LEU A O   1 
ATOM   35  C CB  . LEU A 1 6  ? 35.498  -26.262 33.510  1.00 33.28  ? 7   LEU A CB  1 
ATOM   36  C CG  . LEU A 1 6  ? 36.038  -25.736 34.874  1.00 33.16  ? 7   LEU A CG  1 
ATOM   37  C CD1 . LEU A 1 6  ? 37.569  -25.689 34.873  1.00 34.91  ? 7   LEU A CD1 1 
ATOM   38  C CD2 . LEU A 1 6  ? 35.482  -24.373 35.244  1.00 33.53  ? 7   LEU A CD2 1 
ATOM   39  N N   . GLN A 1 7  ? 33.389  -28.012 31.727  1.00 32.32  ? 8   GLN A N   1 
ATOM   40  C CA  . GLN A 1 7  ? 32.848  -28.569 30.494  1.00 34.55  ? 8   GLN A CA  1 
ATOM   41  C C   . GLN A 1 7  ? 31.426  -28.132 30.165  1.00 31.63  ? 8   GLN A C   1 
ATOM   42  O O   . GLN A 1 7  ? 31.158  -27.665 29.037  1.00 35.61  ? 8   GLN A O   1 
ATOM   43  C CB  . GLN A 1 7  ? 32.920  -30.112 30.561  1.00 43.52  ? 8   GLN A CB  1 
ATOM   44  C CG  . GLN A 1 7  ? 34.264  -30.652 30.141  1.00 56.14  ? 8   GLN A CG  1 
ATOM   45  C CD  . GLN A 1 7  ? 34.648  -30.161 28.755  1.00 76.77  ? 8   GLN A CD  1 
ATOM   46  O OE1 . GLN A 1 7  ? 33.958  -30.459 27.767  1.00 106.93 ? 8   GLN A OE1 1 
ATOM   47  N NE2 . GLN A 1 7  ? 35.739  -29.383 28.674  1.00 99.15  ? 8   GLN A NE2 1 
ATOM   48  N N   . GLU A 1 8  ? 30.520  -28.268 31.131  1.00 32.58  ? 9   GLU A N   1 
ATOM   49  C CA  . GLU A 1 8  ? 29.156  -27.746 30.996  1.00 35.74  ? 9   GLU A CA  1 
ATOM   50  C C   . GLU A 1 8  ? 29.198  -26.265 30.646  1.00 33.86  ? 9   GLU A C   1 
ATOM   51  O O   . GLU A 1 8  ? 28.436  -25.810 29.802  1.00 35.35  ? 9   GLU A O   1 
ATOM   52  C CB  . GLU A 1 8  ? 28.345  -27.873 32.303  1.00 41.86  ? 9   GLU A CB  1 
ATOM   53  C CG  . GLU A 1 8  ? 27.356  -29.002 32.358  1.00 57.93  ? 9   GLU A CG  1 
ATOM   54  C CD  . GLU A 1 8  ? 26.208  -28.858 31.375  1.00 63.78  ? 9   GLU A CD  1 
ATOM   55  O OE1 . GLU A 1 8  ? 25.851  -27.707 31.034  1.00 73.69  ? 9   GLU A OE1 1 
ATOM   56  O OE2 . GLU A 1 8  ? 25.661  -29.908 30.959  1.00 75.88  ? 9   GLU A OE2 1 
ATOM   57  N N   . TYR A 1 9  ? 30.060  -25.503 31.339  1.00 30.16  ? 10  TYR A N   1 
ATOM   58  C CA  . TYR A 1 9  ? 30.111  -24.036 31.121  1.00 26.76  ? 10  TYR A CA  1 
ATOM   59  C C   . TYR A 1 9  ? 30.475  -23.689 29.673  1.00 27.53  ? 10  TYR A C   1 
ATOM   60  O O   . TYR A 1 9  ? 29.811  -22.870 29.026  1.00 26.10  ? 10  TYR A O   1 
ATOM   61  C CB  . TYR A 1 9  ? 31.128  -23.427 32.096  1.00 26.46  ? 10  TYR A CB  1 
ATOM   62  C CG  . TYR A 1 9  ? 31.379  -21.940 31.896  1.00 23.88  ? 10  TYR A CG  1 
ATOM   63  C CD1 . TYR A 1 9  ? 30.485  -20.994 32.383  1.00 25.12  ? 10  TYR A CD1 1 
ATOM   64  C CD2 . TYR A 1 9  ? 32.479  -21.508 31.186  1.00 24.99  ? 10  TYR A CD2 1 
ATOM   65  C CE1 . TYR A 1 9  ? 30.713  -19.637 32.168  1.00 24.94  ? 10  TYR A CE1 1 
ATOM   66  C CE2 . TYR A 1 9  ? 32.737  -20.146 30.977  1.00 25.70  ? 10  TYR A CE2 1 
ATOM   67  C CZ  . TYR A 1 9  ? 31.846  -19.215 31.460  1.00 23.17  ? 10  TYR A CZ  1 
ATOM   68  O OH  . TYR A 1 9  ? 32.088  -17.872 31.294  1.00 25.86  ? 10  TYR A OH  1 
ATOM   69  N N   . GLN A 1 10 ? 31.539  -24.318 29.167  1.00 29.24  ? 11  GLN A N   1 
ATOM   70  C CA  . GLN A 1 10 ? 31.986  -24.103 27.809  1.00 31.06  ? 11  GLN A CA  1 
ATOM   71  C C   . GLN A 1 10 ? 30.900  -24.525 26.796  1.00 32.08  ? 11  GLN A C   1 
ATOM   72  O O   . GLN A 1 10 ? 30.723  -23.851 25.800  1.00 32.20  ? 11  GLN A O   1 
ATOM   73  C CB  . GLN A 1 10 ? 33.318  -24.804 27.530  1.00 35.36  ? 11  GLN A CB  1 
ATOM   74  C CG  . GLN A 1 10 ? 34.459  -24.256 28.391  1.00 39.08  ? 11  GLN A CG  1 
ATOM   75  C CD  . GLN A 1 10 ? 35.834  -24.381 27.745  1.00 45.35  ? 11  GLN A CD  1 
ATOM   76  O OE1 . GLN A 1 10 ? 36.393  -25.481 27.620  1.00 47.69  ? 11  GLN A OE1 1 
ATOM   77  N NE2 . GLN A 1 10 ? 36.405  -23.240 27.362  1.00 53.02  ? 11  GLN A NE2 1 
ATOM   78  N N   . LYS A 1 11 ? 30.185  -25.620 27.070  1.00 32.41  ? 12  LYS A N   1 
ATOM   79  C CA  . LYS A 1 11 ? 29.067  -26.053 26.210  1.00 33.78  ? 12  LYS A CA  1 
ATOM   80  C C   . LYS A 1 11 ? 28.035  -24.939 26.148  1.00 30.97  ? 12  LYS A C   1 
ATOM   81  O O   . LYS A 1 11 ? 27.544  -24.563 25.081  1.00 32.39  ? 12  LYS A O   1 
ATOM   82  C CB  . LYS A 1 11 ? 28.416  -27.336 26.775  1.00 38.35  ? 12  LYS A CB  1 
ATOM   83  C CG  . LYS A 1 11 ? 27.370  -27.988 25.876  1.00 45.28  ? 12  LYS A CG  1 
ATOM   84  C CD  . LYS A 1 11 ? 26.422  -28.916 26.653  1.00 55.37  ? 12  LYS A CD  1 
ATOM   85  C CE  . LYS A 1 11 ? 27.141  -29.755 27.697  1.00 58.86  ? 12  LYS A CE  1 
ATOM   86  N NZ  . LYS A 1 11 ? 26.242  -30.747 28.365  1.00 74.14  ? 12  LYS A NZ  1 
ATOM   87  N N   . ARG A 1 12 ? 27.692  -24.411 27.306  1.00 29.17  ? 13  ARG A N   1 
ATOM   88  C CA  . ARG A 1 12 ? 26.640  -23.418 27.383  1.00 28.44  ? 13  ARG A CA  1 
ATOM   89  C C   . ARG A 1 12 ? 27.073  -22.100 26.743  1.00 25.85  ? 13  ARG A C   1 
ATOM   90  O O   . ARG A 1 12 ? 26.264  -21.419 26.119  1.00 26.04  ? 13  ARG A O   1 
ATOM   91  C CB  . ARG A 1 12 ? 26.200  -23.209 28.838  1.00 30.15  ? 13  ARG A CB  1 
ATOM   92  C CG  . ARG A 1 12 ? 25.472  -24.398 29.407  1.00 35.58  ? 13  ARG A CG  1 
ATOM   93  C CD  . ARG A 1 12 ? 25.166  -24.213 30.877  1.00 40.40  ? 13  ARG A CD  1 
ATOM   94  N NE  . ARG A 1 12 ? 24.301  -25.285 31.371  1.00 48.72  ? 13  ARG A NE  1 
ATOM   95  C CZ  . ARG A 1 12 ? 24.115  -25.596 32.650  1.00 47.64  ? 13  ARG A CZ  1 
ATOM   96  N NH1 . ARG A 1 12 ? 24.757  -24.952 33.617  1.00 51.49  ? 13  ARG A NH1 1 
ATOM   97  N NH2 . ARG A 1 12 ? 23.300  -26.586 32.956  1.00 53.47  ? 13  ARG A NH2 1 
ATOM   98  N N   . MET A 1 13 ? 28.332  -21.735 26.905  1.00 27.27  ? 14  MET A N   1 
ATOM   99  C CA  . MET A 1 13 ? 28.865  -20.527 26.241  0.99 26.13  ? 14  MET A CA  1 
ATOM   100 C C   . MET A 1 13 ? 28.752  -20.642 24.720  1.00 26.18  ? 14  MET A C   1 
ATOM   101 O O   . MET A 1 13 ? 28.303  -19.715 24.071  1.00 27.38  ? 14  MET A O   1 
ATOM   102 C CB  . MET A 1 13 ? 30.319  -20.300 26.640  0.99 27.20  ? 14  MET A CB  1 
ATOM   103 C CG  . MET A 1 13 ? 30.425  -19.805 28.074  0.99 29.70  ? 14  MET A CG  1 
ATOM   104 S SD  . MET A 1 13 ? 29.924  -18.072 28.149  0.99 37.58  ? 14  MET A SD  1 
ATOM   105 C CE  . MET A 1 13 ? 31.360  -17.248 27.403  0.99 39.09  ? 14  MET A CE  1 
ATOM   106 N N   . LYS A 1 14 ? 29.167  -21.786 24.165  1.00 28.16  ? 15  LYS A N   1 
ATOM   107 C CA  . LYS A 1 14 ? 29.019  -22.066 22.726  1.00 27.92  ? 15  LYS A CA  1 
ATOM   108 C C   . LYS A 1 14 ? 27.540  -21.960 22.254  1.00 26.92  ? 15  LYS A C   1 
ATOM   109 O O   . LYS A 1 14 ? 27.276  -21.406 21.168  1.00 30.12  ? 15  LYS A O   1 
ATOM   110 C CB  . LYS A 1 14 ? 29.644  -23.444 22.391  1.00 31.55  ? 15  LYS A CB  1 
ATOM   111 C CG  . LYS A 1 14 ? 29.573  -23.828 20.937  1.00 41.89  ? 15  LYS A CG  1 
ATOM   112 C CD  . LYS A 1 14 ? 30.339  -25.118 20.625  1.00 56.89  ? 15  LYS A CD  1 
ATOM   113 C CE  . LYS A 1 14 ? 29.818  -25.783 19.347  1.00 73.99  ? 15  LYS A CE  1 
ATOM   114 N NZ  . LYS A 1 14 ? 29.516  -24.804 18.250  1.00 77.64  ? 15  LYS A NZ  1 
ATOM   115 N N   . LYS A 1 15 ? 26.593  -22.468 23.058  1.00 28.38  ? 16  LYS A N   1 
ATOM   116 C CA  A LYS A 1 15 ? 25.155  -22.363 22.754  0.47 29.08  ? 16  LYS A CA  1 
ATOM   117 C CA  B LYS A 1 15 ? 25.164  -22.358 22.726  0.53 28.50  ? 16  LYS A CA  1 
ATOM   118 C C   . LYS A 1 15 ? 24.710  -20.896 22.732  1.00 26.57  ? 16  LYS A C   1 
ATOM   119 O O   . LYS A 1 15 ? 23.963  -20.476 21.840  1.00 24.47  ? 16  LYS A O   1 
ATOM   120 C CB  A LYS A 1 15 ? 24.325  -23.142 23.787  0.47 33.73  ? 16  LYS A CB  1 
ATOM   121 C CB  B LYS A 1 15 ? 24.301  -23.165 23.701  0.53 31.47  ? 16  LYS A CB  1 
ATOM   122 C CG  A LYS A 1 15 ? 22.845  -23.302 23.445  0.47 37.58  ? 16  LYS A CG  1 
ATOM   123 C CG  B LYS A 1 15 ? 22.815  -23.260 23.337  0.53 32.31  ? 16  LYS A CG  1 
ATOM   124 C CD  A LYS A 1 15 ? 22.202  -24.474 24.188  0.47 43.75  ? 16  LYS A CD  1 
ATOM   125 C CD  B LYS A 1 15 ? 22.596  -23.750 21.907  0.53 35.51  ? 16  LYS A CD  1 
ATOM   126 C CE  A LYS A 1 15 ? 20.779  -24.744 23.708  0.47 46.05  ? 16  LYS A CE  1 
ATOM   127 C CE  B LYS A 1 15 ? 21.143  -24.070 21.603  0.53 43.41  ? 16  LYS A CE  1 
ATOM   128 N NZ  A LYS A 1 15 ? 20.120  -25.867 24.441  0.47 51.28  ? 16  LYS A NZ  1 
ATOM   129 N NZ  B LYS A 1 15 ? 20.783  -23.745 20.184  0.53 46.73  ? 16  LYS A NZ  1 
ATOM   130 N N   . LEU A 1 16 ? 25.174  -20.112 23.715  1.00 26.12  ? 17  LEU A N   1 
ATOM   131 C CA  . LEU A 1 16 ? 24.839  -18.685 23.724  1.00 24.52  ? 17  LEU A CA  1 
ATOM   132 C C   . LEU A 1 16 ? 25.292  -17.974 22.466  1.00 23.01  ? 17  LEU A C   1 
ATOM   133 O O   . LEU A 1 16 ? 24.552  -17.157 21.914  1.00 22.10  ? 17  LEU A O   1 
ATOM   134 C CB  . LEU A 1 16 ? 25.405  -17.978 24.951  1.00 26.64  ? 17  LEU A CB  1 
ATOM   135 C CG  . LEU A 1 16 ? 24.749  -18.240 26.306  1.00 27.06  ? 17  LEU A CG  1 
ATOM   136 C CD1 . LEU A 1 16 ? 25.487  -17.340 27.325  1.00 30.16  ? 17  LEU A CD1 1 
ATOM   137 C CD2 . LEU A 1 16 ? 23.233  -18.012 26.331  1.00 30.76  ? 17  LEU A CD2 1 
ATOM   138 N N   . ASP A 1 17 ? 26.492  -18.306 22.014  1.00 22.15  ? 18  ASP A N   1 
ATOM   139 C CA  . ASP A 1 17 ? 27.050  -17.743 20.826  1.00 24.00  ? 18  ASP A CA  1 
ATOM   140 C C   . ASP A 1 17 ? 26.240  -18.165 19.561  1.00 23.18  ? 18  ASP A C   1 
ATOM   141 O O   . ASP A 1 17 ? 25.885  -17.305 18.729  1.00 22.91  ? 18  ASP A O   1 
ATOM   142 C CB  . ASP A 1 17 ? 28.527  -18.105 20.690  1.00 27.38  ? 18  ASP A CB  1 
ATOM   143 C CG  . ASP A 1 17 ? 29.146  -17.532 19.426  1.00 34.78  ? 18  ASP A CG  1 
ATOM   144 O OD1 . ASP A 1 17 ? 29.624  -16.377 19.448  1.00 47.26  ? 18  ASP A OD1 1 
ATOM   145 O OD2 . ASP A 1 17 ? 29.133  -18.238 18.392  1.00 45.18  ? 18  ASP A OD2 1 
ATOM   146 N N   . GLN A 1 18 ? 25.933  -19.471 19.448  1.00 23.10  ? 19  GLN A N   1 
ATOM   147 C CA  . GLN A 1 18 ? 25.069  -19.988 18.397  1.00 21.76  ? 19  GLN A CA  1 
ATOM   148 C C   . GLN A 1 18 ? 23.733  -19.222 18.332  1.00 21.72  ? 19  GLN A C   1 
ATOM   149 O O   . GLN A 1 18 ? 23.288  -18.827 17.249  1.00 24.02  ? 19  GLN A O   1 
ATOM   150 C CB  . GLN A 1 18 ? 24.877  -21.503 18.645  1.00 25.48  ? 19  GLN A CB  1 
ATOM   151 C CG  . GLN A 1 18 ? 23.902  -22.230 17.776  1.00 33.64  ? 19  GLN A CG  1 
ATOM   152 C CD  . GLN A 1 18 ? 23.998  -23.728 17.987  1.00 40.89  ? 19  GLN A CD  1 
ATOM   153 O OE1 . GLN A 1 18 ? 24.442  -24.201 19.068  1.00 45.56  ? 19  GLN A OE1 1 
ATOM   154 N NE2 . GLN A 1 18 ? 23.642  -24.487 16.955  1.00 50.61  ? 19  GLN A NE2 1 
ATOM   155 N N   . GLN A 1 19 ? 23.125  -18.976 19.487  1.00 22.62  ? 20  GLN A N   1 
ATOM   156 C CA  . GLN A 1 19 ? 21.841  -18.298 19.586  1.00 22.64  ? 20  GLN A CA  1 
ATOM   157 C C   . GLN A 1 19 ? 21.936  -16.806 19.198  1.00 21.29  ? 20  GLN A C   1 
ATOM   158 O O   . GLN A 1 19 ? 21.051  -16.250 18.519  1.00 23.60  ? 20  GLN A O   1 
ATOM   159 C CB  . GLN A 1 19 ? 21.266  -18.455 20.994  1.00 22.72  ? 20  GLN A CB  1 
ATOM   160 C CG  . GLN A 1 19 ? 20.885  -19.885 21.331  1.00 27.18  ? 20  GLN A CG  1 
ATOM   161 C CD  . GLN A 1 19 ? 20.507  -20.169 22.774  1.00 30.64  ? 20  GLN A CD  1 
ATOM   162 O OE1 . GLN A 1 19 ? 19.964  -21.234 23.043  1.00 42.46  ? 20  GLN A OE1 1 
ATOM   163 N NE2 . GLN A 1 19 ? 20.780  -19.263 23.696  1.00 27.58  ? 20  GLN A NE2 1 
ATOM   164 N N   . TYR A 1 20 ? 23.020  -16.178 19.617  1.00 20.28  ? 21  TYR A N   1 
ATOM   165 C CA  . TYR A 1 20 ? 23.297  -14.818 19.185  1.00 21.09  ? 21  TYR A CA  1 
ATOM   166 C C   . TYR A 1 20 ? 23.416  -14.716 17.646  1.00 20.60  ? 21  TYR A C   1 
ATOM   167 O O   . TYR A 1 20 ? 22.735  -13.906 17.004  1.00 22.28  ? 21  TYR A O   1 
ATOM   168 C CB  . TYR A 1 20 ? 24.578  -14.308 19.865  1.00 22.37  ? 21  TYR A CB  1 
ATOM   169 C CG  . TYR A 1 20 ? 25.065  -13.073 19.231  1.00 22.72  ? 21  TYR A CG  1 
ATOM   170 C CD1 . TYR A 1 20 ? 24.338  -11.883 19.378  1.00 20.84  ? 21  TYR A CD1 1 
ATOM   171 C CD2 . TYR A 1 20 ? 26.213  -13.065 18.415  1.00 26.34  ? 21  TYR A CD2 1 
ATOM   172 C CE1 . TYR A 1 20 ? 24.791  -10.698 18.788  1.00 22.55  ? 21  TYR A CE1 1 
ATOM   173 C CE2 . TYR A 1 20 ? 26.649  -11.873 17.802  1.00 28.52  ? 21  TYR A CE2 1 
ATOM   174 C CZ  . TYR A 1 20 ? 25.892  -10.696 17.992  1.00 25.84  ? 21  TYR A CZ  1 
ATOM   175 O OH  . TYR A 1 20 ? 26.209  -9.492  17.415  1.00 30.03  ? 21  TYR A OH  1 
ATOM   176 N N   . ARG A 1 21 ? 24.201  -15.603 17.041  1.00 20.29  ? 22  ARG A N   1 
ATOM   177 C CA  A ARG A 1 21 ? 24.440  -15.558 15.611  0.44 21.20  ? 22  ARG A CA  1 
ATOM   178 C CA  B ARG A 1 21 ? 24.449  -15.572 15.600  0.56 20.98  ? 22  ARG A CA  1 
ATOM   179 C C   . ARG A 1 21 ? 23.131  -15.849 14.859  1.00 21.09  ? 22  ARG A C   1 
ATOM   180 O O   . ARG A 1 21 ? 22.855  -15.224 13.845  1.00 21.56  ? 22  ARG A O   1 
ATOM   181 C CB  A ARG A 1 21 ? 25.541  -16.537 15.217  0.44 23.44  ? 22  ARG A CB  1 
ATOM   182 C CB  B ARG A 1 21 ? 25.514  -16.595 15.180  0.56 23.61  ? 22  ARG A CB  1 
ATOM   183 C CG  A ARG A 1 21 ? 26.823  -16.372 16.041  0.44 25.91  ? 22  ARG A CG  1 
ATOM   184 C CG  B ARG A 1 21 ? 26.974  -16.160 15.404  0.56 26.28  ? 22  ARG A CG  1 
ATOM   185 C CD  A ARG A 1 21 ? 28.026  -16.106 15.159  0.44 34.44  ? 22  ARG A CD  1 
ATOM   186 C CD  B ARG A 1 21 ? 27.942  -17.261 14.961  0.56 32.22  ? 22  ARG A CD  1 
ATOM   187 N NE  A ARG A 1 21 ? 29.318  -16.358 15.810  0.44 39.93  ? 22  ARG A NE  1 
ATOM   188 N NE  B ARG A 1 21 ? 27.827  -18.397 15.859  0.56 39.20  ? 22  ARG A NE  1 
ATOM   189 C CZ  A ARG A 1 21 ? 29.888  -15.564 16.713  0.44 43.31  ? 22  ARG A CZ  1 
ATOM   190 C CZ  B ARG A 1 21 ? 28.601  -19.482 15.863  0.56 43.63  ? 22  ARG A CZ  1 
ATOM   191 N NH1 A ARG A 1 21 ? 29.280  -14.462 17.140  0.44 46.66  ? 22  ARG A NH1 1 
ATOM   192 N NH1 B ARG A 1 21 ? 29.595  -19.630 14.984  0.56 51.94  ? 22  ARG A NH1 1 
ATOM   193 N NH2 A ARG A 1 21 ? 31.067  -15.892 17.218  0.44 47.82  ? 22  ARG A NH2 1 
ATOM   194 N NH2 B ARG A 1 21 ? 28.362  -20.427 16.769  0.56 37.60  ? 22  ARG A NH2 1 
ATOM   195 N N   . GLU A 1 22 ? 22.325  -16.773 15.391  1.00 20.38  ? 23  GLU A N   1 
ATOM   196 C CA  . GLU A 1 22 ? 21.022  -17.078 14.775  1.00 21.79  ? 23  GLU A CA  1 
ATOM   197 C C   . GLU A 1 22 ? 20.063  -15.886 14.892  1.00 22.45  ? 23  GLU A C   1 
ATOM   198 O O   . GLU A 1 22 ? 19.318  -15.566 13.949  1.00 22.67  ? 23  GLU A O   1 
ATOM   199 C CB  . GLU A 1 22 ? 20.416  -18.324 15.396  1.00 24.05  ? 23  GLU A CB  1 
ATOM   200 C CG  . GLU A 1 22 ? 19.065  -18.705 14.789  1.00 26.72  ? 23  GLU A CG  1 
ATOM   201 C CD  . GLU A 1 22 ? 19.070  -19.269 13.326  1.00 31.70  ? 23  GLU A CD  1 
ATOM   202 O OE1 . GLU A 1 22 ? 20.105  -19.377 12.565  1.00 31.38  ? 23  GLU A OE1 1 
ATOM   203 O OE2 . GLU A 1 22 ? 17.948  -19.657 12.910  1.00 32.92  ? 23  GLU A OE2 1 
ATOM   204 N N   . ARG A 1 23 ? 20.083  -15.215 16.035  1.00 21.63  ? 24  ARG A N   1 
ATOM   205 C CA  . ARG A 1 23 ? 19.241  -14.031 16.207  1.00 21.03  ? 24  ARG A CA  1 
ATOM   206 C C   . ARG A 1 23 ? 19.621  -12.923 15.177  1.00 20.01  ? 24  ARG A C   1 
ATOM   207 O O   . ARG A 1 23 ? 18.741  -12.295 14.576  1.00 20.87  ? 24  ARG A O   1 
ATOM   208 C CB  . ARG A 1 23 ? 19.305  -13.527 17.641  1.00 22.25  ? 24  ARG A CB  1 
ATOM   209 C CG  . ARG A 1 23 ? 18.330  -12.400 17.947  1.00 21.79  ? 24  ARG A CG  1 
ATOM   210 C CD  . ARG A 1 23 ? 18.171  -12.085 19.433  1.00 22.63  ? 24  ARG A CD  1 
ATOM   211 N NE  . ARG A 1 23 ? 17.315  -10.910 19.572  1.00 24.81  ? 24  ARG A NE  1 
ATOM   212 C CZ  . ARG A 1 23 ? 16.901  -10.374 20.714  1.00 25.18  ? 24  ARG A CZ  1 
ATOM   213 N NH1 . ARG A 1 23 ? 17.310  -10.856 21.868  1.00 27.03  ? 24  ARG A NH1 1 
ATOM   214 N NH2 . ARG A 1 23 ? 16.083  -9.323  20.692  1.00 26.15  ? 24  ARG A NH2 1 
ATOM   215 N N   . ILE A 1 24 ? 20.912  -12.714 14.960  1.00 20.25  ? 25  ILE A N   1 
ATOM   216 C CA  . ILE A 1 24 ? 21.404  -11.729 13.954  1.00 22.28  ? 25  ILE A CA  1 
ATOM   217 C C   . ILE A 1 24 ? 21.004  -12.146 12.543  1.00 20.80  ? 25  ILE A C   1 
ATOM   218 O O   . ILE A 1 24 ? 20.513  -11.324 11.772  1.00 22.43  ? 25  ILE A O   1 
ATOM   219 C CB  . ILE A 1 24 ? 22.953  -11.546 14.039  1.00 25.75  ? 25  ILE A CB  1 
ATOM   220 C CG1 . ILE A 1 24 ? 23.329  -10.984 15.427  1.00 30.26  ? 25  ILE A CG1 1 
ATOM   221 C CG2 . ILE A 1 24 ? 23.503  -10.712 12.869  1.00 26.31  ? 25  ILE A CG2 1 
ATOM   222 C CD1 . ILE A 1 24 ? 22.600  -9.707  15.860  1.00 31.24  ? 25  ILE A CD1 1 
ATOM   223 N N   . ARG A 1 25 ? 21.209  -13.427 12.213  1.00 20.85  ? 26  ARG A N   1 
ATOM   224 C CA  . ARG A 1 25 ? 20.777  -13.991 10.931  1.00 22.06  ? 26  ARG A CA  1 
ATOM   225 C C   . ARG A 1 25 ? 19.279  -13.776 10.679  1.00 20.31  ? 26  ARG A C   1 
ATOM   226 O O   . ARG A 1 25 ? 18.859  -13.349 9.574   1.00 20.42  ? 26  ARG A O   1 
ATOM   227 C CB  . ARG A 1 25 ? 21.100  -15.489 10.965  1.00 25.27  ? 26  ARG A CB  1 
ATOM   228 C CG  . ARG A 1 25 ? 21.072  -16.223 9.676   1.00 30.48  ? 26  ARG A CG  1 
ATOM   229 C CD  . ARG A 1 25 ? 21.630  -17.630 9.888   1.00 28.65  ? 26  ARG A CD  1 
ATOM   230 N NE  . ARG A 1 25 ? 23.048  -17.635 10.243  1.00 28.10  ? 26  ARG A NE  1 
ATOM   231 C CZ  . ARG A 1 25 ? 23.583  -18.125 11.373  1.00 25.32  ? 26  ARG A CZ  1 
ATOM   232 N NH1 . ARG A 1 25 ? 22.842  -18.652 12.331  1.00 24.26  ? 26  ARG A NH1 1 
ATOM   233 N NH2 . ARG A 1 25 ? 24.902  -18.058 11.564  1.00 29.30  ? 26  ARG A NH2 1 
ATOM   234 N N   . ASN A 1 26 ? 18.470  -14.098 11.674  1.00 20.01  ? 27  ASN A N   1 
ATOM   235 C CA  . ASN A 1 26 ? 17.015  -13.878 11.597  1.00 20.35  ? 27  ASN A CA  1 
ATOM   236 C C   . ASN A 1 26 ? 16.660  -12.403 11.388  1.00 20.79  ? 27  ASN A C   1 
ATOM   237 O O   . ASN A 1 26 ? 15.748  -12.081 10.629  1.00 22.51  ? 27  ASN A O   1 
ATOM   238 C CB  . ASN A 1 26 ? 16.292  -14.451 12.810  1.00 20.84  ? 27  ASN A CB  1 
ATOM   239 C CG  . ASN A 1 26 ? 16.169  -15.960 12.729  1.00 22.19  ? 27  ASN A CG  1 
ATOM   240 O OD1 . ASN A 1 26 ? 16.048  -16.522 11.610  1.00 24.30  ? 27  ASN A OD1 1 
ATOM   241 N ND2 . ASN A 1 26 ? 16.120  -16.625 13.881  1.00 23.77  ? 27  ASN A ND2 1 
ATOM   242 N N   . ALA A 1 27 ? 17.407  -11.512 12.024  1.00 19.10  ? 28  ALA A N   1 
ATOM   243 C CA  . ALA A 1 27 ? 17.189  -10.060 11.798  1.00 22.05  ? 28  ALA A CA  1 
ATOM   244 C C   . ALA A 1 27 ? 17.449  -9.660  10.366  1.00 21.02  ? 28  ALA A C   1 
ATOM   245 O O   . ALA A 1 27 ? 16.695  -8.864  9.822   1.00 23.51  ? 28  ALA A O   1 
ATOM   246 C CB  . ALA A 1 27 ? 18.053  -9.220  12.723  1.00 24.49  ? 28  ALA A CB  1 
ATOM   247 N N   . GLU A 1 28 ? 18.527  -10.191 9.774   1.00 20.59  ? 29  GLU A N   1 
ATOM   248 C CA  A GLU A 1 28 ? 18.878  -9.910  8.386   0.57 22.58  ? 29  GLU A CA  1 
ATOM   249 C CA  B GLU A 1 28 ? 18.861  -9.898  8.388   0.43 23.35  ? 29  GLU A CA  1 
ATOM   250 C C   . GLU A 1 28 ? 17.772  -10.416 7.452   1.00 22.39  ? 29  GLU A C   1 
ATOM   251 O O   . GLU A 1 28 ? 17.344  -9.715  6.527   1.00 22.86  ? 29  GLU A O   1 
ATOM   252 C CB  A GLU A 1 28 ? 20.215  -10.556 8.009   0.57 24.74  ? 29  GLU A CB  1 
ATOM   253 C CB  B GLU A 1 28 ? 20.209  -10.501 8.004   0.43 28.06  ? 29  GLU A CB  1 
ATOM   254 C CG  A GLU A 1 28 ? 21.443  -10.029 8.780   0.57 25.87  ? 29  GLU A CG  1 
ATOM   255 C CG  B GLU A 1 28 ? 20.746  -9.999  6.673   0.43 33.67  ? 29  GLU A CG  1 
ATOM   256 C CD  A GLU A 1 28 ? 22.660  -10.971 8.762   0.57 34.01  ? 29  GLU A CD  1 
ATOM   257 C CD  B GLU A 1 28 ? 22.219  -10.314 6.431   0.43 40.61  ? 29  GLU A CD  1 
ATOM   258 O OE1 A GLU A 1 28 ? 22.545  -12.152 8.321   0.57 42.41  ? 29  GLU A OE1 1 
ATOM   259 O OE1 B GLU A 1 28 ? 22.838  -11.018 7.258   0.43 44.76  ? 29  GLU A OE1 1 
ATOM   260 O OE2 A GLU A 1 28 ? 23.751  -10.532 9.211   0.57 36.53  ? 29  GLU A OE2 1 
ATOM   261 O OE2 B GLU A 1 28 ? 22.769  -9.846  5.405   0.43 46.47  ? 29  GLU A OE2 1 
ATOM   262 N N   . LEU A 1 29 ? 17.320  -11.649 7.682   1.00 22.09  ? 30  LEU A N   1 
ATOM   263 C CA  . LEU A 1 29 ? 16.247  -12.205 6.870   1.00 20.56  ? 30  LEU A CA  1 
ATOM   264 C C   . LEU A 1 29 ? 14.932  -11.413 7.034   1.00 20.00  ? 30  LEU A C   1 
ATOM   265 O O   . LEU A 1 29 ? 14.220  -11.123 6.043   1.00 22.72  ? 30  LEU A O   1 
ATOM   266 C CB  . LEU A 1 29 ? 16.049  -13.714 7.197   1.00 21.38  ? 30  LEU A CB  1 
ATOM   267 C CG  . LEU A 1 29 ? 14.953  -14.452 6.407   1.00 23.47  ? 30  LEU A CG  1 
ATOM   268 C CD1 . LEU A 1 29 ? 15.129  -14.359 4.875   1.00 24.44  ? 30  LEU A CD1 1 
ATOM   269 C CD2 . LEU A 1 29 ? 14.935  -15.899 6.841   1.00 26.22  ? 30  LEU A CD2 1 
ATOM   270 N N   . PHE A 1 30 ? 14.615  -11.049 8.269   1.00 20.88  ? 31  PHE A N   1 
ATOM   271 C CA  . PHE A 1 30 ? 13.397  -10.297 8.557   1.00 20.66  ? 31  PHE A CA  1 
ATOM   272 C C   . PHE A 1 30 ? 13.429  -8.944  7.859   1.00 21.78  ? 31  PHE A C   1 
ATOM   273 O O   . PHE A 1 30 ? 12.403  -8.523  7.314   1.00 21.84  ? 31  PHE A O   1 
ATOM   274 C CB  . PHE A 1 30 ? 13.204  -10.139 10.066  1.00 22.29  ? 31  PHE A CB  1 
ATOM   275 C CG  . PHE A 1 30 ? 11.858  -9.540  10.480  1.00 24.00  ? 31  PHE A CG  1 
ATOM   276 C CD1 . PHE A 1 30 ? 10.689  -10.300 10.463  1.00 29.59  ? 31  PHE A CD1 1 
ATOM   277 C CD2 . PHE A 1 30 ? 11.763  -8.223  10.887  1.00 25.63  ? 31  PHE A CD2 1 
ATOM   278 C CE1 . PHE A 1 30 ? 9.487   -9.767  10.870  1.00 31.49  ? 31  PHE A CE1 1 
ATOM   279 C CE2 . PHE A 1 30 ? 10.559  -7.695  11.293  1.00 31.42  ? 31  PHE A CE2 1 
ATOM   280 C CZ  . PHE A 1 30 ? 9.407   -8.456  11.267  1.00 30.97  ? 31  PHE A CZ  1 
ATOM   281 N N   . LEU A 1 31 ? 14.603  -8.316  7.829   1.00 23.44  ? 32  LEU A N   1 
ATOM   282 C CA  . LEU A 1 31 ? 14.807  -7.049  7.125   1.00 23.17  ? 32  LEU A CA  1 
ATOM   283 C C   . LEU A 1 31 ? 14.411  -7.231  5.650   1.00 25.89  ? 32  LEU A C   1 
ATOM   284 O O   . LEU A 1 31 ? 13.616  -6.443  5.092   1.00 27.15  ? 32  LEU A O   1 
ATOM   285 C CB  . LEU A 1 31 ? 16.270  -6.614  7.247   1.00 26.27  ? 32  LEU A CB  1 
ATOM   286 C CG  . LEU A 1 31 ? 16.739  -5.344  6.487   1.00 29.13  ? 32  LEU A CG  1 
ATOM   287 C CD1 . LEU A 1 31 ? 15.912  -4.126  6.823   1.00 33.43  ? 32  LEU A CD1 1 
ATOM   288 C CD2 . LEU A 1 31 ? 18.207  -5.047  6.743   1.00 31.71  ? 32  LEU A CD2 1 
ATOM   289 N N   . GLN A 1 32 ? 14.939  -8.284  5.024   1.00 24.12  ? 33  GLN A N   1 
ATOM   290 C CA  . GLN A 1 32 ? 14.618  -8.522  3.618   1.00 23.06  ? 33  GLN A CA  1 
ATOM   291 C C   . GLN A 1 32 ? 13.127  -8.783  3.363   1.00 23.68  ? 33  GLN A C   1 
ATOM   292 O O   . GLN A 1 32 ? 12.575  -8.282  2.403   1.00 25.16  ? 33  GLN A O   1 
ATOM   293 C CB  . GLN A 1 32 ? 15.452  -9.647  3.062   1.00 26.05  ? 33  GLN A CB  1 
ATOM   294 C CG  . GLN A 1 32 ? 16.943  -9.333  3.094   1.00 28.26  ? 33  GLN A CG  1 
ATOM   295 C CD  . GLN A 1 32 ? 17.730  -10.490 2.647   1.00 35.35  ? 33  GLN A CD  1 
ATOM   296 O OE1 . GLN A 1 32 ? 17.573  -11.598 3.196   1.00 51.19  ? 33  GLN A OE1 1 
ATOM   297 N NE2 . GLN A 1 32 ? 18.609  -10.279 1.663   1.00 47.23  ? 33  GLN A NE2 1 
ATOM   298 N N   . LEU A 1 33 ? 12.481  -9.568  4.222   1.00 21.86  ? 34  LEU A N   1 
ATOM   299 C CA  . LEU A 1 33 ? 11.075  -9.838  4.047   1.00 23.90  ? 34  LEU A CA  1 
ATOM   300 C C   . LEU A 1 33 ? 10.201  -8.608  4.325   1.00 23.94  ? 34  LEU A C   1 
ATOM   301 O O   . LEU A 1 33 ? 9.239   -8.360  3.612   1.00 28.11  ? 34  LEU A O   1 
ATOM   302 C CB  . LEU A 1 33 ? 10.633  -11.002 4.909   1.00 23.92  ? 34  LEU A CB  1 
ATOM   303 C CG  . LEU A 1 33 ? 11.387  -12.300 4.618   1.00 23.57  ? 34  LEU A CG  1 
ATOM   304 C CD1 . LEU A 1 33 ? 11.050  -13.297 5.734   1.00 24.85  ? 34  LEU A CD1 1 
ATOM   305 C CD2 . LEU A 1 33 ? 11.084  -12.832 3.229   1.00 26.91  ? 34  LEU A CD2 1 
ATOM   306 N N   . GLU A 1 34 ? 10.530  -7.849  5.352   1.00 23.82  ? 35  GLU A N   1 
ATOM   307 C CA  . GLU A 1 34 ? 9.860   -6.569  5.620   1.00 24.44  ? 35  GLU A CA  1 
ATOM   308 C C   . GLU A 1 34 ? 10.000  -5.595  4.467   1.00 24.21  ? 35  GLU A C   1 
ATOM   309 O O   . GLU A 1 34 ? 9.030   -4.912  4.065   1.00 31.01  ? 35  GLU A O   1 
ATOM   310 C CB  . GLU A 1 34 ? 10.450  -5.932  6.873   1.00 26.15  ? 35  GLU A CB  1 
ATOM   311 C CG  . GLU A 1 34 ? 9.953   -6.526  8.183   1.00 32.83  ? 35  GLU A CG  1 
ATOM   312 C CD  . GLU A 1 34 ? 8.630   -5.929  8.680   1.00 42.40  ? 35  GLU A CD  1 
ATOM   313 O OE1 . GLU A 1 34 ? 8.659   -4.974  9.538   1.00 45.47  ? 35  GLU A OE1 1 
ATOM   314 O OE2 . GLU A 1 34 ? 7.565   -6.446  8.231   1.00 46.02  ? 35  GLU A OE2 1 
ATOM   315 N N   . THR A 1 35 ? 11.202  -5.523  3.916   1.00 25.62  ? 36  THR A N   1 
ATOM   316 C CA  . THR A 1 35 ? 11.472  -4.630  2.785   1.00 26.43  ? 36  THR A CA  1 
ATOM   317 C C   . THR A 1 35 ? 10.596  -5.037  1.608   1.00 23.38  ? 36  THR A C   1 
ATOM   318 O O   . THR A 1 35 ? 10.015  -4.183  0.942   1.00 28.73  ? 36  THR A O   1 
ATOM   319 C CB  . THR A 1 35 ? 12.984  -4.642  2.439   1.00 29.96  ? 36  THR A CB  1 
ATOM   320 O OG1 . THR A 1 35 ? 13.736  -4.077  3.547   1.00 30.84  ? 36  THR A OG1 1 
ATOM   321 C CG2 . THR A 1 35 ? 13.289  -3.851  1.172   1.00 35.17  ? 36  THR A CG2 1 
ATOM   322 N N   . GLU A 1 36 ? 10.485  -6.347  1.348   1.00 24.85  ? 37  GLU A N   1 
ATOM   323 C CA  . GLU A 1 36 ? 9.610   -6.801  0.254   1.00 25.03  ? 37  GLU A CA  1 
ATOM   324 C C   . GLU A 1 36 ? 8.158   -6.403  0.482   1.00 25.17  ? 37  GLU A C   1 
ATOM   325 O O   . GLU A 1 36 ? 7.426   -6.042  -0.482  1.00 29.64  ? 37  GLU A O   1 
ATOM   326 C CB  . GLU A 1 36 ? 9.718   -8.343  0.070   1.00 28.67  ? 37  GLU A CB  1 
ATOM   327 C CG  . GLU A 1 36 ? 8.752   -8.885  -0.989  1.00 34.41  ? 37  GLU A CG  1 
ATOM   328 C CD  . GLU A 1 36 ? 9.057   -8.392  -2.399  1.00 45.90  ? 37  GLU A CD  1 
ATOM   329 O OE1 . GLU A 1 36 ? 10.156  -7.828  -2.638  1.00 52.93  ? 37  GLU A OE1 1 
ATOM   330 O OE2 . GLU A 1 36 ? 8.186   -8.574  -3.279  1.00 69.70  ? 37  GLU A OE2 1 
ATOM   331 N N   . GLN A 1 37 ? 7.693   -6.480  1.718   1.00 25.11  ? 38  GLN A N   1 
ATOM   332 C CA  . GLN A 1 37 ? 6.312   -6.097  2.013   1.00 27.67  ? 38  GLN A CA  1 
ATOM   333 C C   . GLN A 1 37 ? 6.096   -4.599  1.762   1.00 26.43  ? 38  GLN A C   1 
ATOM   334 O O   . GLN A 1 37 ? 5.112   -4.206  1.151   1.00 26.93  ? 38  GLN A O   1 
ATOM   335 C CB  . GLN A 1 37 ? 5.903   -6.510  3.437   1.00 29.97  ? 38  GLN A CB  1 
ATOM   336 C CG  . GLN A 1 37 ? 4.433   -6.266  3.782   1.00 32.87  ? 38  GLN A CG  1 
ATOM   337 C CD  . GLN A 1 37 ? 3.426   -7.016  2.894   1.00 37.12  ? 38  GLN A CD  1 
ATOM   338 O OE1 . GLN A 1 37 ? 3.376   -8.274  2.853   1.00 43.83  ? 38  GLN A OE1 1 
ATOM   339 N NE2 . GLN A 1 37 ? 2.589   -6.253  2.197   1.00 38.77  ? 38  GLN A NE2 1 
ATOM   340 N N   . VAL A 1 38 ? 7.031   -3.774  2.209   1.00 25.75  ? 39  VAL A N   1 
ATOM   341 C CA  . VAL A 1 38 ? 7.006   -2.327  1.911   1.00 25.92  ? 39  VAL A CA  1 
ATOM   342 C C   . VAL A 1 38 ? 6.934   -2.057  0.380   1.00 24.84  ? 39  VAL A C   1 
ATOM   343 O O   . VAL A 1 38 ? 6.163   -1.206  -0.089  1.00 27.46  ? 39  VAL A O   1 
ATOM   344 C CB  . VAL A 1 38 ? 8.226   -1.643  2.606   1.00 28.82  ? 39  VAL A CB  1 
ATOM   345 C CG1 . VAL A 1 38 ? 8.499   -0.307  2.001   1.00 35.02  ? 39  VAL A CG1 1 
ATOM   346 C CG2 . VAL A 1 38 ? 7.976   -1.602  4.106   1.00 31.06  ? 39  VAL A CG2 1 
ATOM   347 N N   . GLU A 1 39 ? 7.689   -2.824  -0.398  1.00 26.23  ? 40  GLU A N   1 
ATOM   348 C CA  . GLU A 1 39 ? 7.661   -2.706  -1.867  1.00 26.60  ? 40  GLU A CA  1 
ATOM   349 C C   . GLU A 1 39 ? 6.284   -3.114  -2.432  1.00 28.06  ? 40  GLU A C   1 
ATOM   350 O O   . GLU A 1 39 ? 5.763   -2.425  -3.330  1.00 26.34  ? 40  GLU A O   1 
ATOM   351 C CB  . GLU A 1 39 ? 8.792   -3.524  -2.537  1.00 33.32  ? 40  GLU A CB  1 
ATOM   352 C CG  . GLU A 1 39 ? 10.201  -3.074  -2.205  1.00 38.95  ? 40  GLU A CG  1 
ATOM   353 C CD  . GLU A 1 39 ? 10.666  -1.806  -2.942  1.00 44.02  ? 40  GLU A CD  1 
ATOM   354 O OE1 . GLU A 1 39 ? 10.023  -1.397  -3.948  1.00 49.43  ? 40  GLU A OE1 1 
ATOM   355 O OE2 . GLU A 1 39 ? 11.701  -1.234  -2.508  1.00 57.01  ? 40  GLU A OE2 1 
ATOM   356 N N   . ARG A 1 40 ? 5.705   -4.206  -1.903  1.00 26.81  ? 41  ARG A N   1 
ATOM   357 C CA  . ARG A 1 40 ? 4.351   -4.652  -2.314  1.00 28.78  ? 41  ARG A CA  1 
ATOM   358 C C   . ARG A 1 40 ? 3.320   -3.568  -2.035  1.00 27.34  ? 41  ARG A C   1 
ATOM   359 O O   . ARG A 1 40 ? 2.424   -3.315  -2.837  1.00 27.60  ? 41  ARG A O   1 
ATOM   360 C CB  . ARG A 1 40 ? 3.938   -5.987  -1.631  1.00 28.88  ? 41  ARG A CB  1 
ATOM   361 C CG  . ARG A 1 40 ? 4.641   -7.188  -2.255  1.00 35.53  ? 41  ARG A CG  1 
ATOM   362 C CD  . ARG A 1 40 ? 4.033   -8.560  -1.882  1.00 39.04  ? 41  ARG A CD  1 
ATOM   363 N NE  . ARG A 1 40 ? 4.214   -8.802  -0.462  1.00 41.79  ? 41  ARG A NE  1 
ATOM   364 C CZ  . ARG A 1 40 ? 5.191   -9.538  0.100   1.00 38.37  ? 41  ARG A CZ  1 
ATOM   365 N NH1 . ARG A 1 40 ? 6.069   -10.213 -0.633  1.00 44.70  ? 41  ARG A NH1 1 
ATOM   366 N NH2 . ARG A 1 40 ? 5.277   -9.634  1.432   1.00 37.02  ? 41  ARG A NH2 1 
ATOM   367 N N   . ASN A 1 41 ? 3.472   -2.909  -0.901  1.00 26.87  ? 42  ASN A N   1 
ATOM   368 C CA  . ASN A 1 41 ? 2.514   -1.888  -0.499  1.00 26.56  ? 42  ASN A CA  1 
ATOM   369 C C   . ASN A 1 41 ? 2.568   -0.698  -1.430  1.00 25.47  ? 42  ASN A C   1 
ATOM   370 O O   . ASN A 1 41 ? 1.525   -0.083  -1.748  1.00 29.36  ? 42  ASN A O   1 
ATOM   371 C CB  . ASN A 1 41 ? 2.789   -1.449  0.913   1.00 29.38  ? 42  ASN A CB  1 
ATOM   372 C CG  . ASN A 1 41 ? 2.548   -2.552  1.936   1.00 30.65  ? 42  ASN A CG  1 
ATOM   373 O OD1 . ASN A 1 41 ? 1.860   -3.549  1.680   1.00 35.36  ? 42  ASN A OD1 1 
ATOM   374 N ND2 . ASN A 1 41 ? 3.106   -2.365  3.106   1.00 37.98  ? 42  ASN A ND2 1 
ATOM   375 N N   . TYR A 1 42 ? 3.791   -0.379  -1.864  1.00 23.84  ? 43  TYR A N   1 
ATOM   376 C CA  . TYR A 1 42 ? 4.040   0.682   -2.848  1.00 22.68  ? 43  TYR A CA  1 
ATOM   377 C C   . TYR A 1 42 ? 3.354   0.353   -4.191  1.00 23.56  ? 43  TYR A C   1 
ATOM   378 O O   . TYR A 1 42 ? 2.637   1.168   -4.754  1.00 25.75  ? 43  TYR A O   1 
ATOM   379 C CB  . TYR A 1 42 ? 5.542   0.888   -3.012  1.00 25.05  ? 43  TYR A CB  1 
ATOM   380 C CG  . TYR A 1 42 ? 5.984   1.737   -4.196  1.00 26.23  ? 43  TYR A CG  1 
ATOM   381 C CD1 . TYR A 1 42 ? 5.615   3.079   -4.290  1.00 28.21  ? 43  TYR A CD1 1 
ATOM   382 C CD2 . TYR A 1 42 ? 6.837   1.215   -5.184  1.00 32.91  ? 43  TYR A CD2 1 
ATOM   383 C CE1 . TYR A 1 42 ? 6.053   3.877   -5.336  1.00 34.18  ? 43  TYR A CE1 1 
ATOM   384 C CE2 . TYR A 1 42 ? 7.284   2.003   -6.242  1.00 39.30  ? 43  TYR A CE2 1 
ATOM   385 C CZ  . TYR A 1 42 ? 6.888   3.343   -6.312  1.00 41.41  ? 43  TYR A CZ  1 
ATOM   386 O OH  . TYR A 1 42 ? 7.309   4.152   -7.357  1.00 51.05  ? 43  TYR A OH  1 
ATOM   387 N N   . ILE A 1 43 ? 3.563   -0.868  -4.677  1.00 26.13  ? 44  ILE A N   1 
ATOM   388 C CA  . ILE A 1 43 ? 2.938   -1.316  -5.938  1.00 25.38  ? 44  ILE A CA  1 
ATOM   389 C C   . ILE A 1 43 ? 1.426   -1.251  -5.862  1.00 25.73  ? 44  ILE A C   1 
ATOM   390 O O   . ILE A 1 43 ? 0.755   -0.804  -6.804  1.00 27.01  ? 44  ILE A O   1 
ATOM   391 C CB  . ILE A 1 43 ? 3.394   -2.757  -6.293  1.00 26.77  ? 44  ILE A CB  1 
ATOM   392 C CG1 . ILE A 1 43 ? 4.901   -2.792  -6.528  1.00 34.15  ? 44  ILE A CG1 1 
ATOM   393 C CG2 . ILE A 1 43 ? 2.634   -3.324  -7.518  1.00 29.65  ? 44  ILE A CG2 1 
ATOM   394 C CD1 . ILE A 1 43 ? 5.431   -1.782  -7.541  1.00 41.34  ? 44  ILE A CD1 1 
ATOM   395 N N   . LYS A 1 44 ? 0.893   -1.698  -4.732  1.00 25.19  ? 45  LYS A N   1 
ATOM   396 C CA  . LYS A 1 44 ? -0.541  -1.696  -4.468  1.00 27.32  ? 45  LYS A CA  1 
ATOM   397 C C   . LYS A 1 44 ? -1.102  -0.285  -4.490  1.00 25.82  ? 45  LYS A C   1 
ATOM   398 O O   . LYS A 1 44 ? -2.167  -0.015  -5.060  1.00 27.34  ? 45  LYS A O   1 
ATOM   399 C CB  . LYS A 1 44 ? -0.748  -2.322  -3.115  1.00 33.70  ? 45  LYS A CB  1 
ATOM   400 C CG  . LYS A 1 44 ? -2.155  -2.460  -2.617  1.00 41.10  ? 45  LYS A CG  1 
ATOM   401 C CD  . LYS A 1 44 ? -2.154  -3.160  -1.259  1.00 54.15  ? 45  LYS A CD  1 
ATOM   402 C CE  . LYS A 1 44 ? -3.439  -3.922  -1.011  1.00 68.18  ? 45  LYS A CE  1 
ATOM   403 N NZ  . LYS A 1 44 ? -4.707  -3.150  -1.188  1.00 77.00  ? 45  LYS A NZ  1 
ATOM   404 N N   . GLU A 1 45 ? -0.413  0.620   -3.839  1.00 26.04  ? 46  GLU A N   1 
ATOM   405 C CA  . GLU A 1 45 ? -0.855  2.036   -3.796  1.00 22.37  ? 46  GLU A CA  1 
ATOM   406 C C   . GLU A 1 45 ? -0.843  2.711   -5.159  1.00 22.79  ? 46  GLU A C   1 
ATOM   407 O O   . GLU A 1 45 ? -1.780  3.452   -5.486  1.00 24.04  ? 46  GLU A O   1 
ATOM   408 C CB  . GLU A 1 45 ? -0.010  2.825   -2.814  1.00 22.31  ? 46  GLU A CB  1 
ATOM   409 C CG  . GLU A 1 45 ? -0.271  4.349   -2.844  1.00 23.11  ? 46  GLU A CG  1 
ATOM   410 C CD  . GLU A 1 45 ? -1.636  4.798   -2.331  1.00 24.43  ? 46  GLU A CD  1 
ATOM   411 O OE1 . GLU A 1 45 ? -2.498  3.960   -1.986  1.00 28.89  ? 46  GLU A OE1 1 
ATOM   412 O OE2 . GLU A 1 45 ? -1.864  6.041   -2.283  1.00 27.65  ? 46  GLU A OE2 1 
ATOM   413 N N   . LYS A 1 46 ? 0.187   2.452   -5.956  1.00 21.89  ? 47  LYS A N   1 
ATOM   414 C CA  . LYS A 1 46 ? 0.256   2.995   -7.309  1.00 22.69  ? 47  LYS A CA  1 
ATOM   415 C C   . LYS A 1 46 ? -0.891  2.436   -8.130  1.00 21.63  ? 47  LYS A C   1 
ATOM   416 O O   . LYS A 1 46 ? -1.523  3.181   -8.848  1.00 21.93  ? 47  LYS A O   1 
ATOM   417 C CB  . LYS A 1 46 ? 1.605   2.710   -7.986  1.00 26.73  ? 47  LYS A CB  1 
ATOM   418 C CG  . LYS A 1 46 ? 2.781   3.535   -7.424  1.00 30.99  ? 47  LYS A CG  1 
ATOM   419 C CD  . LYS A 1 46 ? 3.991   3.502   -8.336  1.00 35.12  ? 47  LYS A CD  1 
ATOM   420 C CE  . LYS A 1 46 ? 4.528   2.078   -8.470  1.00 40.38  ? 47  LYS A CE  1 
ATOM   421 N NZ  . LYS A 1 46 ? 5.716   2.047   -9.340  1.00 42.40  ? 47  LYS A NZ  1 
ATOM   422 N N   . LYS A 1 47 ? -1.181  1.140   -8.015  1.00 23.17  ? 48  LYS A N   1 
ATOM   423 C CA  . LYS A 1 47 ? -2.345  0.561   -8.748  1.00 26.08  ? 48  LYS A CA  1 
ATOM   424 C C   . LYS A 1 47 ? -3.672  1.238   -8.344  1.00 24.66  ? 48  LYS A C   1 
ATOM   425 O O   . LYS A 1 47 ? -4.498  1.563   -9.220  1.00 25.39  ? 48  LYS A O   1 
ATOM   426 C CB  . LYS A 1 47 ? -2.420  -0.961  -8.563  1.00 29.94  ? 48  LYS A CB  1 
ATOM   427 C CG  . LYS A 1 47 ? -1.363  -1.689  -9.375  1.00 37.44  ? 48  LYS A CG  1 
ATOM   428 C CD  . LYS A 1 47 ? -1.446  -3.214  -9.300  1.00 45.87  ? 48  LYS A CD  1 
ATOM   429 C CE  . LYS A 1 47 ? -0.194  -3.892  -9.884  1.00 49.48  ? 48  LYS A CE  1 
ATOM   430 N NZ  . LYS A 1 47 ? -0.066  -5.351  -9.511  1.00 57.27  ? 48  LYS A NZ  1 
ATOM   431 N N   . ALA A 1 48 ? -3.845  1.468   -7.038  1.00 24.73  ? 49  ALA A N   1 
ATOM   432 C CA  . ALA A 1 48 ? -5.009  2.139   -6.490  1.00 24.98  ? 49  ALA A CA  1 
ATOM   433 C C   . ALA A 1 48 ? -5.117  3.590   -7.010  1.00 24.65  ? 49  ALA A C   1 
ATOM   434 O O   . ALA A 1 48 ? -6.220  4.044   -7.331  1.00 23.58  ? 49  ALA A O   1 
ATOM   435 C CB  . ALA A 1 48 ? -4.986  2.104   -4.965  1.00 26.68  ? 49  ALA A CB  1 
ATOM   436 N N   . ALA A 1 49 ? -3.970  4.270   -7.149  1.00 22.64  ? 50  ALA A N   1 
ATOM   437 C CA  . ALA A 1 49 ? -3.900  5.663   -7.676  1.00 21.13  ? 50  ALA A CA  1 
ATOM   438 C C   . ALA A 1 49 ? -4.302  5.681   -9.147  1.00 21.68  ? 50  ALA A C   1 
ATOM   439 O O   . ALA A 1 49 ? -5.096  6.527   -9.560  1.00 22.95  ? 50  ALA A O   1 
ATOM   440 C CB  . ALA A 1 49 ? -2.503  6.239   -7.537  1.00 23.25  ? 50  ALA A CB  1 
ATOM   441 N N   . VAL A 1 50 ? -3.782  4.729   -9.934  1.00 22.64  ? 51  VAL A N   1 
ATOM   442 C CA  . VAL A 1 50 ? -4.155  4.639   -11.369 1.00 22.99  ? 51  VAL A CA  1 
ATOM   443 C C   . VAL A 1 50 ? -5.658  4.377   -11.516 1.00 24.55  ? 51  VAL A C   1 
ATOM   444 O O   . VAL A 1 50 ? -6.328  5.024   -12.346 1.00 25.63  ? 51  VAL A O   1 
ATOM   445 C CB  . VAL A 1 50 ? -3.339  3.547   -12.137 1.00 25.41  ? 51  VAL A CB  1 
ATOM   446 C CG1 . VAL A 1 50 ? -3.859  3.326   -13.583 1.00 28.32  ? 51  VAL A CG1 1 
ATOM   447 C CG2 . VAL A 1 50 ? -1.870  3.902   -12.165 1.00 28.26  ? 51  VAL A CG2 1 
ATOM   448 N N   . LYS A 1 51 ? -6.194  3.456   -10.702 1.00 23.57  ? 52  LYS A N   1 
ATOM   449 C CA  . LYS A 1 51 ? -7.627  3.105   -10.733 1.00 26.06  ? 52  LYS A CA  1 
ATOM   450 C C   . LYS A 1 51 ? -8.525  4.294   -10.355 1.00 23.71  ? 52  LYS A C   1 
ATOM   451 O O   . LYS A 1 51 ? -9.569  4.549   -11.016 1.00 26.16  ? 52  LYS A O   1 
ATOM   452 C CB  . LYS A 1 51 ? -7.941  1.913   -9.818  1.00 28.14  ? 52  LYS A CB  1 
ATOM   453 C CG  . LYS A 1 51 ? -9.399  1.479   -9.809  1.00 33.37  ? 52  LYS A CG  1 
ATOM   454 C CD  . LYS A 1 51 ? -9.694  0.520   -8.662  1.00 38.89  ? 52  LYS A CD  1 
ATOM   455 C CE  . LYS A 1 51 ? -11.070 -0.123  -8.779  1.00 45.78  ? 52  LYS A CE  1 
ATOM   456 N NZ  . LYS A 1 51 ? -12.277 0.757   -8.807  1.00 48.80  ? 52  LYS A NZ  1 
ATOM   457 N N   . GLU A 1 52 ? -8.147  4.986   -9.298  1.00 23.91  ? 53  GLU A N   1 
ATOM   458 C CA  . GLU A 1 52 ? -8.826  6.208   -8.899  1.00 25.83  ? 53  GLU A CA  1 
ATOM   459 C C   . GLU A 1 52 ? -8.843  7.237   -10.021 1.00 22.09  ? 53  GLU A C   1 
ATOM   460 O O   . GLU A 1 52 ? -9.913  7.804   -10.299 1.00 26.11  ? 53  GLU A O   1 
ATOM   461 C CB  . GLU A 1 52 ? -8.180  6.832   -7.622  1.00 24.77  ? 53  GLU A CB  1 
ATOM   462 C CG  . GLU A 1 52 ? -8.750  8.197   -7.261  1.00 26.90  ? 53  GLU A CG  1 
ATOM   463 C CD  . GLU A 1 52 ? -8.067  8.852   -6.049  1.00 26.99  ? 53  GLU A CD  1 
ATOM   464 O OE1 . GLU A 1 52 ? -6.818  8.995   -6.043  1.00 27.99  ? 53  GLU A OE1 1 
ATOM   465 O OE2 . GLU A 1 52 ? -8.788  9.246   -5.105  1.00 34.74  ? 53  GLU A OE2 1 
ATOM   466 N N   . PHE A 1 53 ? -7.688  7.480   -10.642 1.00 22.22  ? 54  PHE A N   1 
ATOM   467 C CA  . PHE A 1 53 ? -7.566  8.438   -11.759 1.00 21.09  ? 54  PHE A CA  1 
ATOM   468 C C   . PHE A 1 53 ? -8.532  8.065   -12.859 1.00 22.33  ? 54  PHE A C   1 
ATOM   469 O O   . PHE A 1 53 ? -9.326  8.895   -13.317 1.00 22.38  ? 54  PHE A O   1 
ATOM   470 C CB  . PHE A 1 53 ? -6.119  8.463   -12.274 1.00 25.04  ? 54  PHE A CB  1 
ATOM   471 C CG  . PHE A 1 53 ? -5.802  9.553   -13.298 1.00 23.27  ? 54  PHE A CG  1 
ATOM   472 C CD1 . PHE A 1 53 ? -6.470  10.778  -13.316 1.00 23.36  ? 54  PHE A CD1 1 
ATOM   473 C CD2 . PHE A 1 53 ? -4.776  9.364   -14.197 1.00 23.88  ? 54  PHE A CD2 1 
ATOM   474 C CE1 . PHE A 1 53 ? -6.129  11.748  -14.236 1.00 24.62  ? 54  PHE A CE1 1 
ATOM   475 C CE2 . PHE A 1 53 ? -4.426  10.327  -15.114 1.00 27.15  ? 54  PHE A CE2 1 
ATOM   476 C CZ  . PHE A 1 53 ? -5.108  11.535  -15.139 1.00 25.27  ? 54  PHE A CZ  1 
ATOM   477 N N   . GLU A 1 54 ? -8.487  6.788   -13.253 1.00 21.40  ? 55  GLU A N   1 
ATOM   478 C CA  . GLU A 1 54 ? -9.296  6.302   -14.364 1.00 22.61  ? 55  GLU A CA  1 
ATOM   479 C C   . GLU A 1 54 ? -10.781 6.367   -14.033 1.00 23.72  ? 55  GLU A C   1 
ATOM   480 O O   . GLU A 1 54 ? -11.573 6.786   -14.875 1.00 22.79  ? 55  GLU A O   1 
ATOM   481 C CB  . GLU A 1 54 ? -8.858  4.882   -14.726 1.00 27.07  ? 55  GLU A CB  1 
ATOM   482 C CG  . GLU A 1 54 ? -7.534  4.922   -15.481 1.00 31.67  ? 55  GLU A CG  1 
ATOM   483 C CD  . GLU A 1 54 ? -6.963  3.562   -15.809 1.00 43.63  ? 55  GLU A CD  1 
ATOM   484 O OE1 . GLU A 1 54 ? -7.496  2.519   -15.329 1.00 50.03  ? 55  GLU A OE1 1 
ATOM   485 O OE2 . GLU A 1 54 ? -5.953  3.557   -16.551 1.00 60.59  ? 55  GLU A OE2 1 
ATOM   486 N N   . ASP A 1 55 ? -11.156 5.979   -12.810 1.00 23.25  ? 56  ASP A N   1 
ATOM   487 C CA  . ASP A 1 55 ? -12.548 5.996   -12.371 1.00 25.13  ? 56  ASP A CA  1 
ATOM   488 C C   . ASP A 1 55 ? -13.089 7.432   -12.353 1.00 22.74  ? 56  ASP A C   1 
ATOM   489 O O   . ASP A 1 55 ? -14.188 7.694   -12.846 1.00 26.58  ? 56  ASP A O   1 
ATOM   490 C CB  . ASP A 1 55 ? -12.704 5.368   -10.982 1.00 28.94  ? 56  ASP A CB  1 
ATOM   491 C CG  . ASP A 1 55 ? -12.522 3.846   -10.980 1.00 32.52  ? 56  ASP A CG  1 
ATOM   492 O OD1 . ASP A 1 55 ? -12.465 3.222   -12.077 1.00 33.96  ? 56  ASP A OD1 1 
ATOM   493 O OD2 . ASP A 1 55 ? -12.446 3.270   -9.844  1.00 36.02  ? 56  ASP A OD2 1 
ATOM   494 N N   . LYS A 1 56 ? -12.300 8.349   -11.798 1.00 21.28  ? 57  LYS A N   1 
ATOM   495 C CA  . LYS A 1 56 ? -12.710 9.770   -11.718 1.00 21.18  ? 57  LYS A CA  1 
ATOM   496 C C   . LYS A 1 56 ? -12.836 10.409  -13.081 1.00 21.90  ? 57  LYS A C   1 
ATOM   497 O O   . LYS A 1 56 ? -13.704 11.249  -13.304 1.00 25.96  ? 57  LYS A O   1 
ATOM   498 C CB  . LYS A 1 56 ? -11.773 10.577  -10.810 1.00 22.91  ? 57  LYS A CB  1 
ATOM   499 C CG  . LYS A 1 56 ? -12.057 10.274  -9.364  1.00 26.65  ? 57  LYS A CG  1 
ATOM   500 C CD  . LYS A 1 56 ? -11.244 11.174  -8.434  1.00 29.32  ? 57  LYS A CD  1 
ATOM   501 C CE  . LYS A 1 56 ? -11.462 10.805  -6.980  1.00 30.84  ? 57  LYS A CE  1 
ATOM   502 N NZ  . LYS A 1 56 ? -10.823 11.824  -6.113  1.00 35.65  ? 57  LYS A NZ  1 
ATOM   503 N N   . LYS A 1 57 ? -11.969 10.012  -14.001 1.00 20.12  ? 58  LYS A N   1 
ATOM   504 C CA  . LYS A 1 57 ? -12.052 10.514  -15.382 1.00 19.51  ? 58  LYS A CA  1 
ATOM   505 C C   . LYS A 1 57 ? -13.303 10.035  -16.079 1.00 19.79  ? 58  LYS A C   1 
ATOM   506 O O   . LYS A 1 57 ? -13.935 10.809  -16.789 1.00 21.72  ? 58  LYS A O   1 
ATOM   507 C CB  . LYS A 1 57 ? -10.822 10.162  -16.197 1.00 21.82  ? 58  LYS A CB  1 
ATOM   508 C CG  . LYS A 1 57 ? -9.614  11.060  -15.951 1.00 22.52  ? 58  LYS A CG  1 
ATOM   509 C CD  . LYS A 1 57 ? -8.522  10.778  -16.914 1.00 25.05  ? 58  LYS A CD  1 
ATOM   510 C CE  . LYS A 1 57 ? -7.923  9.398   -16.694 1.00 30.24  ? 58  LYS A CE  1 
ATOM   511 N NZ  . LYS A 1 57 ? -6.809  9.139   -17.648 1.00 32.69  ? 58  LYS A NZ  1 
ATOM   512 N N   . VAL A 1 58 ? -13.671 8.772   -15.881 1.00 21.01  ? 59  VAL A N   1 
ATOM   513 C CA  . VAL A 1 58 ? -14.962 8.252   -16.388 1.00 22.66  ? 59  VAL A CA  1 
ATOM   514 C C   . VAL A 1 58 ? -16.142 9.055   -15.849 1.00 21.88  ? 59  VAL A C   1 
ATOM   515 O O   . VAL A 1 58 ? -17.011 9.478   -16.610 1.00 24.33  ? 59  VAL A O   1 
ATOM   516 C CB  . VAL A 1 58 ? -15.156 6.748   -16.066 1.00 23.82  ? 59  VAL A CB  1 
ATOM   517 C CG1 . VAL A 1 58 ? -16.578 6.297   -16.357 1.00 26.60  ? 59  VAL A CG1 1 
ATOM   518 C CG2 . VAL A 1 58 ? -14.181 5.897   -16.879 1.00 23.84  ? 59  VAL A CG2 1 
ATOM   519 N N   . GLU A 1 59 ? -16.140 9.289   -14.535 1.00 24.44  ? 60  GLU A N   1 
ATOM   520 C CA  . GLU A 1 59 ? -17.205 9.988   -13.860 1.00 26.76  ? 60  GLU A CA  1 
ATOM   521 C C   . GLU A 1 59 ? -17.318 11.410  -14.411 1.00 26.31  ? 60  GLU A C   1 
ATOM   522 O O   . GLU A 1 59 ? -18.429 11.900  -14.662 1.00 26.36  ? 60  GLU A O   1 
ATOM   523 C CB  . GLU A 1 59 ? -16.928 9.991   -12.358 1.00 30.59  ? 60  GLU A CB  1 
ATOM   524 C CG  . GLU A 1 59 ? -18.052 10.570  -11.521 1.00 41.92  ? 60  GLU A CG  1 
ATOM   525 C CD  . GLU A 1 59 ? -17.623 10.892  -10.099 1.00 57.64  ? 60  GLU A CD  1 
ATOM   526 O OE1 . GLU A 1 59 ? -16.649 10.274  -9.584  1.00 66.90  ? 60  GLU A OE1 1 
ATOM   527 O OE2 . GLU A 1 59 ? -18.274 11.785  -9.512  1.00 70.90  ? 60  GLU A OE2 1 
ATOM   528 N N   . LEU A 1 60 ? -16.178 12.067  -14.622 1.00 25.69  ? 61  LEU A N   1 
ATOM   529 C CA  . LEU A 1 60 ? -16.161 13.466  -15.109 1.00 26.02  ? 61  LEU A CA  1 
ATOM   530 C C   . LEU A 1 60 ? -16.749 13.521  -16.531 1.00 25.27  ? 61  LEU A C   1 
ATOM   531 O O   . LEU A 1 60 ? -17.551 14.399  -16.859 1.00 25.64  ? 61  LEU A O   1 
ATOM   532 C CB  . LEU A 1 60 ? -14.728 13.977  -15.133 1.00 29.43  ? 61  LEU A CB  1 
ATOM   533 C CG  . LEU A 1 60 ? -14.502 15.474  -14.958 1.00 36.39  ? 61  LEU A CG  1 
ATOM   534 C CD1 . LEU A 1 60 ? -15.139 16.037  -13.686 1.00 42.61  ? 61  LEU A CD1 1 
ATOM   535 C CD2 . LEU A 1 60 ? -13.001 15.693  -14.947 1.00 40.92  ? 61  LEU A CD2 1 
ATOM   536 N N   . LYS A 1 61 ? -16.383 12.533  -17.358 1.00 22.75  ? 62  LYS A N   1 
ATOM   537 C CA  . LYS A 1 61 ? -16.848 12.526  -18.752 1.00 21.27  ? 62  LYS A CA  1 
ATOM   538 C C   . LYS A 1 61 ? -18.338 12.189  -18.836 1.00 21.56  ? 62  LYS A C   1 
ATOM   539 O O   . LYS A 1 61 ? -19.076 12.832  -19.622 1.00 24.44  ? 62  LYS A O   1 
ATOM   540 C CB  . LYS A 1 61 ? -16.014 11.590  -19.603 1.00 19.69  ? 62  LYS A CB  1 
ATOM   541 C CG  . LYS A 1 61 ? -16.397 11.538  -21.078 1.00 21.11  ? 62  LYS A CG  1 
ATOM   542 C CD  . LYS A 1 61 ? -15.368 10.872  -21.953 1.00 21.92  ? 62  LYS A CD  1 
ATOM   543 C CE  . LYS A 1 61 ? -14.063 11.667  -22.129 1.00 22.53  ? 62  LYS A CE  1 
ATOM   544 N NZ  . LYS A 1 61 ? -13.031 10.930  -22.941 1.00 27.06  ? 62  LYS A NZ  1 
ATOM   545 N N   . GLU A 1 62 ? -18.797 11.236  -18.016 1.00 21.65  ? 63  GLU A N   1 
ATOM   546 C CA  . GLU A 1 62 ? -20.211 10.865  -17.990 1.00 24.74  ? 63  GLU A CA  1 
ATOM   547 C C   . GLU A 1 62 ? -21.040 12.058  -17.464 1.00 25.72  ? 63  GLU A C   1 
ATOM   548 O O   . GLU A 1 62 ? -22.112 12.370  -17.972 1.00 29.08  ? 63  GLU A O   1 
ATOM   549 C CB  . GLU A 1 62 ? -20.457 9.591   -17.138 1.00 27.63  ? 63  GLU A CB  1 
ATOM   550 C CG  . GLU A 1 62 ? -19.939 8.264   -17.717 1.00 30.99  ? 63  GLU A CG  1 
ATOM   551 C CD  . GLU A 1 62 ? -20.714 7.749   -18.962 1.00 38.81  ? 63  GLU A CD  1 
ATOM   552 O OE1 . GLU A 1 62 ? -21.720 8.377   -19.422 1.00 49.47  ? 63  GLU A OE1 1 
ATOM   553 O OE2 . GLU A 1 62 ? -20.327 6.666   -19.480 1.00 50.04  ? 63  GLU A OE2 1 
ATOM   554 N N   . ASN A 1 63 ? -20.520 12.754  -16.461 1.00 26.45  ? 64  ASN A N   1 
ATOM   555 C CA  . ASN A 1 63 ? -21.168 13.981  -15.991 1.00 28.33  ? 64  ASN A CA  1 
ATOM   556 C C   . ASN A 1 63 ? -21.227 15.104  -17.058 1.00 26.13  ? 64  ASN A C   1 
ATOM   557 O O   . ASN A 1 63 ? -22.229 15.809  -17.168 1.00 29.38  ? 64  ASN A O   1 
ATOM   558 C CB  . ASN A 1 63 ? -20.518 14.489  -14.702 1.00 30.88  ? 64  ASN A CB  1 
ATOM   559 C CG  . ASN A 1 63 ? -20.768 13.579  -13.522 1.00 34.75  ? 64  ASN A CG  1 
ATOM   560 O OD1 . ASN A 1 63 ? -21.691 12.757  -13.518 1.00 39.49  ? 64  ASN A OD1 1 
ATOM   561 N ND2 . ASN A 1 63 ? -19.937 13.715  -12.506 1.00 40.62  ? 64  ASN A ND2 1 
ATOM   562 N N   . LEU A 1 64 ? -20.177 15.233  -17.856 1.00 24.61  ? 65  LEU A N   1 
ATOM   563 C CA  . LEU A 1 64 ? -20.150 16.224  -18.943 1.00 23.71  ? 65  LEU A CA  1 
ATOM   564 C C   . LEU A 1 64 ? -21.246 15.951  -20.002 1.00 22.99  ? 65  LEU A C   1 
ATOM   565 O O   . LEU A 1 64 ? -21.969 16.854  -20.423 1.00 24.98  ? 65  LEU A O   1 
ATOM   566 C CB  . LEU A 1 64 ? -18.784 16.267  -19.609 1.00 25.24  ? 65  LEU A CB  1 
ATOM   567 C CG  . LEU A 1 64 ? -18.658 17.178  -20.831 1.00 24.23  ? 65  LEU A CG  1 
ATOM   568 C CD1 . LEU A 1 64 ? -18.926 18.650  -20.463 1.00 24.83  ? 65  LEU A CD1 1 
ATOM   569 C CD2 . LEU A 1 64 ? -17.336 17.023  -21.543 1.00 25.24  ? 65  LEU A CD2 1 
ATOM   570 N N   . ILE A 1 65 ? -21.355 14.684  -20.404 1.00 22.31  ? 66  ILE A N   1 
ATOM   571 C CA  . ILE A 1 65 ? -22.395 14.230  -21.336 1.00 24.74  ? 66  ILE A CA  1 
ATOM   572 C C   . ILE A 1 65 ? -23.785 14.550  -20.787 1.00 27.56  ? 66  ILE A C   1 
ATOM   573 O O   . ILE A 1 65 ? -24.584 15.154  -21.490 1.00 29.67  ? 66  ILE A O   1 
ATOM   574 C CB  . ILE A 1 65 ? -22.271 12.704  -21.642 1.00 25.62  ? 66  ILE A CB  1 
ATOM   575 C CG1 . ILE A 1 65 ? -20.991 12.413  -22.429 1.00 23.99  ? 66  ILE A CG1 1 
ATOM   576 C CG2 . ILE A 1 65 ? -23.478 12.175  -22.446 1.00 27.50  ? 66  ILE A CG2 1 
ATOM   577 C CD1 . ILE A 1 65 ? -20.541 10.953  -22.412 1.00 25.18  ? 66  ILE A CD1 1 
ATOM   578 N N   . ALA A 1 66 ? -24.063 14.189  -19.537 1.00 30.69  ? 67  ALA A N   1 
ATOM   579 C CA  . ALA A 1 66 ? -25.332 14.537  -18.916 1.00 32.60  ? 67  ALA A CA  1 
ATOM   580 C C   . ALA A 1 66 ? -25.571 16.076  -18.826 1.00 30.27  ? 67  ALA A C   1 
ATOM   581 O O   . ALA A 1 66 ? -26.691 16.562  -19.095 1.00 36.68  ? 67  ALA A O   1 
ATOM   582 C CB  . ALA A 1 66 ? -25.422 13.887  -17.555 1.00 35.12  ? 67  ALA A CB  1 
ATOM   583 N N   . GLU A 1 67 ? -24.517 16.831  -18.495 1.00 30.12  ? 68  GLU A N   1 
ATOM   584 C CA  . GLU A 1 67 ? -24.596 18.305  -18.381 1.00 32.34  ? 68  GLU A CA  1 
ATOM   585 C C   . GLU A 1 67 ? -24.883 18.979  -19.719 1.00 30.53  ? 68  GLU A C   1 
ATOM   586 O O   . GLU A 1 67 ? -25.714 19.900  -19.807 1.00 34.66  ? 68  GLU A O   1 
ATOM   587 C CB  . GLU A 1 67 ? -23.319 18.906  -17.778 1.00 36.63  ? 68  GLU A CB  1 
ATOM   588 C CG  . GLU A 1 67 ? -23.438 20.414  -17.514 1.00 43.90  ? 68  GLU A CG  1 
ATOM   589 C CD  . GLU A 1 67 ? -22.438 20.987  -16.497 1.00 55.64  ? 68  GLU A CD  1 
ATOM   590 O OE1 . GLU A 1 67 ? -22.428 22.243  -16.352 1.00 67.94  ? 68  GLU A OE1 1 
ATOM   591 O OE2 . GLU A 1 67 ? -21.676 20.213  -15.845 1.00 58.81  ? 68  GLU A OE2 1 
ATOM   592 N N   . LEU A 1 68 ? -24.211 18.527  -20.767 1.00 29.49  ? 69  LEU A N   1 
ATOM   593 C CA  . LEU A 1 68 ? -24.525 19.023  -22.112 1.00 29.90  ? 69  LEU A CA  1 
ATOM   594 C C   . LEU A 1 68 ? -25.965 18.739  -22.521 1.00 30.09  ? 69  LEU A C   1 
ATOM   595 O O   . LEU A 1 68 ? -26.611 19.621  -23.081 1.00 35.21  ? 69  LEU A O   1 
ATOM   596 C CB  . LEU A 1 68 ? -23.553 18.471  -23.152 1.00 29.23  ? 69  LEU A CB  1 
ATOM   597 C CG  . LEU A 1 68 ? -22.076 18.897  -22.992 1.00 29.22  ? 69  LEU A CG  1 
ATOM   598 C CD1 . LEU A 1 68 ? -21.188 18.203  -24.011 1.00 29.69  ? 69  LEU A CD1 1 
ATOM   599 C CD2 . LEU A 1 68 ? -21.882 20.410  -23.094 1.00 31.69  ? 69  LEU A CD2 1 
ATOM   600 N N   . GLU A 1 69 ? -26.488 17.548  -22.228 1.00 31.99  ? 70  GLU A N   1 
ATOM   601 C CA  . GLU A 1 69 ? -27.925 17.299  -22.468 1.00 38.40  ? 70  GLU A CA  1 
ATOM   602 C C   . GLU A 1 69 ? -28.843 18.223  -21.616 1.00 40.41  ? 70  GLU A C   1 
ATOM   603 O O   . GLU A 1 69 ? -29.814 18.756  -22.114 1.00 43.10  ? 70  GLU A O   1 
ATOM   604 C CB  . GLU A 1 69 ? -28.298 15.824  -22.230 1.00 44.00  ? 70  GLU A CB  1 
ATOM   605 C CG  . GLU A 1 69 ? -29.601 15.395  -22.932 1.00 54.47  ? 70  GLU A CG  1 
ATOM   606 C CD  . GLU A 1 69 ? -29.425 15.146  -24.432 1.00 66.43  ? 70  GLU A CD  1 
ATOM   607 O OE1 . GLU A 1 69 ? -28.281 14.878  -24.888 1.00 71.94  ? 70  GLU A OE1 1 
ATOM   608 O OE2 . GLU A 1 69 ? -30.440 15.206  -25.164 1.00 73.72  ? 70  GLU A OE2 1 
ATOM   609 N N   . GLU A 1 70 ? -28.517 18.407  -20.337 1.00 39.27  ? 71  GLU A N   1 
ATOM   610 C CA  . GLU A 1 70 ? -29.274 19.271  -19.452 1.00 42.54  ? 71  GLU A CA  1 
ATOM   611 C C   . GLU A 1 70 ? -29.286 20.751  -19.907 1.00 45.88  ? 71  GLU A C   1 
ATOM   612 O O   . GLU A 1 70 ? -30.335 21.421  -19.846 1.00 44.52  ? 71  GLU A O   1 
ATOM   613 C CB  . GLU A 1 70 ? -28.755 19.147  -18.008 1.00 51.05  ? 71  GLU A CB  1 
ATOM   614 C CG  . GLU A 1 70 ? -29.482 20.048  -17.016 1.00 62.09  ? 71  GLU A CG  1 
ATOM   615 C CD  . GLU A 1 70 ? -31.001 19.825  -16.979 1.00 76.74  ? 71  GLU A CD  1 
ATOM   616 O OE1 . GLU A 1 70 ? -31.461 18.672  -17.194 1.00 81.06  ? 71  GLU A OE1 1 
ATOM   617 O OE2 . GLU A 1 70 ? -31.746 20.810  -16.732 1.00 88.05  ? 71  GLU A OE2 1 
ATOM   618 N N   . LYS A 1 71 ? -28.137 21.254  -20.362 1.00 41.41  ? 72  LYS A N   1 
ATOM   619 C CA  . LYS A 1 71 ? -28.055 22.642  -20.789 1.00 41.96  ? 72  LYS A CA  1 
ATOM   620 C C   . LYS A 1 71 ? -28.922 22.862  -22.031 1.00 40.47  ? 72  LYS A C   1 
ATOM   621 O O   . LYS A 1 71 ? -29.588 23.892  -22.171 1.00 45.30  ? 72  LYS A O   1 
ATOM   622 C CB  . LYS A 1 71 ? -26.628 23.031  -21.087 1.00 49.28  ? 72  LYS A CB  1 
ATOM   623 C CG  . LYS A 1 71 ? -26.440 24.546  -21.122 1.00 64.87  ? 72  LYS A CG  1 
ATOM   624 C CD  . LYS A 1 71 ? -25.157 24.936  -21.827 1.00 78.51  ? 72  LYS A CD  1 
ATOM   625 C CE  . LYS A 1 71 ? -23.958 24.159  -21.298 1.00 80.12  ? 72  LYS A CE  1 
ATOM   626 N NZ  . LYS A 1 71 ? -22.852 24.254  -22.269 1.00 80.88  ? 72  LYS A NZ  1 
ATOM   627 N N   . LYS A 1 72 ? -28.937 21.870  -22.915 1.00 42.95  ? 73  LYS A N   1 
ATOM   628 C CA  . LYS A 1 72 ? -29.864 21.870  -24.061 1.00 49.09  ? 73  LYS A CA  1 
ATOM   629 C C   . LYS A 1 72 ? -31.302 22.204  -23.632 1.00 46.78  ? 73  LYS A C   1 
ATOM   630 O O   . LYS A 1 72 ? -31.969 23.088  -24.215 1.00 53.26  ? 73  LYS A O   1 
ATOM   631 C CB  . LYS A 1 72 ? -29.824 20.493  -24.752 1.00 55.46  ? 73  LYS A CB  1 
ATOM   632 C CG  . LYS A 1 72 ? -30.349 20.432  -26.177 1.00 62.67  ? 73  LYS A CG  1 
ATOM   633 C CD  . LYS A 1 72 ? -30.306 19.000  -26.721 1.00 68.78  ? 73  LYS A CD  1 
ATOM   634 C CE  . LYS A 1 72 ? -28.941 18.330  -26.521 1.00 68.96  ? 73  LYS A CE  1 
ATOM   635 N NZ  . LYS A 1 72 ? -28.659 17.157  -27.422 1.00 62.86  ? 73  LYS A NZ  1 
ATOM   636 N N   . LYS A 1 73 ? -31.769 21.483  -22.618 1.00 44.00  ? 74  LYS A N   1 
ATOM   637 C CA  . LYS A 1 73 ? -33.146 21.571  -22.135 1.00 44.60  ? 74  LYS A CA  1 
ATOM   638 C C   . LYS A 1 73 ? -33.414 22.924  -21.496 1.00 40.26  ? 74  LYS A C   1 
ATOM   639 O O   . LYS A 1 73 ? -34.443 23.568  -21.755 1.00 43.10  ? 74  LYS A O   1 
ATOM   640 C CB  . LYS A 1 73 ? -33.398 20.464  -21.103 1.00 52.19  ? 74  LYS A CB  1 
ATOM   641 C CG  . LYS A 1 73 ? -34.799 20.462  -20.530 1.00 59.01  ? 74  LYS A CG  1 
ATOM   642 C CD  . LYS A 1 73 ? -34.917 19.654  -19.247 1.00 69.59  ? 74  LYS A CD  1 
ATOM   643 C CE  . LYS A 1 73 ? -36.329 19.797  -18.701 1.00 79.22  ? 74  LYS A CE  1 
ATOM   644 N NZ  . LYS A 1 73 ? -36.539 19.043  -17.437 1.00 87.13  ? 74  LYS A NZ  1 
ATOM   645 N N   . MET A 1 74 ? -32.494 23.341  -20.638 1.00 38.46  ? 75  MET A N   1 
ATOM   646 C CA  . MET A 1 74 ? -32.568 24.661  -20.007 1.00 37.49  ? 75  MET A CA  1 
ATOM   647 C C   . MET A 1 74 ? -32.678 25.753  -21.071 1.00 41.70  ? 75  MET A C   1 
ATOM   648 O O   . MET A 1 74 ? -33.494 26.664  -20.928 1.00 42.71  ? 75  MET A O   1 
ATOM   649 C CB  . MET A 1 74 ? -31.361 24.906  -19.090 1.00 42.84  ? 75  MET A CB  1 
ATOM   650 C CG  . MET A 1 74 ? -31.428 24.044  -17.830 1.00 56.19  ? 75  MET A CG  1 
ATOM   651 S SD  . MET A 1 74 ? -30.093 24.252  -16.620 1.00 65.07  ? 75  MET A SD  1 
ATOM   652 C CE  . MET A 1 74 ? -30.223 26.022  -16.298 1.00 79.09  ? 75  MET A CE  1 
ATOM   653 N N   . ILE A 1 75 ? -31.885 25.628  -22.145 1.00 39.28  ? 76  ILE A N   1 
ATOM   654 C CA  . ILE A 1 75 ? -31.867 26.588  -23.275 1.00 48.19  ? 76  ILE A CA  1 
ATOM   655 C C   . ILE A 1 75 ? -33.234 26.705  -23.956 1.00 45.20  ? 76  ILE A C   1 
ATOM   656 O O   . ILE A 1 75 ? -33.712 27.817  -24.283 1.00 46.21  ? 76  ILE A O   1 
ATOM   657 C CB  . ILE A 1 75 ? -30.760 26.202  -24.317 1.00 53.94  ? 76  ILE A CB  1 
ATOM   658 C CG1 . ILE A 1 75 ? -29.341 26.526  -23.787 1.00 58.14  ? 76  ILE A CG1 1 
ATOM   659 C CG2 . ILE A 1 75 ? -30.989 26.872  -25.665 1.00 55.54  ? 76  ILE A CG2 1 
ATOM   660 C CD1 . ILE A 1 75 ? -29.033 27.987  -23.539 1.00 63.60  ? 76  ILE A CD1 1 
ATOM   661 N N   . GLU A 1 76 ? -33.855 25.554  -24.157 1.00 43.34  ? 77  GLU A N   1 
ATOM   662 C CA  . GLU A 1 76 ? -35.220 25.462  -24.691 1.00 51.07  ? 77  GLU A CA  1 
ATOM   663 C C   . GLU A 1 76 ? -36.246 26.153  -23.764 1.00 45.25  ? 77  GLU A C   1 
ATOM   664 O O   . GLU A 1 76 ? -37.156 26.875  -24.222 1.00 42.66  ? 77  GLU A O   1 
ATOM   665 C CB  . GLU A 1 76 ? -35.598 23.988  -24.874 1.00 51.96  ? 77  GLU A CB  1 
ATOM   666 C CG  . GLU A 1 76 ? -36.604 23.733  -25.977 1.00 65.91  ? 77  GLU A CG  1 
ATOM   667 C CD  . GLU A 1 76 ? -36.056 23.987  -27.381 1.00 76.88  ? 77  GLU A CD  1 
ATOM   668 O OE1 . GLU A 1 76 ? -34.819 23.918  -27.584 1.00 89.33  ? 77  GLU A OE1 1 
ATOM   669 O OE2 . GLU A 1 76 ? -36.877 24.245  -28.292 1.00 88.48  ? 77  GLU A OE2 1 
ATOM   670 N N   . ASN A 1 77 ? -36.097 25.939  -22.459 1.00 38.89  ? 78  ASN A N   1 
ATOM   671 C CA  . ASN A 1 77 ? -37.016 26.539  -21.504 1.00 38.27  ? 78  ASN A CA  1 
ATOM   672 C C   . ASN A 1 77 ? -36.849 28.041  -21.521 1.00 36.09  ? 78  ASN A C   1 
ATOM   673 O O   . ASN A 1 77 ? -37.840 28.761  -21.413 1.00 33.15  ? 78  ASN A O   1 
ATOM   674 C CB  . ASN A 1 77 ? -36.813 26.002  -20.078 1.00 46.14  ? 78  ASN A CB  1 
ATOM   675 C CG  . ASN A 1 77 ? -38.008 25.211  -19.576 1.00 59.01  ? 78  ASN A CG  1 
ATOM   676 O OD1 . ASN A 1 77 ? -39.137 25.728  -19.532 1.00 69.54  ? 78  ASN A OD1 1 
ATOM   677 N ND2 . ASN A 1 77 ? -37.771 23.953  -19.177 1.00 59.34  ? 78  ASN A ND2 1 
ATOM   678 N N   . GLU A 1 78 ? -35.596 28.500  -21.685 1.00 33.04  ? 79  GLU A N   1 
ATOM   679 C CA  . GLU A 1 78 ? -35.337 29.940  -21.738 1.00 36.15  ? 79  GLU A CA  1 
ATOM   680 C C   . GLU A 1 78 ? -35.936 30.579  -23.010 1.00 37.70  ? 79  GLU A C   1 
ATOM   681 O O   . GLU A 1 78 ? -36.453 31.706  -22.970 1.00 38.31  ? 79  GLU A O   1 
ATOM   682 C CB  . GLU A 1 78 ? -33.853 30.244  -21.571 1.00 42.68  ? 79  GLU A CB  1 
ATOM   683 C CG  . GLU A 1 78 ? -33.402 29.992  -20.138 1.00 52.97  ? 79  GLU A CG  1 
ATOM   684 C CD  . GLU A 1 78 ? -31.892 29.898  -19.972 1.00 71.38  ? 79  GLU A CD  1 
ATOM   685 O OE1 . GLU A 1 78 ? -31.170 30.762  -20.526 1.00 84.82  ? 79  GLU A OE1 1 
ATOM   686 O OE2 . GLU A 1 78 ? -31.431 28.963  -19.268 1.00 91.78  ? 79  GLU A OE2 1 
ATOM   687 N N   . LYS A 1 79 ? -35.926 29.838  -24.111 1.00 40.30  ? 80  LYS A N   1 
ATOM   688 C CA  . LYS A 1 79 ? -36.573 30.302  -25.336 1.00 42.54  ? 80  LYS A CA  1 
ATOM   689 C C   . LYS A 1 79 ? -38.073 30.461  -25.148 1.00 39.04  ? 80  LYS A C   1 
ATOM   690 O O   . LYS A 1 79 ? -38.657 31.480  -25.531 1.00 39.66  ? 80  LYS A O   1 
ATOM   691 C CB  . LYS A 1 79 ? -36.287 29.349  -26.497 1.00 50.34  ? 80  LYS A CB  1 
ATOM   692 C CG  . LYS A 1 79 ? -34.863 29.451  -27.004 1.00 68.02  ? 80  LYS A CG  1 
ATOM   693 C CD  . LYS A 1 79 ? -34.611 30.773  -27.733 1.00 81.45  ? 80  LYS A CD  1 
ATOM   694 C CE  . LYS A 1 79 ? -33.370 31.497  -27.211 1.00 100.18 ? 80  LYS A CE  1 
ATOM   695 N NZ  . LYS A 1 79 ? -32.136 30.653  -27.172 1.00 114.14 ? 80  LYS A NZ  1 
ATOM   696 N N   . LEU A 1 80 ? -38.693 29.471  -24.524 1.00 35.55  ? 81  LEU A N   1 
ATOM   697 C CA  . LEU A 1 80 ? -40.125 29.540  -24.216 1.00 35.11  ? 81  LEU A CA  1 
ATOM   698 C C   . LEU A 1 80 ? -40.479 30.727  -23.310 1.00 32.27  ? 81  LEU A C   1 
ATOM   699 O O   . LEU A 1 80 ? -41.437 31.468  -23.552 1.00 30.10  ? 81  LEU A O   1 
ATOM   700 C CB  . LEU A 1 80 ? -40.562 28.240  -23.543 1.00 34.80  ? 81  LEU A CB  1 
ATOM   701 C CG  . LEU A 1 80 ? -42.025 28.090  -23.144 1.00 37.75  ? 81  LEU A CG  1 
ATOM   702 C CD1 . LEU A 1 80 ? -42.964 28.327  -24.331 1.00 38.09  ? 81  LEU A CD1 1 
ATOM   703 C CD2 . LEU A 1 80 ? -42.258 26.730  -22.492 1.00 41.51  ? 81  LEU A CD2 1 
ATOM   704 N N   . THR A 1 81 ? -39.706 30.883  -22.238 1.00 29.78  ? 82  THR A N   1 
ATOM   705 C CA  . THR A 1 81 ? -39.934 31.937  -21.285 1.00 28.70  ? 82  THR A CA  1 
ATOM   706 C C   . THR A 1 81 ? -39.866 33.305  -21.987 1.00 30.23  ? 82  THR A C   1 
ATOM   707 O O   . THR A 1 81 ? -40.709 34.185  -21.740 1.00 30.45  ? 82  THR A O   1 
ATOM   708 C CB  . THR A 1 81 ? -38.933 31.832  -20.100 1.00 30.18  ? 82  THR A CB  1 
ATOM   709 O OG1 . THR A 1 81 ? -39.302 30.730  -19.244 1.00 33.97  ? 82  THR A OG1 1 
ATOM   710 C CG2 . THR A 1 81 ? -38.944 33.094  -19.275 1.00 31.21  ? 82  THR A CG2 1 
ATOM   711 N N   . MET A 1 82 ? -38.881 33.464  -22.869 1.00 33.18  ? 83  MET A N   1 
ATOM   712 C CA  . MET A 1 82 ? -38.728 34.698  -23.648 1.00 38.52  ? 83  MET A CA  1 
ATOM   713 C C   . MET A 1 82 ? -39.912 34.938  -24.596 1.00 37.44  ? 83  MET A C   1 
ATOM   714 O O   . MET A 1 82 ? -40.329 36.072  -24.758 1.00 41.28  ? 83  MET A O   1 
ATOM   715 C CB  . MET A 1 82 ? -37.410 34.710  -24.437 1.00 47.33  ? 83  MET A CB  1 
ATOM   716 C CG  . MET A 1 82 ? -36.145 34.870  -23.579 1.00 65.74  ? 83  MET A CG  1 
ATOM   717 S SD  . MET A 1 82 ? -34.643 34.297  -24.422 1.00 100.05 ? 83  MET A SD  1 
ATOM   718 C CE  . MET A 1 82 ? -33.558 33.935  -23.036 1.00 94.74  ? 83  MET A CE  1 
ATOM   719 N N   . GLU A 1 83 ? -40.441 33.880  -25.212 1.00 39.87  ? 84  GLU A N   1 
ATOM   720 C CA  . GLU A 1 83 ? -41.636 33.998  -26.068 1.00 41.49  ? 84  GLU A CA  1 
ATOM   721 C C   . GLU A 1 83 ? -42.865 34.404  -25.266 1.00 34.17  ? 84  GLU A C   1 
ATOM   722 O O   . GLU A 1 83 ? -43.655 35.227  -25.709 1.00 38.24  ? 84  GLU A O   1 
ATOM   723 C CB  . GLU A 1 83 ? -41.973 32.673  -26.739 1.00 50.61  ? 84  GLU A CB  1 
ATOM   724 C CG  . GLU A 1 83 ? -41.070 32.288  -27.893 1.00 59.64  ? 84  GLU A CG  1 
ATOM   725 C CD  . GLU A 1 83 ? -41.478 30.961  -28.494 1.00 71.54  ? 84  GLU A CD  1 
ATOM   726 O OE1 . GLU A 1 83 ? -42.684 30.806  -28.806 1.00 72.07  ? 84  GLU A OE1 1 
ATOM   727 O OE2 . GLU A 1 83 ? -40.601 30.083  -28.646 1.00 77.92  ? 84  GLU A OE2 1 
ATOM   728 N N   . LEU A 1 84 ? -43.025 33.806  -24.090 1.00 31.50  ? 85  LEU A N   1 
ATOM   729 C CA  . LEU A 1 84 ? -44.158 34.103  -23.219 1.00 27.71  ? 85  LEU A CA  1 
ATOM   730 C C   . LEU A 1 84 ? -44.147 35.536  -22.621 1.00 26.99  ? 85  LEU A C   1 
ATOM   731 O O   . LEU A 1 84 ? -45.208 36.088  -22.357 1.00 27.47  ? 85  LEU A O   1 
ATOM   732 C CB  . LEU A 1 84 ? -44.253 33.080  -22.089 1.00 27.71  ? 85  LEU A CB  1 
ATOM   733 C CG  . LEU A 1 84 ? -44.492 31.629  -22.521 1.00 30.59  ? 85  LEU A CG  1 
ATOM   734 C CD1 . LEU A 1 84 ? -44.326 30.694  -21.320 1.00 34.66  ? 85  LEU A CD1 1 
ATOM   735 C CD2 . LEU A 1 84 ? -45.868 31.501  -23.145 1.00 37.25  ? 85  LEU A CD2 1 
ATOM   736 N N   . THR A 1 85 ? -42.954 36.093  -22.398 1.00 27.67  ? 86  THR A N   1 
ATOM   737 C CA  . THR A 1 85 ? -42.790 37.323  -21.604 1.00 28.77  ? 86  THR A CA  1 
ATOM   738 C C   . THR A 1 85 ? -42.298 38.488  -22.453 1.00 35.09  ? 86  THR A C   1 
ATOM   739 O O   . THR A 1 85 ? -41.857 39.513  -21.914 1.00 39.22  ? 86  THR A O   1 
ATOM   740 C CB  . THR A 1 85 ? -41.905 37.108  -20.339 1.00 27.77  ? 86  THR A CB  1 
ATOM   741 O OG1 . THR A 1 85 ? -40.583 36.683  -20.715 1.00 28.33  ? 86  THR A OG1 1 
ATOM   742 C CG2 . THR A 1 85 ? -42.539 36.074  -19.397 1.00 27.12  ? 86  THR A CG2 1 
ATOM   743 N N   . GLY A 1 86 ? -42.439 38.337  -23.774 1.00 43.66  ? 87  GLY A N   1 
ATOM   744 C CA  . GLY A 1 86 ? -42.302 39.434  -24.731 1.00 54.88  ? 87  GLY A CA  1 
ATOM   745 C C   . GLY A 1 86 ? -40.961 40.144  -24.667 1.00 67.73  ? 87  GLY A C   1 
ATOM   746 O O   . GLY A 1 86 ? -40.756 41.167  -25.337 1.00 88.03  ? 87  GLY A O   1 
HETATM 747 O O   . HOH B 2 .  ? 29.287  -12.945 15.577  1.00 50.29  ? 101 HOH A O   1 
HETATM 748 O O   . HOH B 2 .  ? 21.502  -9.043  3.589   1.00 64.92  ? 102 HOH A O   1 
HETATM 749 O O   . HOH B 2 .  ? 8.103   -1.832  -5.450  1.00 54.61  ? 103 HOH A O   1 
HETATM 750 O O   . HOH B 2 .  ? 15.679  -19.552 14.032  1.00 33.20  ? 104 HOH A O   1 
HETATM 751 O O   . HOH B 2 .  ? 34.427  -17.364 30.311  1.00 26.34  ? 105 HOH A O   1 
HETATM 752 O O   . HOH B 2 .  ? 15.751  -2.480  3.143   1.00 36.84  ? 106 HOH A O   1 
HETATM 753 O O   . HOH B 2 .  ? -12.590 12.343  -18.409 1.00 39.68  ? 107 HOH A O   1 
HETATM 754 O O   . HOH B 2 .  ? -8.528  3.292   -6.319  1.00 38.59  ? 108 HOH A O   1 
HETATM 755 O O   . HOH B 2 .  ? -39.852 41.241  -22.111 1.00 49.56  ? 109 HOH A O   1 
HETATM 756 O O   . HOH B 2 .  ? 24.374  -13.230 9.920   1.00 48.53  ? 110 HOH A O   1 
HETATM 757 O O   . HOH B 2 .  ? -38.228 26.538  -26.645 1.00 60.10  ? 111 HOH A O   1 
HETATM 758 O O   . HOH B 2 .  ? -0.610  0.161   -0.161  1.00 31.11  ? 112 HOH A O   1 
HETATM 759 O O   . HOH B 2 .  ? 7.543   -10.249 2.724   1.00 43.38  ? 113 HOH A O   1 
HETATM 760 O O   . HOH B 2 .  ? -5.583  -1.327  -2.948  1.00 56.49  ? 114 HOH A O   1 
HETATM 761 O O   . HOH B 2 .  ? 18.397  -22.719 20.854  1.00 62.78  ? 115 HOH A O   1 
HETATM 762 O O   . HOH B 2 .  ? -2.804  1.417   -1.162  1.00 38.16  ? 116 HOH A O   1 
HETATM 763 O O   . HOH B 2 .  ? -35.482 23.870  -17.739 1.00 52.37  ? 117 HOH A O   1 
HETATM 764 O O   . HOH B 2 .  ? 37.600  -25.627 41.167  1.00 62.18  ? 118 HOH A O   1 
HETATM 765 O O   . HOH B 2 .  ? -6.190  11.548  -5.377  1.00 39.24  ? 119 HOH A O   1 
HETATM 766 O O   . HOH B 2 .  ? 10.443  0.530   -5.825  1.00 49.69  ? 120 HOH A O   1 
HETATM 767 O O   . HOH B 2 .  ? -4.806  0.050   -11.487 1.00 35.96  ? 121 HOH A O   1 
HETATM 768 O O   . HOH B 2 .  ? -28.911 15.176  -18.270 1.00 58.50  ? 122 HOH A O   1 
HETATM 769 O O   . HOH B 2 .  ? -5.149  7.017   -17.068 1.00 40.34  ? 123 HOH A O   1 
HETATM 770 O O   . HOH B 2 .  ? -23.722 10.336  -18.910 1.00 37.08  ? 124 HOH A O   1 
HETATM 771 O O   . HOH B 2 .  ? 32.832  -22.293 24.938  1.00 46.65  ? 125 HOH A O   1 
HETATM 772 O O   . HOH B 2 .  ? -4.409  -1.618  -5.259  1.00 35.60  ? 126 HOH A O   1 
HETATM 773 O O   . HOH B 2 .  ? -37.407 30.432  -17.239 1.00 52.77  ? 127 HOH A O   1 
HETATM 774 O O   . HOH B 2 .  ? -11.662 11.441  -3.492  1.00 56.11  ? 128 HOH A O   1 
HETATM 775 O O   . HOH B 2 .  ? -40.544 28.289  -19.729 1.00 42.33  ? 129 HOH A O   1 
HETATM 776 O O   . HOH B 2 .  ? -10.589 1.825   -13.589 1.00 47.95  ? 130 HOH A O   1 
HETATM 777 O O   . HOH B 2 .  ? 18.466  -17.273 18.740  1.00 30.07  ? 131 HOH A O   1 
HETATM 778 O O   . HOH B 2 .  ? 27.163  -26.205 22.852  1.00 39.65  ? 132 HOH A O   1 
HETATM 779 O O   . HOH B 2 .  ? 1.566   -5.441  -4.442  1.00 35.66  ? 133 HOH A O   1 
HETATM 780 O O   . HOH B 2 .  ? -5.361  9.191   -8.425  1.00 24.00  ? 134 HOH A O   1 
HETATM 781 O O   . HOH B 2 .  ? -18.010 16.909  -15.689 1.00 33.65  ? 135 HOH A O   1 
HETATM 782 O O   . HOH B 2 .  ? 25.037  -7.254  16.191  1.00 59.07  ? 136 HOH A O   1 
HETATM 783 O O   . HOH B 2 .  ? -3.558  7.239   -0.389  1.00 44.76  ? 137 HOH A O   1 
HETATM 784 O O   . HOH B 2 .  ? 1.703   -0.753  -9.454  1.00 44.08  ? 138 HOH A O   1 
HETATM 785 O O   . HOH B 2 .  ? -13.046 3.160   -14.833 1.00 62.55  ? 139 HOH A O   1 
HETATM 786 O O   . HOH B 2 .  ? -5.048  11.145  -18.567 1.00 42.97  ? 140 HOH A O   1 
HETATM 787 O O   . HOH B 2 .  ? 37.140  -29.285 31.775  1.00 58.09  ? 141 HOH A O   1 
HETATM 788 O O   . HOH B 2 .  ? -16.231 5.755   -12.565 1.00 32.90  ? 142 HOH A O   1 
HETATM 789 O O   . HOH B 2 .  ? 29.970  -17.427 24.123  1.00 56.63  ? 143 HOH A O   1 
HETATM 790 O O   . HOH B 2 .  ? 23.844  -20.006 14.734  1.00 26.54  ? 144 HOH A O   1 
HETATM 791 O O   . HOH B 2 .  ? -10.928 6.693   -17.635 1.00 30.76  ? 145 HOH A O   1 
HETATM 792 O O   . HOH B 2 .  ? 32.893  -30.883 38.183  1.00 57.86  ? 146 HOH A O   1 
HETATM 793 O O   . HOH B 2 .  ? 16.062  -11.617 15.299  1.00 23.92  ? 147 HOH A O   1 
HETATM 794 O O   . HOH B 2 .  ? 15.238  -6.747  11.072  1.00 25.80  ? 148 HOH A O   1 
HETATM 795 O O   . HOH B 2 .  ? 25.059  -14.187 12.348  1.00 27.23  ? 149 HOH A O   1 
HETATM 796 O O   . HOH B 2 .  ? 14.565  -7.590  22.398  1.00 51.59  ? 150 HOH A O   1 
HETATM 797 O O   . HOH B 2 .  ? -14.670 12.897  -11.159 1.00 35.97  ? 151 HOH A O   1 
HETATM 798 O O   . HOH B 2 .  ? 26.582  -19.793 13.671  1.00 48.56  ? 152 HOH A O   1 
HETATM 799 O O   . HOH B 2 .  ? 5.544   1.413   0.960   1.00 30.97  ? 153 HOH A O   1 
HETATM 800 O O   . HOH B 2 .  ? 14.103  -7.580  0.048   1.00 35.41  ? 154 HOH A O   1 
HETATM 801 O O   . HOH B 2 .  ? 22.743  -15.155 23.068  1.00 24.40  ? 155 HOH A O   1 
HETATM 802 O O   . HOH B 2 .  ? -46.540 34.729  -26.189 1.00 52.32  ? 156 HOH A O   1 
HETATM 803 O O   . HOH B 2 .  ? -11.022 4.215   -7.418  1.00 39.31  ? 157 HOH A O   1 
HETATM 804 O O   . HOH B 2 .  ? 28.922  -30.910 29.653  1.00 53.53  ? 158 HOH A O   1 
HETATM 805 O O   . HOH B 2 .  ? -8.119  8.744   -20.300 1.00 53.87  ? 159 HOH A O   1 
HETATM 806 O O   . HOH B 2 .  ? 6.780   -4.332  6.264   1.00 40.37  ? 160 HOH A O   1 
HETATM 807 O O   . HOH B 2 .  ? 16.426  -16.169 16.828  1.00 37.35  ? 161 HOH A O   1 
HETATM 808 O O   . HOH B 2 .  ? -23.928 16.039  -14.707 1.00 45.43  ? 162 HOH A O   1 
HETATM 809 O O   . HOH B 2 .  ? 19.535  -8.229  5.105   1.00 42.50  ? 163 HOH A O   1 
HETATM 810 O O   . HOH B 2 .  ? 4.172   0.473   3.343   1.00 37.79  ? 164 HOH A O   1 
HETATM 811 O O   . HOH B 2 .  ? 2.471   -3.949  5.633   1.00 59.42  ? 165 HOH A O   1 
HETATM 812 O O   . HOH B 2 .  ? -38.445 38.732  -19.941 1.00 63.93  ? 166 HOH A O   1 
HETATM 813 O O   . HOH B 2 .  ? -17.035 14.098  -11.550 1.00 54.38  ? 167 HOH A O   1 
HETATM 814 O O   . HOH B 2 .  ? 23.349  -21.555 27.104  1.00 39.18  ? 168 HOH A O   1 
HETATM 815 O O   . HOH B 2 .  ? -6.636  0.399   -13.236 1.00 53.47  ? 169 HOH A O   1 
HETATM 816 O O   . HOH B 2 .  ? 34.245  -20.965 27.161  1.00 48.45  ? 170 HOH A O   1 
HETATM 817 O O   . HOH B 2 .  ? 14.006  -3.375  -2.681  1.00 58.68  ? 171 HOH A O   1 
HETATM 818 O O   . HOH B 2 .  ? -18.556 16.522  -12.918 1.00 40.92  ? 172 HOH A O   1 
HETATM 819 O O   . HOH B 2 .  ? 10.165  3.273   -6.326  1.00 56.47  ? 173 HOH A O   1 
HETATM 820 O O   . HOH B 2 .  ? -7.965  12.410  -7.356  1.00 27.71  ? 174 HOH A O   1 
HETATM 821 O O   . HOH B 2 .  ? -0.470  -4.926  -6.389  1.00 41.24  ? 175 HOH A O   1 
HETATM 822 O O   . HOH B 2 .  ? 22.431  -22.455 14.807  1.00 51.63  ? 176 HOH A O   1 
HETATM 823 O O   . HOH B 2 .  ? 19.901  -19.343 26.773  1.00 71.80  ? 177 HOH A O   1 
HETATM 824 O O   . HOH B 2 .  ? 16.650  -5.268  2.786   1.00 47.79  ? 178 HOH A O   1 
HETATM 825 O O   . HOH B 2 .  ? -11.550 10.660  -20.016 1.00 32.84  ? 179 HOH A O   1 
HETATM 826 O O   . HOH B 2 .  ? 20.717  -21.418 17.853  1.00 48.72  ? 180 HOH A O   1 
HETATM 827 O O   . HOH B 2 .  ? -19.532 22.494  -14.730 1.00 81.61  ? 181 HOH A O   1 
HETATM 828 O O   . HOH B 2 .  ? 12.684  -5.912  -1.637  1.00 46.91  ? 182 HOH A O   1 
HETATM 829 O O   . HOH B 2 .  ? 4.774   -3.086  6.050   1.00 60.21  ? 183 HOH A O   1 
HETATM 830 O O   . HOH B 2 .  ? 15.169  -14.155 16.117  1.00 53.08  ? 184 HOH A O   1 
HETATM 831 O O   . HOH B 2 .  ? -12.773 8.414   -19.214 1.00 33.26  ? 185 HOH A O   1 
HETATM 832 O O   . HOH B 2 .  ? 27.502  -15.798 12.151  1.00 51.75  ? 186 HOH A O   1 
HETATM 833 O O   . HOH B 2 .  ? -25.813 17.965  -15.295 1.00 63.76  ? 187 HOH A O   1 
HETATM 834 O O   . HOH B 2 .  ? 14.093  -10.619 13.523  1.00 31.41  ? 188 HOH A O   1 
HETATM 835 O O   . HOH B 2 .  ? -15.712 3.727   -13.741 1.00 54.70  ? 189 HOH A O   1 
HETATM 836 O O   . HOH B 2 .  ? 0.327   1.027   -11.376 1.00 50.92  ? 190 HOH A O   1 
HETATM 837 O O   . HOH B 2 .  ? -6.655  -0.921  -6.944  1.00 42.84  ? 191 HOH A O   1 
HETATM 838 O O   . HOH B 2 .  ? -18.178 21.105  -16.852 1.00 37.10  ? 192 HOH A O   1 
HETATM 839 O O   . HOH B 2 .  ? -5.164  0.564   -1.431  1.00 54.32  ? 193 HOH A O   1 
HETATM 840 O O   . HOH B 2 .  ? 1.240   0.862   3.617   1.00 43.30  ? 194 HOH A O   1 
HETATM 841 O O   . HOH B 2 .  ? 12.938  -0.248  -6.065  1.00 66.29  ? 195 HOH A O   1 
HETATM 842 O O   . HOH B 2 .  ? 14.853  -18.237 17.163  1.00 54.85  ? 196 HOH A O   1 
HETATM 843 O O   . HOH B 2 .  ? -8.405  5.014   -4.216  1.00 42.04  ? 197 HOH A O   1 
HETATM 844 O O   . HOH B 2 .  ? 14.236  -20.604 11.949  1.00 52.17  ? 198 HOH A O   1 
HETATM 845 O O   . HOH B 2 .  ? 22.542  -10.467 1.269   1.00 57.98  ? 199 HOH A O   1 
HETATM 846 O O   . HOH B 2 .  ? 0.608   2.293   1.341   1.00 42.69  ? 200 HOH A O   1 
HETATM 847 O O   . HOH B 2 .  ? -18.895 6.808   -12.919 1.00 51.36  ? 201 HOH A O   1 
HETATM 848 O O   . HOH B 2 .  ? -12.165 6.807   -7.070  1.00 54.17  ? 202 HOH A O   1 
HETATM 849 O O   . HOH B 2 .  ? -26.242 10.751  -19.990 1.00 52.33  ? 203 HOH A O   1 
HETATM 850 O O   . HOH B 2 .  ? -6.538  -2.039  -9.966  1.00 66.74  ? 204 HOH A O   1 
HETATM 851 O O   . HOH B 2 .  ? -8.151  0.639   -5.735  1.00 48.71  ? 205 HOH A O   1 
HETATM 852 O O   . HOH B 2 .  ? 18.962  -6.390  3.330   1.00 63.45  ? 206 HOH A O   1 
HETATM 853 O O   . HOH B 2 .  ? 17.210  -16.454 20.448  1.00 50.41  ? 207 HOH A O   1 
HETATM 854 O O   . HOH B 2 .  ? -9.202  11.010  -20.836 1.00 56.38  ? 208 HOH A O   1 
HETATM 855 O O   . HOH B 2 .  ? 1.524   3.619   -12.114 1.00 67.38  ? 209 HOH A O   1 
HETATM 856 O O   . HOH B 2 .  ? 14.188  -7.876  13.483  1.00 31.49  ? 210 HOH A O   1 
HETATM 857 O O   . HOH B 2 .  ? -2.035  -0.043  -12.700 1.00 45.85  ? 211 HOH A O   1 
HETATM 858 O O   . HOH B 2 .  ? -5.064  9.222   -1.500  1.00 48.37  ? 212 HOH A O   1 
HETATM 859 O O   . HOH B 2 .  ? 26.795  -12.502 13.821  1.00 45.38  ? 213 HOH A O   1 
HETATM 860 O O   . HOH B 2 .  ? 18.457  -19.987 17.915  1.00 38.01  ? 214 HOH A O   1 
HETATM 861 O O   . HOH B 2 .  ? 3.181   -6.952  -5.562  1.00 53.26  ? 215 HOH A O   1 
HETATM 862 O O   . HOH B 2 .  ? -4.651  -4.632  -8.775  1.00 49.44  ? 216 HOH A O   1 
HETATM 863 O O   . HOH B 2 .  ? 1.377   -9.744  -4.275  1.00 55.32  ? 217 HOH A O   1 
HETATM 864 O O   . HOH B 2 .  ? 16.192  -15.535 22.542  1.00 53.71  ? 218 HOH A O   1 
HETATM 865 O O   . HOH B 2 .  ? -16.677 19.432  -15.363 1.00 37.48  ? 219 HOH A O   1 
HETATM 866 O O   . HOH B 2 .  ? 36.327  -24.646 43.570  1.00 64.78  ? 220 HOH A O   1 
# 
loop_
_atom_site_anisotrop.id 
_atom_site_anisotrop.type_symbol 
_atom_site_anisotrop.pdbx_label_atom_id 
_atom_site_anisotrop.pdbx_label_alt_id 
_atom_site_anisotrop.pdbx_label_comp_id 
_atom_site_anisotrop.pdbx_label_asym_id 
_atom_site_anisotrop.pdbx_label_seq_id 
_atom_site_anisotrop.pdbx_PDB_ins_code 
_atom_site_anisotrop.U[1][1] 
_atom_site_anisotrop.U[2][2] 
_atom_site_anisotrop.U[3][3] 
_atom_site_anisotrop.U[1][2] 
_atom_site_anisotrop.U[1][3] 
_atom_site_anisotrop.U[2][3] 
_atom_site_anisotrop.pdbx_auth_seq_id 
_atom_site_anisotrop.pdbx_auth_comp_id 
_atom_site_anisotrop.pdbx_auth_asym_id 
_atom_site_anisotrop.pdbx_auth_atom_id 
1   N N   . SER A 1  ? 0.8514 0.6061 0.9650 0.1524  -0.2067 0.0477  2   SER A N   
2   C CA  . SER A 1  ? 0.9922 0.7523 0.8600 0.1349  -0.1818 0.1399  2   SER A CA  
3   C C   . SER A 1  ? 1.0060 0.5722 0.7308 0.0152  -0.1445 0.1810  2   SER A C   
4   O O   . SER A 1  ? 1.0753 0.5285 0.7377 -0.0043 -0.0747 0.1891  2   SER A O   
5   C CB  . SER A 1  ? 1.1749 1.0037 0.7909 0.0887  -0.1930 0.0251  2   SER A CB  
6   O OG  . SER A 1  ? 1.6632 1.4451 0.6570 -0.1219 -0.1703 0.3316  2   SER A OG  
7   N N   . ASN A 2  ? 0.7800 0.6524 0.4872 0.0377  -0.1576 0.1772  3   ASN A N   
8   C CA  . ASN A 2  ? 0.6739 0.4256 0.5804 -0.0255 -0.1191 0.0766  3   ASN A CA  
9   C C   . ASN A 2  ? 0.6762 0.5302 0.6221 0.0822  -0.2164 0.0336  3   ASN A C   
10  O O   . ASN A 2  ? 0.6186 0.4553 0.6012 0.0194  -0.2620 -0.0093 3   ASN A O   
11  C CB  . ASN A 2  ? 0.7065 0.4143 0.6268 0.0019  -0.1733 0.0391  3   ASN A CB  
12  C CG  . ASN A 2  ? 0.8210 0.5418 0.7424 -0.0725 -0.0937 -0.0304 3   ASN A CG  
13  O OD1 . ASN A 2  ? 0.7775 0.5639 0.7249 -0.1513 -0.1229 -0.0927 3   ASN A OD1 
14  N ND2 . ASN A 2  ? 0.8879 0.4945 0.8148 -0.1124 -0.1223 0.0270  3   ASN A ND2 
15  N N   . ALA A 3  ? 0.6048 0.6130 0.6548 0.0832  -0.2925 -0.0738 4   ALA A N   
16  C CA  . ALA A 3  ? 0.6942 0.6448 0.6490 0.1428  -0.1151 -0.0369 4   ALA A CA  
17  C C   . ALA A 3  ? 0.6656 0.6044 0.7179 0.0722  -0.1213 0.0702  4   ALA A C   
18  O O   . ALA A 3  ? 0.5828 0.3728 0.7842 0.0741  -0.1477 0.0682  4   ALA A O   
19  C CB  . ALA A 3  ? 0.6842 0.6259 0.6977 0.1439  -0.0856 -0.0341 4   ALA A CB  
20  N N   . GLY A 4  ? 0.6548 0.4400 0.8575 0.0924  -0.1507 0.0976  5   GLY A N   
21  C CA  . GLY A 4  ? 0.6818 0.4179 0.7315 0.1216  -0.1730 0.0728  5   GLY A CA  
22  C C   . GLY A 4  ? 0.7680 0.2789 0.5907 0.0270  -0.2055 0.0219  5   GLY A C   
23  O O   . GLY A 4  ? 0.7377 0.2908 0.5432 -0.0788 -0.2078 0.0261  5   GLY A O   
24  N N   . THR A 5  ? 0.7704 0.3902 0.5309 -0.0190 -0.1879 0.0255  6   THR A N   
25  C CA  . THR A 5  ? 0.6329 0.4713 0.5333 0.0231  -0.1041 0.0528  6   THR A CA  
26  C C   . THR A 5  ? 0.5262 0.3332 0.4925 -0.0119 -0.1727 0.0005  6   THR A C   
27  O O   . THR A 5  ? 0.6382 0.3167 0.5511 -0.0875 -0.2847 0.0669  6   THR A O   
28  C CB  . THR A 5  ? 0.6765 0.5523 0.5022 0.0218  -0.0654 0.0831  6   THR A CB  
29  O OG1 . THR A 5  ? 0.9295 0.5349 0.8043 0.0720  -0.0300 0.3221  6   THR A OG1 
30  C CG2 . THR A 5  ? 0.5103 0.5536 0.5456 -0.0066 -0.0662 0.0187  6   THR A CG2 
31  N N   . LEU A 6  ? 0.5648 0.3396 0.4105 -0.0384 -0.1470 -0.0231 7   LEU A N   
32  C CA  . LEU A 6  ? 0.5104 0.3349 0.3524 0.0129  -0.1181 -0.0381 7   LEU A CA  
33  C C   . LEU A 6  ? 0.5245 0.3371 0.3510 0.0234  -0.1412 -0.0271 7   LEU A C   
34  O O   . LEU A 6  ? 0.4504 0.3803 0.4058 -0.0141 -0.1584 0.0116  7   LEU A O   
35  C CB  . LEU A 6  ? 0.5071 0.3182 0.4389 0.0115  -0.0715 -0.0087 7   LEU A CB  
36  C CG  . LEU A 6  ? 0.4804 0.3237 0.4558 0.0179  -0.0644 -0.0253 7   LEU A CG  
37  C CD1 . LEU A 6  ? 0.4718 0.3375 0.5170 -0.0721 -0.1074 0.0033  7   LEU A CD1 
38  C CD2 . LEU A 6  ? 0.4865 0.3048 0.4824 -0.0029 -0.0806 -0.0510 7   LEU A CD2 
39  N N   . GLN A 7  ? 0.5077 0.3601 0.3600 0.0272  -0.1783 -0.0604 8   GLN A N   
40  C CA  . GLN A 7  ? 0.5835 0.3985 0.3306 0.0360  -0.1137 -0.1111 8   GLN A CA  
41  C C   . GLN A 7  ? 0.5849 0.2681 0.3486 -0.0029 -0.1152 -0.0330 8   GLN A C   
42  O O   . GLN A 7  ? 0.7232 0.2628 0.3668 0.0618  -0.1951 -0.0613 8   GLN A O   
43  C CB  . GLN A 7  ? 0.7415 0.4138 0.4983 0.0567  -0.1160 -0.1192 8   GLN A CB  
44  C CG  . GLN A 7  ? 0.8237 0.6861 0.6230 0.1327  -0.1012 -0.2320 8   GLN A CG  
45  C CD  . GLN A 7  ? 1.1165 1.1816 0.6185 0.1317  -0.0872 -0.1573 8   GLN A CD  
46  O OE1 . GLN A 7  ? 1.0731 1.8929 1.0969 0.2239  -0.5330 -0.1557 8   GLN A OE1 
47  N NE2 . GLN A 7  ? 1.2323 1.5189 1.0160 -0.0249 0.0260  -0.0204 8   GLN A NE2 
48  N N   . GLU A 8  ? 0.5700 0.2966 0.3711 -0.0305 -0.1071 -0.0213 9   GLU A N   
49  C CA  . GLU A 8  ? 0.5783 0.2671 0.5125 -0.0484 -0.1696 -0.0147 9   GLU A CA  
50  C C   . GLU A 8  ? 0.5219 0.2831 0.4812 -0.0780 -0.2268 0.0121  9   GLU A C   
51  O O   . GLU A 8  ? 0.5115 0.3826 0.4491 -0.1126 -0.2579 -0.0027 9   GLU A O   
52  C CB  . GLU A 8  ? 0.7366 0.2664 0.5876 -0.0647 -0.0976 0.0955  9   GLU A CB  
53  C CG  . GLU A 8  ? 0.7187 0.6040 0.8784 -0.1907 -0.0780 0.1125  9   GLU A CG  
54  C CD  . GLU A 8  ? 0.7533 0.6475 1.0224 0.0021  -0.1438 0.1636  9   GLU A CD  
55  O OE1 . GLU A 8  ? 1.0689 0.4709 1.2598 0.0181  0.1989  0.0332  9   GLU A OE1 
56  O OE2 . GLU A 8  ? 0.9705 0.8599 1.0526 -0.0643 -0.3046 -0.0490 9   GLU A OE2 
57  N N   . TYR A 9  ? 0.4683 0.2733 0.4041 -0.0309 -0.2103 0.0096  10  TYR A N   
58  C CA  . TYR A 9  ? 0.3842 0.2607 0.3718 -0.0300 -0.1434 -0.0212 10  TYR A CA  
59  C C   . TYR A 9  ? 0.3955 0.2742 0.3762 -0.0263 -0.1594 -0.0318 10  TYR A C   
60  O O   . TYR A 9  ? 0.4214 0.2552 0.3151 -0.0139 -0.1533 -0.0691 10  TYR A O   
61  C CB  . TYR A 9  ? 0.3913 0.2661 0.3478 -0.0427 -0.1201 -0.0227 10  TYR A CB  
62  C CG  . TYR A 9  ? 0.3401 0.2584 0.3086 -0.0379 -0.1132 -0.0482 10  TYR A CG  
63  C CD1 . TYR A 9  ? 0.3576 0.2910 0.3060 -0.0352 -0.0931 -0.0579 10  TYR A CD1 
64  C CD2 . TYR A 9  ? 0.3435 0.2858 0.3202 -0.0209 -0.0992 -0.0275 10  TYR A CD2 
65  C CE1 . TYR A 9  ? 0.3765 0.2876 0.2834 -0.0221 -0.0671 -0.0599 10  TYR A CE1 
66  C CE2 . TYR A 9  ? 0.3613 0.2822 0.3328 -0.0288 -0.0706 -0.0500 10  TYR A CE2 
67  C CZ  . TYR A 9  ? 0.3235 0.2622 0.2944 -0.0261 -0.1147 -0.0339 10  TYR A CZ  
68  O OH  . TYR A 9  ? 0.3604 0.2552 0.3668 -0.0273 -0.1499 -0.0420 10  TYR A OH  
69  N N   . GLN A 10 ? 0.4460 0.2910 0.3739 0.0090  -0.1753 -0.0397 11  GLN A N   
70  C CA  . GLN A 10 ? 0.4426 0.3436 0.3939 0.0003  -0.1566 -0.0693 11  GLN A CA  
71  C C   . GLN A 10 ? 0.4700 0.3483 0.4005 0.0125  -0.1982 -0.0344 11  GLN A C   
72  O O   . GLN A 10 ? 0.5312 0.3113 0.3809 0.0112  -0.2073 -0.0633 11  GLN A O   
73  C CB  . GLN A 10 ? 0.4431 0.4252 0.4751 0.0491  -0.1934 -0.0324 11  GLN A CB  
74  C CG  . GLN A 10 ? 0.4546 0.5283 0.5017 0.0277  -0.1897 -0.0666 11  GLN A CG  
75  C CD  . GLN A 10 ? 0.5383 0.6089 0.5758 0.1030  -0.1000 -0.0563 11  GLN A CD  
76  O OE1 . GLN A 10 ? 0.5986 0.6836 0.5298 0.2196  -0.2694 -0.1617 11  GLN A OE1 
77  N NE2 . GLN A 10 ? 0.6406 0.6577 0.7161 0.0707  -0.0623 -0.0056 11  GLN A NE2 
78  N N   . LYS A 11 ? 0.5062 0.3015 0.4235 0.0220  -0.2290 -0.0538 12  LYS A N   
79  C CA  . LYS A 11 ? 0.5068 0.3434 0.4334 0.0232  -0.2278 -0.0647 12  LYS A CA  
80  C C   . LYS A 11 ? 0.5082 0.2918 0.3767 0.0034  -0.1719 -0.0273 12  LYS A C   
81  O O   . LYS A 11 ? 0.5557 0.2669 0.4078 0.0208  -0.2452 -0.0921 12  LYS A O   
82  C CB  . LYS A 11 ? 0.6209 0.3747 0.4612 -0.0221 -0.2346 -0.0287 12  LYS A CB  
83  C CG  . LYS A 11 ? 0.6747 0.4292 0.6163 -0.0866 -0.2677 -0.0443 12  LYS A CG  
84  C CD  . LYS A 11 ? 0.8812 0.5371 0.6855 -0.1104 -0.1845 0.0414  12  LYS A CD  
85  C CE  . LYS A 11 ? 0.9990 0.4210 0.8164 -0.0816 -0.2419 -0.0081 12  LYS A CE  
86  N NZ  . LYS A 11 ? 1.1831 0.7312 0.9027 -0.1480 -0.0962 0.0913  12  LYS A NZ  
87  N N   . ARG A 12 ? 0.4502 0.2894 0.3687 -0.0226 -0.1927 -0.0379 13  ARG A N   
88  C CA  . ARG A 12 ? 0.4397 0.2697 0.3710 -0.0419 -0.1232 -0.0283 13  ARG A CA  
89  C C   . ARG A 12 ? 0.3730 0.2676 0.3414 0.0032  -0.1163 -0.0081 13  ARG A C   
90  O O   . ARG A 12 ? 0.3725 0.2550 0.3619 -0.0167 -0.1648 -0.0239 13  ARG A O   
91  C CB  . ARG A 12 ? 0.4614 0.3537 0.3304 -0.0586 -0.1236 0.0646  13  ARG A CB  
92  C CG  . ARG A 12 ? 0.5232 0.4029 0.4255 -0.0937 -0.1236 0.0860  13  ARG A CG  
93  C CD  . ARG A 12 ? 0.5385 0.5549 0.4413 -0.1077 -0.0901 0.0650  13  ARG A CD  
94  N NE  . ARG A 12 ? 0.6381 0.6274 0.5856 -0.1655 -0.1473 0.1772  13  ARG A NE  
95  C CZ  . ARG A 12 ? 0.6508 0.5894 0.5697 -0.1556 -0.0566 0.1442  13  ARG A CZ  
96  N NH1 . ARG A 12 ? 0.6097 0.6872 0.6595 -0.3777 0.0600  0.0768  13  ARG A NH1 
97  N NH2 . ARG A 12 ? 0.7053 0.6895 0.6367 -0.2344 -0.0866 0.1582  13  ARG A NH2 
98  N N   . MET A 13 ? 0.3852 0.3075 0.3432 -0.0117 -0.1272 -0.0322 14  MET A N   
99  C CA  . MET A 13 ? 0.3663 0.3196 0.3069 0.0082  -0.1136 -0.0156 14  MET A CA  
100 C C   . MET A 13 ? 0.3972 0.2818 0.3155 0.0276  -0.1363 -0.0468 14  MET A C   
101 O O   . MET A 13 ? 0.4071 0.3121 0.3210 0.0403  -0.1387 -0.0290 14  MET A O   
102 C CB  . MET A 13 ? 0.3740 0.3032 0.3563 -0.0011 -0.1022 -0.0510 14  MET A CB  
103 C CG  . MET A 13 ? 0.3993 0.3954 0.3336 -0.0011 -0.1067 -0.0294 14  MET A CG  
104 S SD  . MET A 13 ? 0.5368 0.3707 0.5204 -0.0466 -0.1088 -0.0694 14  MET A SD  
105 C CE  . MET A 13 ? 0.5065 0.4817 0.4967 -0.0179 -0.0508 -0.0685 14  MET A CE  
106 N N   . LYS A 14 ? 0.4584 0.2996 0.3119 0.0416  -0.0974 -0.0539 15  LYS A N   
107 C CA  . LYS A 14 ? 0.4504 0.2778 0.3324 0.0666  -0.1232 -0.0770 15  LYS A CA  
108 C C   . LYS A 14 ? 0.4296 0.2404 0.3525 0.0337  -0.0916 -0.0856 15  LYS A C   
109 O O   . LYS A 14 ? 0.5215 0.2819 0.3407 0.0777  -0.1102 -0.0940 15  LYS A O   
110 C CB  . LYS A 14 ? 0.5392 0.2718 0.3874 0.0768  -0.1460 -0.1046 15  LYS A CB  
111 C CG  . LYS A 14 ? 0.6655 0.5382 0.3878 0.1616  -0.0982 -0.1085 15  LYS A CG  
112 C CD  . LYS A 14 ? 0.9636 0.5106 0.6872 0.1675  -0.0993 -0.1960 15  LYS A CD  
113 C CE  . LYS A 14 ? 1.1713 1.0630 0.5766 0.1318  -0.1429 -0.2192 15  LYS A CE  
114 N NZ  . LYS A 14 ? 1.2328 1.1159 0.6009 -0.0270 -0.3330 -0.2262 15  LYS A NZ  
115 N N   . LYS A 15 ? 0.4281 0.2809 0.3690 0.0397  -0.0908 -0.0392 16  LYS A N   
116 C CA  A LYS A 15 ? 0.4276 0.2874 0.3899 -0.0095 -0.1170 -0.0376 16  LYS A CA  
117 C CA  B LYS A 15 ? 0.4239 0.2840 0.3750 -0.0149 -0.1138 -0.0398 16  LYS A CA  
118 C C   . LYS A 15 ? 0.3856 0.2898 0.3339 -0.0148 -0.1584 -0.0252 16  LYS A C   
119 O O   . LYS A 15 ? 0.3558 0.2582 0.3154 -0.0429 -0.1660 -0.0537 16  LYS A O   
120 C CB  A LYS A 15 ? 0.5160 0.3286 0.4369 -0.0393 -0.1091 0.0055  16  LYS A CB  
121 C CB  B LYS A 15 ? 0.4824 0.3084 0.4047 -0.0411 -0.1209 -0.0058 16  LYS A CB  
122 C CG  A LYS A 15 ? 0.5105 0.3857 0.5317 -0.0379 -0.0854 0.0454  16  LYS A CG  
123 C CG  B LYS A 15 ? 0.4748 0.3358 0.4168 -0.0452 -0.0907 0.0101  16  LYS A CG  
124 C CD  A LYS A 15 ? 0.6140 0.4486 0.5999 -0.1031 -0.0968 0.0859  16  LYS A CD  
125 C CD  B LYS A 15 ? 0.5113 0.3958 0.4423 -0.0706 -0.1583 -0.0284 16  LYS A CD  
126 C CE  A LYS A 15 ? 0.6354 0.4726 0.6417 -0.0784 -0.1612 0.1131  16  LYS A CE  
127 C CE  B LYS A 15 ? 0.5165 0.5300 0.6030 -0.1319 -0.0986 -0.0154 16  LYS A CE  
128 N NZ  A LYS A 15 ? 0.6185 0.6170 0.7126 -0.1576 -0.1064 0.1242  16  LYS A NZ  
129 N NZ  B LYS A 15 ? 0.6416 0.5206 0.6130 -0.1376 -0.1306 -0.0741 16  LYS A NZ  
130 N N   . LEU A 16 ? 0.3820 0.2873 0.3229 0.0086  -0.0958 -0.0733 17  LEU A N   
131 C CA  . LEU A 16 ? 0.3335 0.2824 0.3156 -0.0239 -0.0930 -0.0720 17  LEU A CA  
132 C C   . LEU A 16 ? 0.3181 0.2542 0.3018 -0.0050 -0.1133 -0.0836 17  LEU A C   
133 O O   . LEU A 16 ? 0.3210 0.2509 0.2680 -0.0281 -0.0987 -0.0366 17  LEU A O   
134 C CB  . LEU A 16 ? 0.3739 0.3248 0.3132 0.0300  -0.0922 -0.1067 17  LEU A CB  
135 C CG  . LEU A 16 ? 0.3883 0.3044 0.3352 -0.0072 -0.0743 -0.0604 17  LEU A CG  
136 C CD1 . LEU A 16 ? 0.3603 0.3856 0.4001 -0.0683 -0.0673 -0.0925 17  LEU A CD1 
137 C CD2 . LEU A 16 ? 0.3816 0.4004 0.3868 -0.0303 -0.0790 -0.0684 17  LEU A CD2 
138 N N   . ASP A 17 ? 0.2940 0.2670 0.2804 -0.0365 -0.1209 -0.0798 18  ASP A N   
139 C CA  . ASP A 17 ? 0.3424 0.2677 0.3018 -0.0411 -0.0867 -0.0807 18  ASP A CA  
140 C C   . ASP A 17 ? 0.3034 0.2609 0.3165 -0.0126 -0.1186 -0.0414 18  ASP A C   
141 O O   . ASP A 17 ? 0.3278 0.2453 0.2972 -0.0030 -0.1332 -0.0710 18  ASP A O   
142 C CB  . ASP A 17 ? 0.3476 0.3235 0.3689 -0.0307 -0.0917 -0.0676 18  ASP A CB  
143 C CG  . ASP A 17 ? 0.3064 0.5355 0.4795 -0.0486 0.0370  -0.0867 18  ASP A CG  
144 O OD1 . ASP A 17 ? 0.6151 0.5986 0.5817 -0.1872 0.1212  -0.0948 18  ASP A OD1 
145 O OD2 . ASP A 17 ? 0.6205 0.5310 0.5648 0.0404  -0.0224 -0.1295 18  ASP A OD2 
146 N N   . GLN A 18 ? 0.3390 0.2568 0.2816 -0.0132 -0.1209 -0.0467 19  GLN A N   
147 C CA  . GLN A 18 ? 0.3470 0.2473 0.2322 0.0183  -0.0970 -0.0646 19  GLN A CA  
148 C C   . GLN A 18 ? 0.3386 0.2226 0.2640 -0.0103 -0.0934 -0.0121 19  GLN A C   
149 O O   . GLN A 18 ? 0.4062 0.2440 0.2624 0.0099  -0.1332 -0.0482 19  GLN A O   
150 C CB  . GLN A 18 ? 0.4237 0.2678 0.2767 0.0073  -0.0877 -0.0396 19  GLN A CB  
151 C CG  . GLN A 18 ? 0.5014 0.3724 0.4043 -0.0367 -0.1310 -0.0357 19  GLN A CG  
152 C CD  . GLN A 18 ? 0.6777 0.3401 0.5358 -0.0914 -0.0999 -0.0303 19  GLN A CD  
153 O OE1 . GLN A 18 ? 0.9246 0.3335 0.4731 0.0857  -0.0501 -0.0269 19  GLN A OE1 
154 N NE2 . GLN A 18 ? 0.8024 0.6126 0.5080 -0.1545 0.0008  -0.1165 19  GLN A NE2 
155 N N   . GLN A 19 ? 0.3171 0.2511 0.2911 -0.0211 -0.0969 -0.0401 20  GLN A N   
156 C CA  . GLN A 19 ? 0.3239 0.2064 0.3299 -0.0423 -0.0753 0.0011  20  GLN A CA  
157 C C   . GLN A 19 ? 0.2892 0.1970 0.3228 -0.0707 -0.0751 -0.0148 20  GLN A C   
158 O O   . GLN A 19 ? 0.3501 0.2450 0.3015 -0.0419 -0.0979 -0.0240 20  GLN A O   
159 C CB  . GLN A 19 ? 0.3255 0.2357 0.3020 -0.0418 -0.0960 0.0059  20  GLN A CB  
160 C CG  . GLN A 19 ? 0.4237 0.2614 0.3476 -0.0763 -0.0746 0.0354  20  GLN A CG  
161 C CD  . GLN A 19 ? 0.4687 0.3338 0.3617 -0.0958 -0.0239 -0.0030 20  GLN A CD  
162 O OE1 . GLN A 19 ? 0.7311 0.3750 0.5071 -0.1834 0.0024  0.0205  20  GLN A OE1 
163 N NE2 . GLN A 19 ? 0.4538 0.3117 0.2821 -0.0677 -0.0310 0.0385  20  GLN A NE2 
164 N N   . TYR A 20 ? 0.2799 0.2113 0.2793 -0.0373 -0.0998 -0.0438 21  TYR A N   
165 C CA  . TYR A 20 ? 0.2700 0.2138 0.3175 -0.0528 -0.0794 -0.0451 21  TYR A CA  
166 C C   . TYR A 20 ? 0.2482 0.2200 0.3146 -0.0129 -0.0944 -0.0391 21  TYR A C   
167 O O   . TYR A 20 ? 0.3106 0.2272 0.3084 -0.0060 -0.1424 -0.0595 21  TYR A O   
168 C CB  . TYR A 20 ? 0.2813 0.2554 0.3130 -0.0410 -0.0907 -0.0616 21  TYR A CB  
169 C CG  . TYR A 20 ? 0.2913 0.2331 0.3387 -0.0428 -0.0770 -0.0584 21  TYR A CG  
170 C CD1 . TYR A 20 ? 0.2878 0.2275 0.2765 -0.0447 -0.0578 -0.0540 21  TYR A CD1 
171 C CD2 . TYR A 20 ? 0.3292 0.3069 0.3645 -0.0259 -0.0479 -0.0485 21  TYR A CD2 
172 C CE1 . TYR A 20 ? 0.3292 0.2401 0.2873 -0.0665 -0.0720 -0.0483 21  TYR A CE1 
173 C CE2 . TYR A 20 ? 0.3764 0.3212 0.3857 -0.0583 -0.0604 -0.0475 21  TYR A CE2 
174 C CZ  . TYR A 20 ? 0.3363 0.2687 0.3765 -0.1004 -0.0377 -0.0530 21  TYR A CZ  
175 O OH  . TYR A 20 ? 0.4539 0.2881 0.3989 -0.0812 -0.0309 -0.0395 21  TYR A OH  
176 N N   . ARG A 21 ? 0.2510 0.2223 0.2975 -0.0367 -0.0891 -0.0399 22  ARG A N   
177 C CA  A ARG A 21 ? 0.2536 0.2485 0.3034 -0.0378 -0.0673 -0.0177 22  ARG A CA  
178 C CA  B ARG A 21 ? 0.2471 0.2435 0.3064 -0.0365 -0.0630 -0.0186 22  ARG A CA  
179 C C   . ARG A 21 ? 0.2501 0.2477 0.3035 -0.0144 -0.0744 -0.0194 22  ARG A C   
180 O O   . ARG A 21 ? 0.2867 0.2510 0.2813 -0.0621 -0.0619 -0.0177 22  ARG A O   
181 C CB  A ARG A 21 ? 0.2512 0.3221 0.3172 -0.0209 -0.0344 -0.0056 22  ARG A CB  
182 C CB  B ARG A 21 ? 0.2391 0.3275 0.3304 -0.0167 -0.0273 -0.0129 22  ARG A CB  
183 C CG  A ARG A 21 ? 0.2994 0.3738 0.3110 -0.0189 -0.0734 -0.0008 22  ARG A CG  
184 C CG  B ARG A 21 ? 0.2202 0.4267 0.3515 0.0101  -0.0505 -0.0087 22  ARG A CG  
185 C CD  A ARG A 21 ? 0.3372 0.5304 0.4406 -0.0447 -0.0192 0.0214  22  ARG A CD  
186 C CD  B ARG A 21 ? 0.3179 0.4785 0.4278 0.0680  -0.0404 -0.0253 22  ARG A CD  
187 N NE  A ARG A 21 ? 0.4040 0.6183 0.4946 -0.0269 -0.0856 0.0615  22  ARG A NE  
188 N NE  B ARG A 21 ? 0.4860 0.4818 0.5213 0.0797  0.0111  -0.0081 22  ARG A NE  
189 C CZ  A ARG A 21 ? 0.4861 0.6100 0.5492 -0.0583 -0.0402 0.0359  22  ARG A CZ  
190 C CZ  B ARG A 21 ? 0.5550 0.5412 0.5614 0.1473  0.0632  0.0387  22  ARG A CZ  
191 N NH1 A ARG A 21 ? 0.5507 0.5677 0.6544 -0.0121 -0.0004 0.0816  22  ARG A NH1 
192 N NH1 B ARG A 21 ? 0.6619 0.7354 0.5760 0.1579  0.1296  -0.0203 22  ARG A NH1 
193 N NH2 A ARG A 21 ? 0.4094 0.6902 0.7171 -0.1743 -0.0514 0.0993  22  ARG A NH2 
194 N NH2 B ARG A 21 ? 0.4629 0.5112 0.4543 0.1343  -0.0465 0.0169  22  ARG A NH2 
195 N N   . GLU A 22 ? 0.2467 0.2314 0.2960 -0.0048 -0.0903 -0.0179 23  GLU A N   
196 C CA  . GLU A 22 ? 0.2595 0.2310 0.3372 -0.0424 -0.0760 -0.0331 23  GLU A CA  
197 C C   . GLU A 22 ? 0.3004 0.2670 0.2853 -0.0020 -0.0881 -0.0321 23  GLU A C   
198 O O   . GLU A 22 ? 0.3419 0.2197 0.2995 -0.0226 -0.1242 -0.0424 23  GLU A O   
199 C CB  . GLU A 22 ? 0.3190 0.2545 0.3400 -0.0634 -0.0621 -0.0155 23  GLU A CB  
200 C CG  . GLU A 22 ? 0.2915 0.2811 0.4427 -0.0601 -0.0686 0.0099  23  GLU A CG  
201 C CD  . GLU A 22 ? 0.3525 0.3839 0.4679 -0.1022 -0.0856 -0.0359 23  GLU A CD  
202 O OE1 . GLU A 22 ? 0.3344 0.3076 0.5501 -0.0187 -0.0736 0.0289  23  GLU A OE1 
203 O OE2 . GLU A 22 ? 0.4132 0.3344 0.5030 -0.0869 -0.1973 0.0179  23  GLU A OE2 
204 N N   . ARG A 23 ? 0.2884 0.2394 0.2939 -0.0117 -0.1142 -0.0347 24  ARG A N   
205 C CA  . ARG A 23 ? 0.2781 0.2518 0.2692 -0.0068 -0.0734 -0.0258 24  ARG A CA  
206 C C   . ARG A 23 ? 0.2597 0.2226 0.2777 -0.0085 -0.0546 -0.0413 24  ARG A C   
207 O O   . ARG A 23 ? 0.2749 0.2492 0.2686 0.0116  -0.0620 -0.0395 24  ARG A O   
208 C CB  . ARG A 23 ? 0.3210 0.2496 0.2746 -0.0051 -0.0621 -0.0379 24  ARG A CB  
209 C CG  . ARG A 23 ? 0.2785 0.2634 0.2861 -0.0254 -0.0515 -0.0462 24  ARG A CG  
210 C CD  . ARG A 23 ? 0.2774 0.2846 0.2978 -0.0018 -0.0350 -0.0485 24  ARG A CD  
211 N NE  . ARG A 23 ? 0.3161 0.2987 0.3278 0.0267  -0.0566 -0.0429 24  ARG A NE  
212 C CZ  . ARG A 23 ? 0.3419 0.3251 0.2896 0.0309  -0.0581 -0.0365 24  ARG A CZ  
213 N NH1 . ARG A 23 ? 0.3561 0.3765 0.2942 0.0661  -0.0746 -0.0476 24  ARG A NH1 
214 N NH2 . ARG A 23 ? 0.3334 0.3773 0.2828 0.0532  -0.0577 -0.0559 24  ARG A NH2 
215 N N   . ILE A 24 ? 0.2664 0.2387 0.2641 -0.0308 -0.0360 -0.0308 25  ILE A N   
216 C CA  . ILE A 24 ? 0.3258 0.2422 0.2785 -0.0295 -0.0602 -0.0167 25  ILE A CA  
217 C C   . ILE A 24 ? 0.3130 0.2099 0.2674 -0.0095 -0.0321 -0.0395 25  ILE A C   
218 O O   . ILE A 24 ? 0.3803 0.1841 0.2877 -0.0128 -0.0228 -0.0373 25  ILE A O   
219 C CB  . ILE A 24 ? 0.3319 0.3150 0.3313 -0.0564 -0.0407 -0.0054 25  ILE A CB  
220 C CG1 . ILE A 24 ? 0.4312 0.3103 0.4080 -0.0333 -0.1088 -0.0632 25  ILE A CG1 
221 C CG2 . ILE A 24 ? 0.3298 0.3261 0.3435 -0.0860 -0.0598 -0.0276 25  ILE A CG2 
222 C CD1 . ILE A 24 ? 0.4552 0.3871 0.3445 0.0230  -0.0891 -0.0751 25  ILE A CD1 
223 N N   . ARG A 25 ? 0.3217 0.2122 0.2582 0.0131  -0.0187 -0.0329 26  ARG A N   
224 C CA  . ARG A 25 ? 0.3164 0.2428 0.2788 -0.0101 -0.0573 -0.0232 26  ARG A CA  
225 C C   . ARG A 25 ? 0.3180 0.2144 0.2391 0.0239  -0.0392 -0.0203 26  ARG A C   
226 O O   . ARG A 25 ? 0.3092 0.2001 0.2663 -0.0313 -0.0727 -0.0015 26  ARG A O   
227 C CB  . ARG A 25 ? 0.3328 0.2720 0.3551 0.0532  -0.0401 -0.0514 26  ARG A CB  
228 C CG  . ARG A 25 ? 0.4050 0.3582 0.3947 0.0351  -0.0355 -0.0746 26  ARG A CG  
229 C CD  . ARG A 25 ? 0.3958 0.3191 0.3734 0.0182  -0.0213 -0.0812 26  ARG A CD  
230 N NE  . ARG A 25 ? 0.3997 0.3464 0.3213 0.0240  -0.0148 -0.0618 26  ARG A NE  
231 C CZ  . ARG A 25 ? 0.3422 0.2987 0.3210 0.0544  0.0018  -0.0829 26  ARG A CZ  
232 N NH1 . ARG A 25 ? 0.3399 0.2600 0.3216 0.0032  -0.0339 -0.0797 26  ARG A NH1 
233 N NH2 . ARG A 25 ? 0.3518 0.3595 0.4018 0.0337  -0.0191 -0.0466 26  ARG A NH2 
234 N N   . ASN A 26 ? 0.2761 0.2425 0.2415 -0.0251 -0.0645 -0.0437 27  ASN A N   
235 C CA  . ASN A 26 ? 0.2890 0.2066 0.2773 -0.0118 -0.0614 -0.0518 27  ASN A CA  
236 C C   . ASN A 26 ? 0.2975 0.2148 0.2775 -0.0108 -0.0906 -0.0369 27  ASN A C   
237 O O   . ASN A 26 ? 0.3389 0.2726 0.2437 -0.0003 -0.1010 -0.0228 27  ASN A O   
238 C CB  . ASN A 26 ? 0.2780 0.2207 0.2928 -0.0450 -0.0906 -0.0370 27  ASN A CB  
239 C CG  . ASN A 26 ? 0.3507 0.2193 0.2729 -0.0411 -0.0659 -0.0349 27  ASN A CG  
240 O OD1 . ASN A 26 ? 0.4067 0.2472 0.2694 -0.0234 -0.0565 -0.0487 27  ASN A OD1 
241 N ND2 . ASN A 26 ? 0.3692 0.2474 0.2866 -0.0201 -0.0672 -0.0130 27  ASN A ND2 
242 N N   . ALA A 27 ? 0.2975 0.2268 0.2010 -0.0412 -0.0748 -0.0142 28  ALA A N   
243 C CA  . ALA A 27 ? 0.3280 0.2322 0.2775 -0.0083 -0.0672 -0.0420 28  ALA A CA  
244 C C   . ALA A 27 ? 0.2886 0.2360 0.2741 -0.0173 -0.0905 -0.0345 28  ALA A C   
245 O O   . ALA A 27 ? 0.3525 0.2466 0.2942 0.0015  -0.1018 -0.0009 28  ALA A O   
246 C CB  . ALA A 27 ? 0.3456 0.2466 0.3382 -0.0303 -0.0656 -0.0698 28  ALA A CB  
247 N N   . GLU A 28 ? 0.2848 0.2030 0.2943 -0.0213 -0.0728 -0.0345 29  GLU A N   
248 C CA  A GLU A 28 ? 0.2960 0.2515 0.3103 -0.0483 -0.0724 -0.0064 29  GLU A CA  
249 C CA  B GLU A 28 ? 0.3119 0.2635 0.3119 -0.0560 -0.0797 -0.0003 29  GLU A CA  
250 C C   . GLU A 28 ? 0.2903 0.2546 0.3058 -0.0518 -0.0770 0.0186  29  GLU A C   
251 O O   . GLU A 28 ? 0.3224 0.2558 0.2899 -0.0664 -0.0975 0.0101  29  GLU A O   
252 C CB  A GLU A 28 ? 0.2763 0.3306 0.3328 -0.0726 -0.0409 -0.0102 29  GLU A CB  
253 C CB  B GLU A 28 ? 0.3149 0.3512 0.3999 -0.0615 -0.0389 0.0080  29  GLU A CB  
254 C CG  A GLU A 28 ? 0.2842 0.3623 0.3361 -0.0829 -0.0564 0.0104  29  GLU A CG  
255 C CG  B GLU A 28 ? 0.4208 0.4213 0.4372 -0.0779 -0.0289 0.0647  29  GLU A CG  
256 C CD  A GLU A 28 ? 0.3838 0.4314 0.4769 -0.0008 0.0108  -0.0025 29  GLU A CD  
257 C CD  B GLU A 28 ? 0.4123 0.5750 0.5554 -0.1162 -0.0016 0.0989  29  GLU A CD  
258 O OE1 A GLU A 28 ? 0.5438 0.4440 0.6234 0.0531  0.0258  -0.0495 29  GLU A OE1 
259 O OE1 B GLU A 28 ? 0.5672 0.5451 0.5884 -0.0484 0.0134  0.1269  29  GLU A OE1 
260 O OE2 A GLU A 28 ? 0.3603 0.4024 0.6250 0.0585  -0.0084 0.0143  29  GLU A OE2 
261 O OE2 B GLU A 28 ? 0.5425 0.6170 0.6061 -0.3534 0.0002  0.0692  29  GLU A OE2 
262 N N   . LEU A 29 ? 0.3091 0.2418 0.2881 -0.0422 -0.1108 -0.0073 30  LEU A N   
263 C CA  . LEU A 29 ? 0.3167 0.1887 0.2756 -0.0381 -0.0797 -0.0481 30  LEU A CA  
264 C C   . LEU A 29 ? 0.3067 0.2194 0.2337 -0.0261 -0.0803 -0.0243 30  LEU A C   
265 O O   . LEU A 29 ? 0.3458 0.2271 0.2904 -0.0128 -0.1332 -0.0197 30  LEU A O   
266 C CB  . LEU A 29 ? 0.3448 0.1846 0.2828 -0.0359 -0.0487 -0.0473 30  LEU A CB  
267 C CG  . LEU A 29 ? 0.3337 0.2540 0.3040 -0.0605 -0.0607 -0.0207 30  LEU A CG  
268 C CD1 . LEU A 29 ? 0.3696 0.2622 0.2966 -0.0441 -0.0366 -0.0637 30  LEU A CD1 
269 C CD2 . LEU A 29 ? 0.3642 0.2587 0.3732 -0.0388 -0.0763 0.0018  30  LEU A CD2 
270 N N   . PHE A 30 ? 0.3080 0.2239 0.2611 -0.0018 -0.0540 -0.0545 31  PHE A N   
271 C CA  . PHE A 30 ? 0.2749 0.2213 0.2886 -0.0281 -0.0240 -0.0337 31  PHE A CA  
272 C C   . PHE A 30 ? 0.2959 0.2212 0.3102 0.0128  -0.0777 -0.0337 31  PHE A C   
273 O O   . PHE A 30 ? 0.2515 0.2380 0.3402 -0.0104 -0.0897 -0.0537 31  PHE A O   
274 C CB  . PHE A 30 ? 0.3014 0.2551 0.2901 -0.0259 -0.0319 -0.0426 31  PHE A CB  
275 C CG  . PHE A 30 ? 0.2899 0.3187 0.3029 -0.0173 -0.0616 -0.0520 31  PHE A CG  
276 C CD1 . PHE A 30 ? 0.2752 0.3831 0.4658 -0.0377 0.0123  -0.0249 31  PHE A CD1 
277 C CD2 . PHE A 30 ? 0.3140 0.3228 0.3367 -0.0021 -0.0631 -0.0608 31  PHE A CD2 
278 C CE1 . PHE A 30 ? 0.2952 0.4036 0.4976 -0.0189 -0.0228 -0.0573 31  PHE A CE1 
279 C CE2 . PHE A 30 ? 0.3396 0.3820 0.4721 0.0324  -0.0266 -0.0383 31  PHE A CE2 
280 C CZ  . PHE A 30 ? 0.3403 0.4074 0.4289 0.0186  -0.0251 -0.0508 31  PHE A CZ  
281 N N   . LEU A 31 ? 0.3386 0.2435 0.3083 -0.0322 -0.0805 -0.0161 32  LEU A N   
282 C CA  . LEU A 31 ? 0.3930 0.2092 0.2781 -0.0412 -0.0762 -0.0575 32  LEU A CA  
283 C C   . LEU A 31 ? 0.4142 0.2741 0.2954 -0.0058 -0.1156 -0.0434 32  LEU A C   
284 O O   . LEU A 31 ? 0.4450 0.2348 0.3518 -0.0301 -0.1440 -0.0337 32  LEU A O   
285 C CB  . LEU A 31 ? 0.4153 0.2781 0.3048 -0.0891 -0.0533 -0.0397 32  LEU A CB  
286 C CG  . LEU A 31 ? 0.4339 0.3255 0.3471 -0.1152 -0.0641 -0.0116 32  LEU A CG  
287 C CD1 . LEU A 31 ? 0.5058 0.3865 0.3778 -0.0701 -0.0736 -0.0103 32  LEU A CD1 
288 C CD2 . LEU A 31 ? 0.4379 0.3270 0.4398 -0.1370 -0.0775 0.0121  32  LEU A CD2 
289 N N   . GLN A 32 ? 0.3707 0.2789 0.2665 -0.0032 -0.1076 -0.0313 33  GLN A N   
290 C CA  . GLN A 32 ? 0.3526 0.2656 0.2580 -0.0222 -0.0788 -0.0073 33  GLN A CA  
291 C C   . GLN A 32 ? 0.3637 0.2531 0.2826 -0.0347 -0.1112 0.0105  33  GLN A C   
292 O O   . GLN A 32 ? 0.3670 0.2691 0.3197 -0.0230 -0.1185 0.0434  33  GLN A O   
293 C CB  . GLN A 32 ? 0.3541 0.3107 0.3247 -0.0112 -0.0198 -0.0184 33  GLN A CB  
294 C CG  . GLN A 32 ? 0.3536 0.4093 0.3105 -0.0089 -0.0490 0.0297  33  GLN A CG  
295 C CD  . GLN A 32 ? 0.3882 0.5599 0.3949 0.0377  0.0149  0.0009  33  GLN A CD  
296 O OE1 . GLN A 32 ? 0.6855 0.6580 0.6013 0.0221  0.0233  0.1025  33  GLN A OE1 
297 N NE2 . GLN A 32 ? 0.5767 0.7359 0.4818 -0.1042 0.1093  0.0659  33  GLN A NE2 
298 N N   . LEU A 33 ? 0.3168 0.2482 0.2654 -0.0125 -0.0849 -0.0245 34  LEU A N   
299 C CA  . LEU A 33 ? 0.3197 0.2378 0.3503 -0.0152 -0.0944 -0.0391 34  LEU A CA  
300 C C   . LEU A 33 ? 0.3439 0.2452 0.3202 -0.0018 -0.1022 -0.0435 34  LEU A C   
301 O O   . LEU A 33 ? 0.4050 0.2960 0.3669 -0.0032 -0.1507 0.0147  34  LEU A O   
302 C CB  . LEU A 33 ? 0.3229 0.2731 0.3127 -0.0153 -0.1063 -0.0314 34  LEU A CB  
303 C CG  . LEU A 33 ? 0.3045 0.2692 0.3218 -0.0289 -0.0793 -0.0378 34  LEU A CG  
304 C CD1 . LEU A 33 ? 0.3157 0.2757 0.3528 -0.0247 -0.0678 -0.0180 34  LEU A CD1 
305 C CD2 . LEU A 33 ? 0.4027 0.3007 0.3190 -0.0046 -0.0774 -0.0343 34  LEU A CD2 
306 N N   . GLU A 34 ? 0.2995 0.2742 0.3313 -0.0041 -0.1004 -0.0661 35  GLU A N   
307 C CA  . GLU A 34 ? 0.3139 0.2760 0.3386 0.0088  -0.1128 -0.0509 35  GLU A CA  
308 C C   . GLU A 34 ? 0.3416 0.2708 0.3074 -0.0035 -0.1067 -0.0746 35  GLU A C   
309 O O   . GLU A 34 ? 0.4389 0.2713 0.4677 0.0250  -0.1845 -0.0215 35  GLU A O   
310 C CB  . GLU A 34 ? 0.3696 0.2723 0.3513 -0.0249 -0.0907 -0.0758 35  GLU A CB  
311 C CG  . GLU A 34 ? 0.4081 0.4470 0.3923 0.0070  -0.0262 -0.0449 35  GLU A CG  
312 C CD  . GLU A 34 ? 0.3655 0.6097 0.6356 0.0866  -0.1211 -0.0892 35  GLU A CD  
313 O OE1 . GLU A 34 ? 0.5284 0.5883 0.6107 0.0526  -0.2267 -0.0909 35  GLU A OE1 
314 O OE2 . GLU A 34 ? 0.3321 0.7700 0.6464 0.0157  -0.0859 -0.0660 35  GLU A OE2 
315 N N   . THR A 35 ? 0.3499 0.2570 0.3665 -0.0507 -0.1132 -0.0134 36  THR A N   
316 C CA  . THR A 35 ? 0.4224 0.2688 0.3128 -0.0836 -0.1508 -0.0368 36  THR A CA  
317 C C   . THR A 35 ? 0.3615 0.1913 0.3355 -0.0586 -0.1542 -0.0189 36  THR A C   
318 O O   . THR A 35 ? 0.4189 0.2566 0.4160 -0.0042 -0.1537 0.0143  36  THR A O   
319 C CB  . THR A 35 ? 0.4223 0.3161 0.3998 -0.0947 -0.1243 -0.0187 36  THR A CB  
320 O OG1 . THR A 35 ? 0.4293 0.3295 0.4127 -0.1069 -0.1711 0.0195  36  THR A OG1 
321 C CG2 . THR A 35 ? 0.4555 0.4757 0.4051 -0.0834 -0.1601 0.0198  36  THR A CG2 
322 N N   . GLU A 36 ? 0.3685 0.2448 0.3305 -0.0302 -0.1380 -0.0188 37  GLU A N   
323 C CA  . GLU A 36 ? 0.3622 0.2506 0.3381 -0.0300 -0.1387 -0.0231 37  GLU A CA  
324 C C   . GLU A 36 ? 0.4059 0.2040 0.3463 -0.0041 -0.1156 -0.0196 37  GLU A C   
325 O O   . GLU A 36 ? 0.4747 0.2885 0.3629 0.0191  -0.1521 -0.0123 37  GLU A O   
326 C CB  . GLU A 36 ? 0.4109 0.2773 0.4009 0.0119  -0.1193 -0.0836 37  GLU A CB  
327 C CG  . GLU A 36 ? 0.4648 0.4209 0.4216 0.0286  -0.1698 -0.0964 37  GLU A CG  
328 C CD  . GLU A 36 ? 0.5926 0.7074 0.4439 0.0136  -0.0853 -0.0713 37  GLU A CD  
329 O OE1 . GLU A 36 ? 0.5604 0.8668 0.5838 0.0139  0.0255  -0.2226 37  GLU A OE1 
330 O OE2 . GLU A 36 ? 0.6710 1.5185 0.4585 0.0896  -0.1726 0.0191  37  GLU A OE2 
331 N N   . GLN A 37 ? 0.3705 0.2330 0.3503 -0.0375 -0.1181 -0.0318 38  GLN A N   
332 C CA  . GLN A 37 ? 0.3898 0.2478 0.4134 -0.0008 -0.0998 -0.0008 38  GLN A CA  
333 C C   . GLN A 37 ? 0.3700 0.2454 0.3889 -0.0184 -0.1242 0.0036  38  GLN A C   
334 O O   . GLN A 37 ? 0.3706 0.2667 0.3857 -0.0249 -0.1369 -0.0056 38  GLN A O   
335 C CB  . GLN A 37 ? 0.4280 0.2787 0.4317 -0.0178 -0.0687 0.0239  38  GLN A CB  
336 C CG  . GLN A 37 ? 0.4517 0.3331 0.4642 -0.0098 -0.0421 0.0500  38  GLN A CG  
337 C CD  . GLN A 37 ? 0.4837 0.3658 0.5608 -0.0049 -0.1050 0.0494  38  GLN A CD  
338 O OE1 . GLN A 37 ? 0.6566 0.3600 0.6487 0.0217  -0.1726 0.0411  38  GLN A OE1 
339 N NE2 . GLN A 37 ? 0.4631 0.3634 0.6464 -0.0056 -0.1158 0.0325  38  GLN A NE2 
340 N N   . VAL A 38 ? 0.3710 0.2482 0.3591 -0.0053 -0.1371 -0.0089 39  VAL A N   
341 C CA  . VAL A 38 ? 0.3948 0.2475 0.3425 -0.0048 -0.1234 -0.0172 39  VAL A CA  
342 C C   . VAL A 38 ? 0.3774 0.2348 0.3313 -0.0097 -0.1049 -0.0434 39  VAL A C   
343 O O   . VAL A 38 ? 0.4211 0.2698 0.3524 0.0119  -0.1170 -0.0173 39  VAL A O   
344 C CB  . VAL A 38 ? 0.4791 0.2617 0.3541 -0.0195 -0.1252 -0.1180 39  VAL A CB  
345 C CG1 . VAL A 38 ? 0.4933 0.4086 0.4287 -0.1259 -0.1346 -0.0490 39  VAL A CG1 
346 C CG2 . VAL A 38 ? 0.5413 0.2673 0.3714 0.0007  -0.1089 -0.0824 39  VAL A CG2 
347 N N   . GLU A 39 ? 0.3491 0.3296 0.3177 0.0278  -0.0693 -0.0079 40  GLU A N   
348 C CA  . GLU A 39 ? 0.3737 0.3159 0.3208 0.0039  -0.0700 -0.0184 40  GLU A CA  
349 C C   . GLU A 39 ? 0.3960 0.3329 0.3369 0.0016  -0.1097 -0.0001 40  GLU A C   
350 O O   . GLU A 39 ? 0.3597 0.2778 0.3633 0.0013  -0.1496 -0.0323 40  GLU A O   
351 C CB  . GLU A 39 ? 0.3782 0.4190 0.4683 0.0707  -0.0316 0.0232  40  GLU A CB  
352 C CG  . GLU A 39 ? 0.4375 0.5192 0.5229 0.0143  -0.0460 0.0195  40  GLU A CG  
353 C CD  . GLU A 39 ? 0.5243 0.4935 0.6547 0.0044  -0.0027 -0.0031 40  GLU A CD  
354 O OE1 . GLU A 39 ? 0.5821 0.6122 0.6836 0.1615  0.0513  0.0567  40  GLU A OE1 
355 O OE2 . GLU A 39 ? 0.6394 0.6959 0.8307 0.0326  -0.1552 -0.3093 40  GLU A OE2 
356 N N   . ARG A 40 ? 0.3653 0.2731 0.3800 0.0022  -0.1315 -0.0414 41  ARG A N   
357 C CA  . ARG A 40 ? 0.3546 0.2863 0.4523 -0.0072 -0.1053 -0.0558 41  ARG A CA  
358 C C   . ARG A 40 ? 0.3567 0.2945 0.3876 0.0112  -0.1277 -0.0243 41  ARG A C   
359 O O   . ARG A 40 ? 0.3680 0.2712 0.4092 -0.0170 -0.1563 -0.0153 41  ARG A O   
360 C CB  . ARG A 40 ? 0.3738 0.3068 0.4167 -0.0440 -0.1245 -0.0473 41  ARG A CB  
361 C CG  . ARG A 40 ? 0.4696 0.3393 0.5410 0.0042  -0.1136 -0.0686 41  ARG A CG  
362 C CD  . ARG A 40 ? 0.5334 0.4255 0.5245 -0.0660 -0.1530 -0.0115 41  ARG A CD  
363 N NE  . ARG A 40 ? 0.5872 0.4537 0.5469 -0.0519 -0.1017 0.0986  41  ARG A NE  
364 C CZ  . ARG A 40 ? 0.5823 0.3111 0.5641 0.0031  -0.0512 -0.0088 41  ARG A CZ  
365 N NH1 . ARG A 40 ? 0.5944 0.5877 0.5164 0.0268  -0.1089 -0.1521 41  ARG A NH1 
366 N NH2 . ARG A 40 ? 0.5744 0.2743 0.5578 -0.0071 -0.0870 0.0183  41  ARG A NH2 
367 N N   . ASN A 41 ? 0.3736 0.2771 0.3701 0.0070  -0.0946 -0.0176 42  ASN A N   
368 C CA  . ASN A 41 ? 0.3804 0.2644 0.3642 -0.0034 -0.0651 -0.0141 42  ASN A CA  
369 C C   . ASN A 41 ? 0.3697 0.2671 0.3307 -0.0045 -0.0322 -0.0357 42  ASN A C   
370 O O   . ASN A 41 ? 0.4312 0.3003 0.3840 0.0227  -0.1091 -0.0112 42  ASN A O   
371 C CB  . ASN A 41 ? 0.4532 0.3165 0.3464 0.0320  -0.0349 0.0003  42  ASN A CB  
372 C CG  . ASN A 41 ? 0.4687 0.2840 0.4118 0.0187  -0.0536 0.0238  42  ASN A CG  
373 O OD1 . ASN A 41 ? 0.5112 0.3417 0.4905 -0.0386 -0.1204 0.0557  42  ASN A OD1 
374 N ND2 . ASN A 41 ? 0.5096 0.4734 0.4601 0.0565  -0.0991 -0.0068 42  ASN A ND2 
375 N N   . TYR A 42 ? 0.3322 0.2678 0.3057 0.0091  -0.0989 -0.0319 43  TYR A N   
376 C CA  . TYR A 42 ? 0.3283 0.2391 0.2941 -0.0220 -0.0747 -0.0486 43  TYR A CA  
377 C C   . TYR A 42 ? 0.3621 0.2161 0.3167 0.0000  -0.1199 -0.0341 43  TYR A C   
378 O O   . TYR A 42 ? 0.3773 0.2103 0.3905 0.0002  -0.1309 -0.0078 43  TYR A O   
379 C CB  . TYR A 42 ? 0.3327 0.2520 0.3669 -0.0045 -0.0489 -0.0511 43  TYR A CB  
380 C CG  . TYR A 42 ? 0.2973 0.3569 0.3421 -0.0599 -0.0751 -0.0375 43  TYR A CG  
381 C CD1 . TYR A 42 ? 0.3640 0.3570 0.3507 -0.0730 -0.1183 -0.0313 43  TYR A CD1 
382 C CD2 . TYR A 42 ? 0.3737 0.4792 0.3973 -0.0020 -0.0260 -0.0164 43  TYR A CD2 
383 C CE1 . TYR A 42 ? 0.5124 0.4484 0.3376 -0.0824 -0.0928 -0.0140 43  TYR A CE1 
384 C CE2 . TYR A 42 ? 0.4809 0.6326 0.3794 0.0001  -0.0103 0.0289  43  TYR A CE2 
385 C CZ  . TYR A 42 ? 0.4888 0.6246 0.4598 -0.0287 -0.0228 0.0239  43  TYR A CZ  
386 O OH  . TYR A 42 ? 0.6237 0.9048 0.4112 -0.1926 -0.0774 0.0466  43  TYR A OH  
387 N N   . ILE A 43 ? 0.4245 0.2600 0.3082 0.0385  -0.1300 -0.0769 44  ILE A N   
388 C CA  . ILE A 43 ? 0.4232 0.2487 0.2924 0.0267  -0.1168 -0.0630 44  ILE A CA  
389 C C   . ILE A 43 ? 0.4190 0.2659 0.2925 0.0420  -0.1134 -0.0391 44  ILE A C   
390 O O   . ILE A 43 ? 0.4258 0.2567 0.3436 0.0479  -0.1738 -0.0647 44  ILE A O   
391 C CB  . ILE A 43 ? 0.4474 0.2615 0.3079 0.0287  -0.1111 -0.0910 44  ILE A CB  
392 C CG1 . ILE A 43 ? 0.4613 0.4421 0.3941 0.0477  -0.0860 -0.0918 44  ILE A CG1 
393 C CG2 . ILE A 43 ? 0.4245 0.3267 0.3753 -0.0134 -0.1516 -0.0901 44  ILE A CG2 
394 C CD1 . ILE A 43 ? 0.5296 0.5278 0.5133 0.0989  -0.0001 -0.0368 44  ILE A CD1 
395 N N   . LYS A 44 ? 0.3917 0.2484 0.3166 0.0249  -0.1168 -0.0376 45  LYS A N   
396 C CA  . LYS A 44 ? 0.3825 0.2736 0.3817 0.0171  -0.0982 -0.0305 45  LYS A CA  
397 C C   . LYS A 44 ? 0.3374 0.2774 0.3663 0.0018  -0.1371 -0.0107 45  LYS A C   
398 O O   . LYS A 44 ? 0.3615 0.3087 0.3683 -0.0062 -0.1652 -0.0007 45  LYS A O   
399 C CB  . LYS A 44 ? 0.4561 0.3910 0.4330 0.0161  -0.0861 0.0243  45  LYS A CB  
400 C CG  . LYS A 44 ? 0.5123 0.4963 0.5530 -0.0251 -0.0232 0.0384  45  LYS A CG  
401 C CD  . LYS A 44 ? 0.7409 0.6763 0.6403 -0.0205 0.0053  0.1675  45  LYS A CD  
402 C CE  . LYS A 44 ? 0.8337 0.8682 0.8884 -0.0818 0.0824  0.1820  45  LYS A CE  
403 N NZ  . LYS A 44 ? 0.9180 1.1395 0.8680 0.0313  -0.0096 0.2002  45  LYS A NZ  
404 N N   . GLU A 45 ? 0.3594 0.2605 0.3696 -0.0049 -0.1099 -0.0307 46  GLU A N   
405 C CA  . GLU A 45 ? 0.2921 0.2458 0.3117 -0.0265 -0.0507 -0.0205 46  GLU A CA  
406 C C   . GLU A 45 ? 0.2987 0.2533 0.3137 -0.0129 -0.0623 -0.0236 46  GLU A C   
407 O O   . GLU A 45 ? 0.3120 0.2584 0.3431 -0.0126 -0.0891 -0.0316 46  GLU A O   
408 C CB  . GLU A 45 ? 0.3062 0.2341 0.3071 -0.0260 -0.0373 -0.0336 46  GLU A CB  
409 C CG  . GLU A 45 ? 0.3342 0.2290 0.3149 -0.0421 -0.0329 -0.0192 46  GLU A CG  
410 C CD  . GLU A 45 ? 0.3341 0.2799 0.3142 -0.0046 -0.0503 0.0113  46  GLU A CD  
411 O OE1 . GLU A 45 ? 0.3405 0.3598 0.3971 -0.0383 -0.0232 0.0194  46  GLU A OE1 
412 O OE2 . GLU A 45 ? 0.4200 0.2949 0.3355 0.0292  -0.0870 0.0108  46  GLU A OE2 
413 N N   . LYS A 46 ? 0.3028 0.2533 0.2755 -0.0422 -0.0695 -0.0324 47  LYS A N   
414 C CA  . LYS A 46 ? 0.3283 0.2449 0.2886 -0.0408 -0.0695 -0.0346 47  LYS A CA  
415 C C   . LYS A 46 ? 0.3001 0.1884 0.3331 -0.0023 -0.0943 -0.0226 47  LYS A C   
416 O O   . LYS A 46 ? 0.3411 0.2057 0.2863 0.0067  -0.1078 -0.0473 47  LYS A O   
417 C CB  . LYS A 46 ? 0.2786 0.3750 0.3618 -0.0247 -0.0805 0.0061  47  LYS A CB  
418 C CG  . LYS A 46 ? 0.2980 0.4480 0.4315 -0.0699 -0.0692 0.0062  47  LYS A CG  
419 C CD  . LYS A 46 ? 0.3524 0.5885 0.3933 0.0101  -0.0629 0.0128  47  LYS A CD  
420 C CE  . LYS A 46 ? 0.4271 0.6338 0.4734 0.0496  0.0275  -0.0412 47  LYS A CE  
421 N NZ  . LYS A 46 ? 0.4010 0.7965 0.4134 -0.0067 -0.0088 -0.0412 47  LYS A NZ  
422 N N   . LYS A 47 ? 0.3017 0.1840 0.3945 -0.0162 -0.1023 -0.0659 48  LYS A N   
423 C CA  . LYS A 47 ? 0.3188 0.2649 0.4071 -0.0493 -0.1140 -0.0381 48  LYS A CA  
424 C C   . LYS A 47 ? 0.2984 0.2725 0.3659 -0.0425 -0.1246 -0.0008 48  LYS A C   
425 O O   . LYS A 47 ? 0.3434 0.2512 0.3698 -0.0092 -0.1594 -0.0475 48  LYS A O   
426 C CB  . LYS A 47 ? 0.4411 0.2485 0.4476 -0.0265 -0.0949 -0.0650 48  LYS A CB  
427 C CG  . LYS A 47 ? 0.5072 0.3556 0.5597 0.0032  -0.0114 -0.0573 48  LYS A CG  
428 C CD  . LYS A 47 ? 0.7194 0.3616 0.6619 0.0409  -0.1147 -0.1312 48  LYS A CD  
429 C CE  . LYS A 47 ? 0.7842 0.3378 0.7578 0.0588  -0.0944 -0.2816 48  LYS A CE  
430 N NZ  . LYS A 47 ? 0.9144 0.3266 0.9347 -0.0457 -0.1731 -0.2896 48  LYS A NZ  
431 N N   . ALA A 48 ? 0.3015 0.2781 0.3600 -0.0246 -0.1035 -0.0178 49  ALA A N   
432 C CA  . ALA A 48 ? 0.3493 0.2787 0.3211 -0.0140 -0.0594 -0.0020 49  ALA A CA  
433 C C   . ALA A 48 ? 0.3325 0.2585 0.3456 -0.0063 -0.0561 -0.0242 49  ALA A C   
434 O O   . ALA A 48 ? 0.3437 0.2511 0.3009 0.0101  -0.0603 0.0000  49  ALA A O   
435 C CB  . ALA A 48 ? 0.3583 0.3317 0.3236 -0.0186 -0.0513 0.0054  49  ALA A CB  
436 N N   . ALA A 49 ? 0.3338 0.2765 0.2498 -0.0053 -0.0826 0.0137  50  ALA A N   
437 C CA  . ALA A 49 ? 0.3292 0.2288 0.2448 0.0097  -0.0741 -0.0376 50  ALA A CA  
438 C C   . ALA A 49 ? 0.3171 0.2702 0.2365 0.0009  -0.0550 -0.0432 50  ALA A C   
439 O O   . ALA A 49 ? 0.3731 0.2355 0.2632 0.0110  -0.0980 -0.0706 50  ALA A O   
440 C CB  . ALA A 49 ? 0.3482 0.2579 0.2771 -0.0017 -0.0781 -0.0638 50  ALA A CB  
441 N N   . VAL A 50 ? 0.3386 0.2625 0.2588 0.0185  -0.0857 -0.0600 51  VAL A N   
442 C CA  . VAL A 50 ? 0.3532 0.2778 0.2425 -0.0005 -0.0576 -0.0321 51  VAL A CA  
443 C C   . VAL A 50 ? 0.3482 0.2909 0.2933 -0.0150 -0.0693 -0.0140 51  VAL A C   
444 O O   . VAL A 50 ? 0.3924 0.2330 0.3482 -0.0304 -0.1234 -0.0269 51  VAL A O   
445 C CB  . VAL A 50 ? 0.3537 0.3531 0.2585 0.0305  -0.0581 -0.0587 51  VAL A CB  
446 C CG1 . VAL A 50 ? 0.3845 0.4093 0.2822 0.0410  -0.0956 -0.0759 51  VAL A CG1 
447 C CG2 . VAL A 50 ? 0.3633 0.3715 0.3389 0.0144  -0.0212 -0.0393 51  VAL A CG2 
448 N N   . LYS A 51 ? 0.3410 0.2706 0.2840 -0.0028 -0.0656 -0.0216 52  LYS A N   
449 C CA  . LYS A 51 ? 0.3387 0.3147 0.3368 -0.0011 -0.0794 -0.0279 52  LYS A CA  
450 C C   . LYS A 51 ? 0.2868 0.2780 0.3361 -0.0233 -0.0936 -0.0084 52  LYS A C   
451 O O   . LYS A 51 ? 0.3169 0.2955 0.3813 -0.0550 -0.1461 -0.0163 52  LYS A O   
452 C CB  . LYS A 51 ? 0.3579 0.2808 0.4304 -0.0581 -0.0792 -0.0285 52  LYS A CB  
453 C CG  . LYS A 51 ? 0.3549 0.3755 0.5372 -0.0685 -0.1311 0.0306  52  LYS A CG  
454 C CD  . LYS A 51 ? 0.4634 0.3640 0.6502 -0.1212 -0.1169 0.0598  52  LYS A CD  
455 C CE  . LYS A 51 ? 0.4878 0.3475 0.9040 -0.1260 -0.0942 0.0934  52  LYS A CE  
456 N NZ  . LYS A 51 ? 0.3574 0.5245 0.9722 -0.1525 -0.0661 0.0913  52  LYS A NZ  
457 N N   . GLU A 52 ? 0.3389 0.2798 0.2897 -0.0138 -0.0619 -0.0074 53  GLU A N   
458 C CA  . GLU A 52 ? 0.3480 0.3390 0.2941 0.0078  -0.0514 -0.0265 53  GLU A CA  
459 C C   . GLU A 52 ? 0.2936 0.2863 0.2592 0.0018  -0.0709 -0.0613 53  GLU A C   
460 O O   . GLU A 52 ? 0.3208 0.3141 0.3569 0.0325  -0.0772 -0.0145 53  GLU A O   
461 C CB  . GLU A 52 ? 0.3350 0.3195 0.2864 0.0093  -0.0346 -0.0326 53  GLU A CB  
462 C CG  . GLU A 52 ? 0.3772 0.3675 0.2771 0.0553  -0.0158 -0.0451 53  GLU A CG  
463 C CD  . GLU A 52 ? 0.3568 0.4346 0.2339 0.0420  -0.0249 -0.0073 53  GLU A CD  
464 O OE1 . GLU A 52 ? 0.3664 0.3737 0.3233 0.0062  -0.0902 -0.0288 53  GLU A OE1 
465 O OE2 . GLU A 52 ? 0.3941 0.6303 0.2952 0.0730  -0.0287 -0.1243 53  GLU A OE2 
466 N N   . PHE A 53 ? 0.3242 0.2433 0.2768 -0.0041 -0.0610 -0.0318 54  PHE A N   
467 C CA  . PHE A 53 ? 0.3184 0.2422 0.2404 -0.0131 -0.0550 -0.0515 54  PHE A CA  
468 C C   . PHE A 53 ? 0.3113 0.2416 0.2954 0.0007  -0.0880 -0.0567 54  PHE A C   
469 O O   . PHE A 53 ? 0.3285 0.2186 0.3032 -0.0103 -0.0765 -0.0408 54  PHE A O   
470 C CB  . PHE A 53 ? 0.3425 0.3193 0.2894 -0.0309 -0.0503 -0.0405 54  PHE A CB  
471 C CG  . PHE A 53 ? 0.2966 0.2735 0.3140 -0.0508 -0.0603 -0.0499 54  PHE A CG  
472 C CD1 . PHE A 53 ? 0.3550 0.2382 0.2943 -0.0692 -0.0453 -0.0382 54  PHE A CD1 
473 C CD2 . PHE A 53 ? 0.3531 0.2784 0.2758 -0.0369 -0.0443 -0.0387 54  PHE A CD2 
474 C CE1 . PHE A 53 ? 0.3774 0.2543 0.3037 -0.0807 -0.0456 -0.0328 54  PHE A CE1 
475 C CE2 . PHE A 53 ? 0.4002 0.3333 0.2978 -0.0040 0.0162  -0.0052 54  PHE A CE2 
476 C CZ  . PHE A 53 ? 0.3518 0.2715 0.3367 -0.0711 -0.0386 -0.0191 54  PHE A CZ  
477 N N   . GLU A 54 ? 0.3139 0.2432 0.2558 -0.0264 -0.1042 -0.0496 55  GLU A N   
478 C CA  . GLU A 54 ? 0.3449 0.2520 0.2621 -0.0335 -0.1109 -0.0579 55  GLU A CA  
479 C C   . GLU A 54 ? 0.3576 0.2763 0.2673 0.0056  -0.0786 -0.0268 55  GLU A C   
480 O O   . GLU A 54 ? 0.3671 0.2337 0.2651 0.0012  -0.0854 -0.0354 55  GLU A O   
481 C CB  . GLU A 54 ? 0.4198 0.3112 0.2973 0.0197  -0.1088 -0.1151 55  GLU A CB  
482 C CG  . GLU A 54 ? 0.4234 0.4179 0.3618 0.0030  -0.1028 -0.1304 55  GLU A CG  
483 C CD  . GLU A 54 ? 0.5818 0.5649 0.5109 0.1279  -0.1141 -0.2122 55  GLU A CD  
484 O OE1 . GLU A 54 ? 0.6620 0.4309 0.8077 0.0631  -0.2457 -0.2743 55  GLU A OE1 
485 O OE2 . GLU A 54 ? 0.6759 1.1436 0.4824 0.0721  -0.0806 -0.3821 55  GLU A OE2 
486 N N   . ASP A 55 ? 0.3155 0.2746 0.2934 -0.0300 -0.0593 -0.0161 56  ASP A N   
487 C CA  . ASP A 55 ? 0.3305 0.2818 0.3423 -0.0234 -0.0264 -0.0356 56  ASP A CA  
488 C C   . ASP A 55 ? 0.2722 0.2684 0.3234 -0.0493 -0.0619 -0.0102 56  ASP A C   
489 O O   . ASP A 55 ? 0.3049 0.3326 0.3720 0.0253  -0.0677 0.0103  56  ASP A O   
490 C CB  . ASP A 55 ? 0.3591 0.3117 0.4286 -0.0549 -0.0156 0.0606  56  ASP A CB  
491 C CG  . ASP A 55 ? 0.3880 0.3280 0.5192 -0.0251 -0.0218 0.0490  56  ASP A CG  
492 O OD1 . ASP A 55 ? 0.4681 0.3044 0.5178 -0.0962 -0.1477 0.0596  56  ASP A OD1 
493 O OD2 . ASP A 55 ? 0.3861 0.4146 0.5678 -0.0213 -0.0295 0.1095  56  ASP A OD2 
494 N N   . LYS A 56 ? 0.2824 0.2706 0.2553 -0.0341 -0.0579 -0.0319 57  LYS A N   
495 C CA  . LYS A 56 ? 0.2610 0.2873 0.2561 -0.0116 -0.0329 -0.0192 57  LYS A CA  
496 C C   . LYS A 56 ? 0.2821 0.3002 0.2497 -0.0037 -0.0439 -0.0285 57  LYS A C   
497 O O   . LYS A 56 ? 0.3493 0.3546 0.2822 0.0611  -0.0661 -0.0595 57  LYS A O   
498 C CB  . LYS A 56 ? 0.3245 0.2857 0.2600 0.0071  -0.0461 -0.0579 57  LYS A CB  
499 C CG  . LYS A 56 ? 0.3876 0.3536 0.2714 0.0363  -0.0471 -0.0329 57  LYS A CG  
500 C CD  . LYS A 56 ? 0.4165 0.4031 0.2942 0.0282  -0.0696 -0.0489 57  LYS A CD  
501 C CE  . LYS A 56 ? 0.4721 0.4122 0.2872 0.0578  -0.0038 -0.0773 57  LYS A CE  
502 N NZ  . LYS A 56 ? 0.5569 0.5022 0.2954 0.0614  -0.0380 -0.1171 57  LYS A NZ  
503 N N   . LYS A 57 ? 0.2802 0.2639 0.2202 -0.0198 -0.0429 0.0000  58  LYS A N   
504 C CA  . LYS A 57 ? 0.2922 0.2338 0.2151 -0.0224 -0.0717 -0.0163 58  LYS A CA  
505 C C   . LYS A 57 ? 0.2809 0.2101 0.2608 -0.0370 -0.0713 -0.0085 58  LYS A C   
506 O O   . LYS A 57 ? 0.3445 0.2018 0.2787 -0.0313 -0.1177 -0.0250 58  LYS A O   
507 C CB  . LYS A 57 ? 0.2874 0.3101 0.2312 -0.0341 -0.0692 -0.0202 58  LYS A CB  
508 C CG  . LYS A 57 ? 0.3038 0.2862 0.2654 -0.0487 -0.0563 -0.0132 58  LYS A CG  
509 C CD  . LYS A 57 ? 0.3098 0.3733 0.2684 -0.0473 -0.0712 -0.0311 58  LYS A CD  
510 C CE  . LYS A 57 ? 0.3914 0.4132 0.3443 -0.0010 -0.0610 -0.0186 58  LYS A CE  
511 N NZ  . LYS A 57 ? 0.3900 0.4801 0.3718 -0.0054 -0.0717 -0.0899 58  LYS A NZ  
512 N N   . VAL A 58 ? 0.2723 0.1951 0.3310 -0.0252 -0.0820 -0.0315 59  VAL A N   
513 C CA  . VAL A 58 ? 0.2831 0.2551 0.3228 -0.0344 -0.0923 -0.0443 59  VAL A CA  
514 C C   . VAL A 58 ? 0.2730 0.2607 0.2977 -0.0349 -0.0820 -0.0217 59  VAL A C   
515 O O   . VAL A 58 ? 0.2907 0.3297 0.3040 0.0528  -0.0772 -0.0643 59  VAL A O   
516 C CB  . VAL A 58 ? 0.2955 0.2602 0.3493 -0.0265 -0.0655 -0.0163 59  VAL A CB  
517 C CG1 . VAL A 58 ? 0.3211 0.2845 0.4049 -0.0535 -0.0697 -0.0254 59  VAL A CG1 
518 C CG2 . VAL A 58 ? 0.3296 0.2453 0.3309 -0.0348 -0.0781 -0.0460 59  VAL A CG2 
519 N N   . GLU A 59 ? 0.2973 0.3280 0.3030 0.0004  -0.0738 -0.0367 60  GLU A N   
520 C CA  . GLU A 59 ? 0.3056 0.3687 0.3426 -0.0034 -0.0475 -0.0133 60  GLU A CA  
521 C C   . GLU A 59 ? 0.3221 0.3686 0.3088 0.0284  -0.0501 -0.0278 60  GLU A C   
522 O O   . GLU A 59 ? 0.3017 0.4106 0.2890 0.0344  -0.0212 -0.0418 60  GLU A O   
523 C CB  . GLU A 59 ? 0.4141 0.4115 0.3366 -0.0250 -0.0269 0.0111  60  GLU A CB  
524 C CG  . GLU A 59 ? 0.5439 0.6378 0.4108 -0.0058 0.0293  0.0147  60  GLU A CG  
525 C CD  . GLU A 59 ? 0.8669 0.9400 0.3829 0.0526  0.0118  -0.0086 60  GLU A CD  
526 O OE1 . GLU A 59 ? 0.9603 1.0374 0.5442 0.2020  0.0310  0.0476  60  GLU A OE1 
527 O OE2 . GLU A 59 ? 1.0878 1.1565 0.4493 -0.0133 0.3100  -0.0513 60  GLU A OE2 
528 N N   . LEU A 60 ? 0.3378 0.3245 0.3138 0.0390  -0.0679 -0.0165 61  LEU A N   
529 C CA  . LEU A 60 ? 0.3900 0.3074 0.2912 0.0210  -0.0835 -0.0492 61  LEU A CA  
530 C C   . LEU A 60 ? 0.3557 0.3121 0.2923 0.0417  -0.0820 -0.0711 61  LEU A C   
531 O O   . LEU A 60 ? 0.3195 0.3459 0.3085 0.0384  -0.1005 -0.0720 61  LEU A O   
532 C CB  . LEU A 60 ? 0.4158 0.3326 0.3698 0.0033  -0.0665 -0.0486 61  LEU A CB  
533 C CG  . LEU A 60 ? 0.5160 0.3748 0.4918 -0.0206 -0.0630 -0.0963 61  LEU A CG  
534 C CD1 . LEU A 60 ? 0.6422 0.4676 0.5089 0.0528  -0.1138 -0.1861 61  LEU A CD1 
535 C CD2 . LEU A 60 ? 0.4809 0.4166 0.6570 0.0004  -0.0340 -0.1638 61  LEU A CD2 
536 N N   . LYS A 61 ? 0.3012 0.2956 0.2674 0.0493  -0.0668 -0.0424 62  LYS A N   
537 C CA  . LYS A 61 ? 0.2885 0.2535 0.2658 -0.0118 -0.0597 -0.0471 62  LYS A CA  
538 C C   . LYS A 61 ? 0.2745 0.2511 0.2933 0.0219  -0.0482 -0.0222 62  LYS A C   
539 O O   . LYS A 61 ? 0.2899 0.3051 0.3335 0.0471  -0.0772 -0.0150 62  LYS A O   
540 C CB  . LYS A 61 ? 0.2250 0.2771 0.2457 -0.0146 -0.0371 -0.0137 62  LYS A CB  
541 C CG  . LYS A 61 ? 0.2674 0.2860 0.2486 0.0041  -0.0504 -0.0334 62  LYS A CG  
542 C CD  . LYS A 61 ? 0.2666 0.2916 0.2745 -0.0049 -0.0466 -0.0519 62  LYS A CD  
543 C CE  . LYS A 61 ? 0.2991 0.3096 0.2471 -0.0384 -0.0523 -0.0278 62  LYS A CE  
544 N NZ  . LYS A 61 ? 0.2954 0.4254 0.3073 -0.0153 -0.0546 -0.0261 62  LYS A NZ  
545 N N   . GLU A 62 ? 0.2798 0.2708 0.2718 0.0220  -0.0282 -0.0149 63  GLU A N   
546 C CA  . GLU A 62 ? 0.2803 0.3204 0.3394 0.0164  -0.0344 -0.0435 63  GLU A CA  
547 C C   . GLU A 62 ? 0.3009 0.3308 0.3455 0.0354  -0.0350 -0.0372 63  GLU A C   
548 O O   . GLU A 62 ? 0.3038 0.4361 0.3651 0.0512  -0.0366 -0.0462 63  GLU A O   
549 C CB  . GLU A 62 ? 0.2906 0.3831 0.3757 -0.0089 -0.0216 -0.0166 63  GLU A CB  
550 C CG  . GLU A 62 ? 0.3065 0.3665 0.5045 -0.0033 -0.0526 -0.0379 63  GLU A CG  
551 C CD  . GLU A 62 ? 0.4156 0.5002 0.5587 0.0043  -0.0772 -0.1113 63  GLU A CD  
552 O OE1 . GLU A 62 ? 0.4189 0.7290 0.7316 0.0239  -0.1268 -0.0282 63  GLU A OE1 
553 O OE2 . GLU A 62 ? 0.5394 0.5392 0.8226 -0.0021 0.0314  -0.2097 63  GLU A OE2 
554 N N   . ASN A 63 ? 0.3081 0.3476 0.3492 0.0360  -0.0551 -0.0288 64  ASN A N   
555 C CA  . ASN A 63 ? 0.3334 0.3830 0.3599 0.0655  -0.0387 -0.0294 64  ASN A CA  
556 C C   . ASN A 63 ? 0.3039 0.3620 0.3268 0.0601  -0.0380 -0.0364 64  ASN A C   
557 O O   . ASN A 63 ? 0.3401 0.4067 0.3692 0.1058  -0.0626 -0.0695 64  ASN A O   
558 C CB  . ASN A 63 ? 0.4023 0.4215 0.3491 0.0819  -0.0276 -0.0782 64  ASN A CB  
559 C CG  . ASN A 63 ? 0.4119 0.5046 0.4035 0.0560  -0.0124 -0.0267 64  ASN A CG  
560 O OD1 . ASN A 63 ? 0.6022 0.4277 0.4705 -0.0216 -0.0525 -0.0190 64  ASN A OD1 
561 N ND2 . ASN A 63 ? 0.5626 0.6054 0.3752 0.0520  -0.0517 -0.0333 64  ASN A ND2 
562 N N   . LEU A 64 ? 0.2875 0.3288 0.3186 0.0485  -0.0633 -0.0174 65  LEU A N   
563 C CA  . LEU A 64 ? 0.3229 0.2732 0.3046 0.0259  -0.0909 -0.0436 65  LEU A CA  
564 C C   . LEU A 64 ? 0.2966 0.2603 0.3163 0.0290  -0.0777 -0.0697 65  LEU A C   
565 O O   . LEU A 64 ? 0.2648 0.3607 0.3232 0.0706  -0.0678 -0.0472 65  LEU A O   
566 C CB  . LEU A 64 ? 0.3402 0.3108 0.3077 0.0158  -0.0977 -0.0438 65  LEU A CB  
567 C CG  . LEU A 64 ? 0.3453 0.2757 0.2994 0.0115  -0.1020 -0.0612 65  LEU A CG  
568 C CD1 . LEU A 64 ? 0.3710 0.2565 0.3157 -0.0096 -0.1144 -0.0589 65  LEU A CD1 
569 C CD2 . LEU A 64 ? 0.3375 0.3322 0.2892 -0.0023 -0.1050 -0.0320 65  LEU A CD2 
570 N N   . ILE A 65 ? 0.2723 0.2506 0.3248 0.0087  -0.0621 -0.0583 66  ILE A N   
571 C CA  . ILE A 65 ? 0.3099 0.3068 0.3231 0.0015  -0.0742 -0.0614 66  ILE A CA  
572 C C   . ILE A 65 ? 0.3111 0.3494 0.3866 0.0276  -0.0730 -0.0367 66  ILE A C   
573 O O   . ILE A 65 ? 0.3600 0.3706 0.3967 0.0105  -0.1431 -0.0511 66  ILE A O   
574 C CB  . ILE A 65 ? 0.3225 0.2962 0.3543 -0.0192 -0.0411 -0.0447 66  ILE A CB  
575 C CG1 . ILE A 65 ? 0.3085 0.2705 0.3325 -0.0199 -0.0622 -0.0613 66  ILE A CG1 
576 C CG2 . ILE A 65 ? 0.2992 0.3550 0.3905 0.0111  -0.0662 -0.0421 66  ILE A CG2 
577 C CD1 . ILE A 65 ? 0.3549 0.2731 0.3287 -0.0013 -0.0656 -0.0508 66  ILE A CD1 
578 N N   . ALA A 66 ? 0.3417 0.4375 0.3869 0.0490  -0.0423 -0.0281 67  ALA A N   
579 C CA  . ALA A 66 ? 0.3723 0.4448 0.4215 0.0277  0.0012  -0.0007 67  ALA A CA  
580 C C   . ALA A 66 ? 0.3162 0.4571 0.3766 0.0931  -0.0060 -0.0299 67  ALA A C   
581 O O   . ALA A 66 ? 0.3498 0.5335 0.5104 0.1068  -0.0859 0.0029  67  ALA A O   
582 C CB  . ALA A 66 ? 0.3885 0.5193 0.4265 0.0503  0.0010  0.0392  67  ALA A CB  
583 N N   . GLU A 67 ? 0.3516 0.4392 0.3536 0.1349  0.0035  -0.0148 68  GLU A N   
584 C CA  . GLU A 67 ? 0.4076 0.4394 0.3817 0.1375  -0.0205 -0.0333 68  GLU A CA  
585 C C   . GLU A 67 ? 0.3646 0.4034 0.3919 0.1133  -0.0147 -0.0319 68  GLU A C   
586 O O   . GLU A 67 ? 0.4502 0.4267 0.4397 0.1674  -0.0785 -0.0561 68  GLU A O   
587 C CB  . GLU A 67 ? 0.4527 0.5039 0.4351 0.1152  -0.0338 -0.1001 68  GLU A CB  
588 C CG  . GLU A 67 ? 0.5508 0.5263 0.5910 0.1210  -0.0480 -0.1236 68  GLU A CG  
589 C CD  . GLU A 67 ? 0.6763 0.7285 0.7090 0.1214  -0.0975 -0.2779 68  GLU A CD  
590 O OE1 . GLU A 67 ? 1.0379 0.7462 0.7973 0.1288  0.1750  -0.3253 68  GLU A OE1 
591 O OE2 . GLU A 67 ? 0.6066 0.6661 0.9618 0.2009  -0.0598 -0.2793 68  GLU A OE2 
592 N N   . LEU A 68 ? 0.3587 0.4084 0.3531 0.0777  -0.0264 -0.0353 69  LEU A N   
593 C CA  . LEU A 68 ? 0.3298 0.4113 0.3948 0.0505  -0.0299 0.0179  69  LEU A CA  
594 C C   . LEU A 68 ? 0.3208 0.4541 0.3681 0.0648  -0.0389 0.0301  69  LEU A C   
595 O O   . LEU A 68 ? 0.3846 0.5263 0.4269 0.0888  -0.1116 0.0583  69  LEU A O   
596 C CB  . LEU A 68 ? 0.3040 0.3765 0.4300 0.0331  -0.0140 0.0099  69  LEU A CB  
597 C CG  . LEU A 68 ? 0.3139 0.3384 0.4579 0.0018  -0.0053 0.0305  69  LEU A CG  
598 C CD1 . LEU A 68 ? 0.3349 0.3214 0.4714 0.0026  0.0081  0.0327  69  LEU A CD1 
599 C CD2 . LEU A 68 ? 0.3422 0.3329 0.5290 0.0037  -0.0113 0.0058  69  LEU A CD2 
600 N N   . GLU A 69 ? 0.3007 0.4811 0.4335 0.0362  -0.0684 -0.0114 70  GLU A N   
601 C CA  . GLU A 69 ? 0.3253 0.5808 0.5528 0.0146  -0.1235 -0.0586 70  GLU A CA  
602 C C   . GLU A 69 ? 0.3303 0.6726 0.5320 0.0799  -0.1209 -0.0218 70  GLU A C   
603 O O   . GLU A 69 ? 0.4235 0.7532 0.4607 0.2012  -0.0828 -0.0174 70  GLU A O   
604 C CB  . GLU A 69 ? 0.4022 0.6325 0.6371 -0.0167 -0.1739 0.0043  70  GLU A CB  
605 C CG  . GLU A 69 ? 0.3480 0.7914 0.9303 -0.1026 -0.1378 -0.0596 70  GLU A CG  
606 C CD  . GLU A 69 ? 0.6704 0.9162 0.9371 -0.0636 -0.1228 -0.0518 70  GLU A CD  
607 O OE1 . GLU A 69 ? 0.8311 1.0225 0.8796 0.1749  -0.0857 -0.1692 70  GLU A OE1 
608 O OE2 . GLU A 69 ? 0.6469 0.9237 1.2304 -0.0230 -0.1489 0.1890  70  GLU A OE2 
609 N N   . GLU A 70 ? 0.3516 0.6616 0.4786 0.1291  -0.0287 -0.0124 71  GLU A N   
610 C CA  . GLU A 70 ? 0.4211 0.6213 0.5738 0.1762  -0.0065 0.0134  71  GLU A CA  
611 C C   . GLU A 70 ? 0.4838 0.6262 0.6330 0.1453  -0.0088 0.0000  71  GLU A C   
612 O O   . GLU A 70 ? 0.4692 0.6054 0.6169 0.1496  -0.0391 -0.0244 71  GLU A O   
613 C CB  . GLU A 70 ? 0.5157 0.8592 0.5647 0.1850  0.0218  0.0618  71  GLU A CB  
614 C CG  . GLU A 70 ? 0.8519 0.8979 0.6093 0.1769  0.0784  -0.0040 71  GLU A CG  
615 C CD  . GLU A 70 ? 0.8864 1.0826 0.9465 0.0981  0.1963  0.1054  71  GLU A CD  
616 O OE1 . GLU A 70 ? 0.9636 0.9652 1.1511 0.0932  0.2652  0.3684  71  GLU A OE1 
617 O OE2 . GLU A 70 ? 0.8360 1.1368 1.3727 0.0602  0.3820  0.0406  71  GLU A OE2 
618 N N   . LYS A 71 ? 0.4498 0.5252 0.5982 0.2033  -0.0360 0.0012  72  LYS A N   
619 C CA  . LYS A 71 ? 0.5197 0.5170 0.5576 0.0869  -0.0762 -0.0465 72  LYS A CA  
620 C C   . LYS A 71 ? 0.5651 0.4612 0.5110 0.1932  -0.0570 -0.0781 72  LYS A C   
621 O O   . LYS A 71 ? 0.5431 0.5071 0.6707 0.2307  0.0618  -0.0094 72  LYS A O   
622 C CB  . LYS A 71 ? 0.5223 0.6782 0.6719 0.1373  -0.0056 -0.1314 72  LYS A CB  
623 C CG  . LYS A 71 ? 0.7355 0.7925 0.9368 -0.0007 -0.0411 -0.0203 72  LYS A CG  
624 C CD  . LYS A 71 ? 0.7661 1.0180 1.1987 0.0035  0.0219  0.0893  72  LYS A CD  
625 C CE  . LYS A 71 ? 0.6632 0.9993 1.3816 0.0153  -0.0320 0.0134  72  LYS A CE  
626 N NZ  . LYS A 71 ? 0.7211 0.9172 1.4349 0.1313  0.0242  0.1709  72  LYS A NZ  
627 N N   . LYS A 72 ? 0.5906 0.5829 0.4579 0.1827  0.0221  -0.1269 73  LYS A N   
628 C CA  . LYS A 72 ? 0.6221 0.6600 0.5831 0.1261  -0.0857 -0.0017 73  LYS A CA  
629 C C   . LYS A 72 ? 0.7130 0.5400 0.5242 0.1755  0.0160  -0.0721 73  LYS A C   
630 O O   . LYS A 72 ? 0.7565 0.6002 0.6668 0.2251  -0.1329 -0.1234 73  LYS A O   
631 C CB  . LYS A 72 ? 0.7080 0.7485 0.6506 0.1436  -0.0477 -0.0824 73  LYS A CB  
632 C CG  . LYS A 72 ? 0.8285 0.8896 0.6627 0.0933  -0.0812 -0.1488 73  LYS A CG  
633 C CD  . LYS A 72 ? 0.9963 0.8625 0.7545 0.1976  -0.0300 -0.1065 73  LYS A CD  
634 C CE  . LYS A 72 ? 1.0125 0.8733 0.7345 0.1564  0.0290  -0.0647 73  LYS A CE  
635 N NZ  . LYS A 72 ? 1.1405 0.8205 0.4272 0.2871  0.0276  0.0785  73  LYS A NZ  
636 N N   . LYS A 73 ? 0.6848 0.4729 0.5139 0.1082  -0.0454 -0.0760 74  LYS A N   
637 C CA  . LYS A 73 ? 0.6667 0.4375 0.5902 0.1035  -0.0186 -0.0865 74  LYS A CA  
638 C C   . LYS A 73 ? 0.5495 0.4363 0.5436 0.0864  -0.0229 -0.0810 74  LYS A C   
639 O O   . LYS A 73 ? 0.6363 0.4665 0.5345 0.1566  -0.0567 -0.1330 74  LYS A O   
640 C CB  . LYS A 73 ? 0.6853 0.6457 0.6519 0.0281  0.0331  0.0176  74  LYS A CB  
641 C CG  . LYS A 73 ? 0.6951 0.6372 0.9098 -0.0660 0.0829  0.0388  74  LYS A CG  
642 C CD  . LYS A 73 ? 0.8581 0.9139 0.8721 -0.0155 0.0960  0.1033  74  LYS A CD  
643 C CE  . LYS A 73 ? 0.9189 1.0288 1.0621 -0.1424 0.2323  0.1268  74  LYS A CE  
644 N NZ  . LYS A 73 ? 1.0070 0.9202 1.3833 -0.0997 0.1855  0.3461  74  LYS A NZ  
645 N N   . MET A 74 ? 0.5116 0.4926 0.4569 0.1413  -0.0014 -0.0784 75  MET A N   
646 C CA  . MET A 74 ? 0.4863 0.5058 0.4321 0.1438  0.0021  -0.0977 75  MET A CA  
647 C C   . MET A 74 ? 0.5548 0.4991 0.5305 0.1025  0.0470  -0.0394 75  MET A C   
648 O O   . MET A 74 ? 0.5236 0.5515 0.5478 0.1217  0.0067  -0.0584 75  MET A O   
649 C CB  . MET A 74 ? 0.4787 0.6509 0.4982 0.1905  -0.0335 -0.1058 75  MET A CB  
650 C CG  . MET A 74 ? 0.7128 0.8703 0.5518 0.0614  -0.0324 -0.0385 75  MET A CG  
651 S SD  . MET A 74 ? 0.7677 1.0970 0.6075 0.0479  -0.0514 -0.1415 75  MET A SD  
652 C CE  . MET A 74 ? 0.9445 1.0702 0.9901 0.0298  0.0604  -0.1952 75  MET A CE  
653 N N   . ILE A 75 ? 0.5095 0.3684 0.6146 0.0943  0.0862  -0.0019 76  ILE A N   
654 C CA  . ILE A 75 ? 0.6718 0.5126 0.6462 0.0878  0.0757  0.0671  76  ILE A CA  
655 C C   . ILE A 75 ? 0.6930 0.4541 0.5701 0.1280  0.0515  0.0251  76  ILE A C   
656 O O   . ILE A 75 ? 0.7075 0.3795 0.6689 0.1428  0.1561  -0.0324 76  ILE A O   
657 C CB  . ILE A 75 ? 0.7377 0.6193 0.6923 0.1306  0.1128  0.0788  76  ILE A CB  
658 C CG1 . ILE A 75 ? 0.7343 0.6162 0.8584 0.0734  0.1142  0.1284  76  ILE A CG1 
659 C CG2 . ILE A 75 ? 0.8035 0.6216 0.6851 0.1443  0.1401  0.0690  76  ILE A CG2 
660 C CD1 . ILE A 75 ? 0.7470 0.7061 0.9634 -0.0108 0.0418  0.0471  76  ILE A CD1 
661 N N   . GLU A 76 ? 0.7232 0.4607 0.4627 0.1500  0.0689  -0.0181 77  GLU A N   
662 C CA  . GLU A 76 ? 0.7067 0.6419 0.5915 0.2191  0.0193  -0.0233 77  GLU A CA  
663 C C   . GLU A 76 ? 0.6824 0.4861 0.5507 0.2052  -0.0276 0.0026  77  GLU A C   
664 O O   . GLU A 76 ? 0.6398 0.4433 0.5376 0.1810  -0.1644 -0.1689 77  GLU A O   
665 C CB  . GLU A 76 ? 0.6623 0.6812 0.6306 0.1384  -0.0344 -0.0281 77  GLU A CB  
666 C CG  . GLU A 76 ? 0.7701 0.9118 0.8222 0.1123  -0.1275 -0.1083 77  GLU A CG  
667 C CD  . GLU A 76 ? 0.8085 1.2050 0.9075 0.2666  -0.0301 -0.0179 77  GLU A CD  
668 O OE1 . GLU A 76 ? 0.8515 1.4217 1.1210 0.6507  -0.0083 -0.3674 77  GLU A OE1 
669 O OE2 . GLU A 76 ? 1.2584 1.2562 0.8471 0.4427  -0.1301 0.1174  77  GLU A OE2 
670 N N   . ASN A 77 ? 0.6605 0.3092 0.5079 0.1209  -0.0174 -0.0589 78  ASN A N   
671 C CA  . ASN A 77 ? 0.5594 0.3639 0.5308 0.0570  -0.0084 -0.0170 78  ASN A CA  
672 C C   . ASN A 77 ? 0.5068 0.3483 0.5159 0.1100  0.0194  -0.0421 78  ASN A C   
673 O O   . ASN A 77 ? 0.4367 0.3117 0.5107 0.0691  -0.0183 -0.0374 78  ASN A O   
674 C CB  . ASN A 77 ? 0.7221 0.4211 0.6096 0.0046  0.0343  0.1410  78  ASN A CB  
675 C CG  . ASN A 77 ? 0.6606 0.7521 0.8291 -0.0412 0.0794  0.1335  78  ASN A CG  
676 O OD1 . ASN A 77 ? 0.8954 0.8959 0.8506 0.2586  0.1784  0.2432  78  ASN A OD1 
677 N ND2 . ASN A 77 ? 0.7654 0.6369 0.8523 0.0455  0.0468  -0.0977 78  ASN A ND2 
678 N N   . GLU A 78 ? 0.5044 0.2820 0.4689 0.0946  -0.0094 -0.1012 79  GLU A N   
679 C CA  . GLU A 78 ? 0.4801 0.2831 0.6101 0.1192  0.0385  -0.0459 79  GLU A CA  
680 C C   . GLU A 78 ? 0.5253 0.3535 0.5536 0.1350  0.0765  -0.0273 79  GLU A C   
681 O O   . GLU A 78 ? 0.4265 0.3705 0.6587 0.1309  0.0939  -0.0944 79  GLU A O   
682 C CB  . GLU A 78 ? 0.4516 0.4902 0.6796 0.1034  0.1464  -0.1920 79  GLU A CB  
683 C CG  . GLU A 78 ? 0.6087 0.6424 0.7615 0.0618  0.0430  -0.0715 79  GLU A CG  
684 C CD  . GLU A 78 ? 0.5893 0.9773 1.1454 -0.0979 0.0200  -0.1283 79  GLU A CD  
685 O OE1 . GLU A 78 ? 0.5081 1.3309 1.3837 -0.3939 -0.0549 -0.1196 79  GLU A OE1 
686 O OE2 . GLU A 78 ? 0.7391 1.3471 1.4010 -0.1491 -0.1752 0.0892  79  GLU A OE2 
687 N N   . LYS A 79 ? 0.5723 0.4761 0.4828 0.1674  0.0573  -0.0150 80  LYS A N   
688 C CA  . LYS A 79 ? 0.5905 0.5281 0.4975 0.1685  0.0817  0.0661  80  LYS A CA  
689 C C   . LYS A 79 ? 0.5821 0.4646 0.4365 0.1472  0.0700  0.0447  80  LYS A C   
690 O O   . LYS A 79 ? 0.5640 0.4860 0.4568 0.1573  0.0416  0.0663  80  LYS A O   
691 C CB  . LYS A 79 ? 0.6651 0.6843 0.5633 0.2292  0.1357  -0.0149 80  LYS A CB  
692 C CG  . LYS A 79 ? 0.6946 1.0582 0.8315 0.1329  0.1895  0.0014  80  LYS A CG  
693 C CD  . LYS A 79 ? 0.9372 1.1766 0.9807 0.2386  0.2476  0.0853  80  LYS A CD  
694 C CE  . LYS A 79 ? 1.0461 1.3938 1.3664 0.0311  0.3393  0.0041  80  LYS A CE  
695 N NZ  . LYS A 79 ? 1.1153 1.6308 1.5906 0.1482  0.2379  0.1845  80  LYS A NZ  
696 N N   . LEU A 80 ? 0.5417 0.3639 0.4450 0.1156  0.0271  -0.0491 81  LEU A N   
697 C CA  . LEU A 80 ? 0.4984 0.4491 0.3862 0.0754  -0.0503 -0.0746 81  LEU A CA  
698 C C   . LEU A 80 ? 0.4307 0.4113 0.3839 0.0621  -0.0873 -0.0604 81  LEU A C   
699 O O   . LEU A 80 ? 0.3864 0.3917 0.3653 0.0378  -0.0570 -0.1142 81  LEU A O   
700 C CB  . LEU A 80 ? 0.5020 0.3728 0.4471 0.0630  -0.0366 -0.1321 81  LEU A CB  
701 C CG  . LEU A 80 ? 0.4841 0.4203 0.5298 0.0649  -0.0476 -0.0665 81  LEU A CG  
702 C CD1 . LEU A 80 ? 0.4997 0.4110 0.5363 0.0302  -0.0920 -0.2009 81  LEU A CD1 
703 C CD2 . LEU A 80 ? 0.5248 0.3942 0.6579 0.0086  -0.0332 -0.0884 81  LEU A CD2 
704 N N   . THR A 81 ? 0.3901 0.3827 0.3588 0.0657  -0.0550 -0.0768 82  THR A N   
705 C CA  . THR A 81 ? 0.3884 0.3575 0.3445 0.0742  -0.0372 -0.0431 82  THR A CA  
706 C C   . THR A 81 ? 0.4048 0.3528 0.3909 0.0815  -0.0155 -0.0177 82  THR A C   
707 O O   . THR A 81 ? 0.3874 0.3363 0.4332 0.0692  -0.0508 -0.0374 82  THR A O   
708 C CB  . THR A 81 ? 0.4118 0.3709 0.3639 0.0498  -0.0661 -0.0398 82  THR A CB  
709 O OG1 . THR A 81 ? 0.5449 0.3098 0.4357 0.0775  -0.1012 -0.0028 82  THR A OG1 
710 C CG2 . THR A 81 ? 0.3878 0.3781 0.4200 -0.0016 -0.0770 -0.0716 82  THR A CG2 
711 N N   . MET A 82 ? 0.4161 0.2959 0.5485 0.1384  0.0468  0.0392  83  MET A N   
712 C CA  . MET A 82 ? 0.4766 0.3831 0.6035 0.0967  0.0446  0.1109  83  MET A CA  
713 C C   . MET A 82 ? 0.4574 0.4135 0.5517 0.1215  0.0762  0.0811  83  MET A C   
714 O O   . MET A 82 ? 0.4668 0.4026 0.6989 0.1076  0.1178  0.1241  83  MET A O   
715 C CB  . MET A 82 ? 0.5282 0.4893 0.7808 0.1338  0.1356  0.0747  83  MET A CB  
716 C CG  . MET A 82 ? 0.5949 0.7464 1.1562 -0.0753 0.0016  0.1612  83  MET A CG  
717 S SD  . MET A 82 ? 0.7399 1.3521 1.7090 -0.1989 0.2693  0.0126  83  MET A SD  
718 C CE  . MET A 82 ? 0.8792 1.0382 1.6820 -0.1763 0.2196  0.1221  83  MET A CE  
719 N N   . GLU A 83 ? 0.5011 0.4915 0.5221 0.1113  0.0527  0.0293  84  GLU A N   
720 C CA  . GLU A 83 ? 0.5750 0.5390 0.4625 0.1631  0.0309  0.0529  84  GLU A CA  
721 C C   . GLU A 83 ? 0.5474 0.3931 0.3578 0.1436  -0.0309 -0.0034 84  GLU A C   
722 O O   . GLU A 83 ? 0.6202 0.4803 0.3523 0.1709  -0.0919 0.0288  84  GLU A O   
723 C CB  . GLU A 83 ? 0.7342 0.6217 0.5666 0.2078  -0.0210 -0.0659 84  GLU A CB  
724 C CG  . GLU A 83 ? 0.8510 0.8251 0.5900 0.2117  -0.0059 -0.0752 84  GLU A CG  
725 C CD  . GLU A 83 ? 1.0054 0.9061 0.8065 0.1833  -0.1926 -0.1594 84  GLU A CD  
726 O OE1 . GLU A 83 ? 1.1060 0.6827 0.9495 -0.0170 -0.3077 -0.1971 84  GLU A OE1 
727 O OE2 . GLU A 83 ? 1.0281 1.0047 0.9275 0.2413  -0.2525 -0.2815 84  GLU A OE2 
728 N N   . LEU A 84 ? 0.4486 0.3711 0.3769 0.0455  -0.0141 -0.0252 85  LEU A N   
729 C CA  . LEU A 84 ? 0.4162 0.2947 0.3416 0.0612  -0.0497 -0.0500 85  LEU A CA  
730 C C   . LEU A 84 ? 0.3884 0.2775 0.3593 0.0462  0.0264  -0.0322 85  LEU A C   
731 O O   . LEU A 84 ? 0.3592 0.2741 0.4104 0.0544  -0.0626 -0.0561 85  LEU A O   
732 C CB  . LEU A 84 ? 0.3852 0.2803 0.3872 0.0332  -0.0279 -0.0399 85  LEU A CB  
733 C CG  . LEU A 84 ? 0.4158 0.2788 0.4673 0.0522  -0.0517 -0.0544 85  LEU A CG  
734 C CD1 . LEU A 84 ? 0.4550 0.3474 0.5145 0.0641  0.0045  0.0046  85  LEU A CD1 
735 C CD2 . LEU A 84 ? 0.4159 0.3694 0.6299 0.0350  -0.0694 -0.0589 85  LEU A CD2 
736 N N   . THR A 85 ? 0.3922 0.2942 0.3648 0.0566  -0.0222 -0.0260 86  THR A N   
737 C CA  . THR A 85 ? 0.4320 0.2695 0.3916 0.0137  -0.0361 0.0005  86  THR A CA  
738 C C   . THR A 85 ? 0.4977 0.2951 0.5406 -0.0086 0.0151  0.0549  86  THR A C   
739 O O   . THR A 85 ? 0.5008 0.3011 0.6882 0.0037  0.0209  -0.0036 86  THR A O   
740 C CB  . THR A 85 ? 0.3536 0.2960 0.4055 0.0105  -0.0377 -0.0269 86  THR A CB  
741 O OG1 . THR A 85 ? 0.3409 0.2975 0.4378 0.0117  -0.0485 0.0075  86  THR A OG1 
742 C CG2 . THR A 85 ? 0.3527 0.3593 0.3181 0.0235  -0.0252 -0.0308 86  THR A CG2 
743 N N   . GLY A 86 ? 0.7464 0.3945 0.5178 0.0059  0.1049  0.0855  87  GLY A N   
744 C CA  . GLY A 86 ? 0.8481 0.5080 0.7289 0.0563  0.1938  0.2427  87  GLY A CA  
745 C C   . GLY A 86 ? 0.9340 0.7521 0.8871 -0.0472 0.1936  0.1859  87  GLY A C   
746 O O   . GLY A 86 ? 1.3678 0.9844 0.9923 0.0583  0.2388  0.4254  87  GLY A O   
747 O O   . HOH B .  ? 0.4896 0.7393 0.6816 -0.0245 -0.0359 -0.0248 101 HOH A O   
748 O O   . HOH B .  ? 1.0178 0.5015 0.9471 -0.2761 -0.2647 0.1556  102 HOH A O   
749 O O   . HOH B .  ? 0.8451 0.7692 0.4606 -0.2519 -0.1117 0.0433  103 HOH A O   
750 O O   . HOH B .  ? 0.3675 0.3339 0.5598 -0.0887 -0.0655 -0.0226 104 HOH A O   
751 O O   . HOH B .  ? 0.3721 0.2804 0.3482 -0.0350 -0.0275 -0.0706 105 HOH A O   
752 O O   . HOH B .  ? 0.4958 0.5057 0.3980 -0.0922 -0.0616 -0.1120 106 HOH A O   
753 O O   . HOH B .  ? 0.4453 0.5105 0.5517 0.0344  -0.2132 0.0632  107 HOH A O   
754 O O   . HOH B .  ? 0.4016 0.5464 0.5180 -0.1459 -0.1622 0.0612  108 HOH A O   
755 O O   . HOH B .  ? 0.6515 0.4663 0.7652 -0.1221 -0.0461 -0.0002 109 HOH A O   
756 O O   . HOH B .  ? 0.7776 0.6886 0.3776 -0.1020 -0.0982 0.0569  110 HOH A O   
757 O O   . HOH B .  ? 0.9374 0.9074 0.4384 0.2990  -0.1498 -0.0919 111 HOH A O   
758 O O   . HOH B .  ? 0.4051 0.3873 0.3895 0.0234  0.0191  0.0424  112 HOH A O   
759 O O   . HOH B .  ? 0.6120 0.3090 0.7273 -0.1071 -0.3328 0.0389  113 HOH A O   
760 O O   . HOH B .  ? 0.7269 1.0067 0.4125 0.0077  0.0798  0.0161  114 HOH A O   
761 O O   . HOH B .  ? 0.8762 1.0391 0.4697 -0.5691 0.0612  -0.1115 115 HOH A O   
762 O O   . HOH B .  ? 0.5446 0.4509 0.4542 -0.0638 0.0142  0.0648  116 HOH A O   
763 O O   . HOH B .  ? 0.8693 0.6770 0.4432 0.0379  -0.0885 -0.0047 117 HOH A O   
764 O O   . HOH B .  ? 0.6592 0.8937 0.8095 -0.2417 -0.2877 0.2168  118 HOH A O   
765 O O   . HOH B .  ? 0.5587 0.5177 0.4146 0.0174  -0.2093 -0.2165 119 HOH A O   
766 O O   . HOH B .  ? 0.7321 0.7426 0.4132 0.0315  -0.1320 -0.0624 120 HOH A O   
767 O O   . HOH B .  ? 0.5975 0.3404 0.4284 -0.0150 -0.1459 -0.0445 121 HOH A O   
768 O O   . HOH B .  ? 0.3568 1.1403 0.7256 0.0988  0.0403  0.1395  122 HOH A O   
769 O O   . HOH B .  ? 0.5828 0.3606 0.5892 0.0270  -0.0818 -0.1127 123 HOH A O   
770 O O   . HOH B .  ? 0.4146 0.5270 0.4673 0.0214  -0.1015 -0.0327 124 HOH A O   
771 O O   . HOH B .  ? 0.7265 0.4404 0.6054 0.1293  0.0623  -0.0532 125 HOH A O   
772 O O   . HOH B .  ? 0.4045 0.3528 0.5953 -0.0148 -0.2217 -0.0214 126 HOH A O   
773 O O   . HOH B .  ? 0.5018 0.8504 0.6527 -0.0002 -0.1209 0.2115  127 HOH A O   
774 O O   . HOH B .  ? 0.9938 0.8202 0.3177 0.0899  0.1094  -0.1245 128 HOH A O   
775 O O   . HOH B .  ? 0.4161 0.5192 0.6730 0.0013  -0.0560 -0.0258 129 HOH A O   
776 O O   . HOH B .  ? 0.6545 0.4784 0.6890 -0.1966 -0.1829 -0.0770 130 HOH A O   
777 O O   . HOH B .  ? 0.3242 0.3484 0.4698 -0.0885 -0.0404 -0.0381 131 HOH A O   
778 O O   . HOH B .  ? 0.6157 0.4302 0.4603 -0.0566 -0.2470 -0.0857 132 HOH A O   
779 O O   . HOH B .  ? 0.4773 0.4045 0.4730 -0.0346 -0.2073 -0.0413 133 HOH A O   
780 O O   . HOH B .  ? 0.3616 0.2757 0.2746 0.0228  -0.0421 -0.0471 134 HOH A O   
781 O O   . HOH B .  ? 0.4764 0.3575 0.4443 0.0829  -0.0709 -0.1045 135 HOH A O   
782 O O   . HOH B .  ? 0.7730 0.6159 0.8555 -0.0833 -0.0124 0.1084  136 HOH A O   
783 O O   . HOH B .  ? 0.5144 0.7143 0.4718 0.0013  -0.0722 -0.1473 137 HOH A O   
784 O O   . HOH B .  ? 0.5545 0.5303 0.5899 0.1082  -0.1467 -0.1011 138 HOH A O   
785 O O   . HOH B .  ? 0.8968 0.5257 0.9540 -0.0495 -0.3629 0.2760  139 HOH A O   
786 O O   . HOH B .  ? 0.5194 0.7674 0.3456 -0.2512 0.0082  -0.0123 140 HOH A O   
787 O O   . HOH B .  ? 0.7841 0.5824 0.8404 0.0506  0.0022  0.0190  141 HOH A O   
788 O O   . HOH B .  ? 0.3746 0.4427 0.4327 -0.0602 -0.0300 0.0243  142 HOH A O   
789 O O   . HOH B .  ? 0.8906 0.4267 0.8346 -0.0201 -0.4862 -0.0169 143 HOH A O   
790 O O   . HOH B .  ? 0.3755 0.2528 0.3800 -0.0022 -0.1229 -0.0719 144 HOH A O   
791 O O   . HOH B .  ? 0.4391 0.3439 0.3854 -0.0189 -0.0528 -0.0327 145 HOH A O   
792 O O   . HOH B .  ? 0.6363 0.5247 1.0374 -0.1340 -0.2877 0.3321  146 HOH A O   
793 O O   . HOH B .  ? 0.3030 0.3069 0.2989 0.0252  -0.0808 -0.0585 147 HOH A O   
794 O O   . HOH B .  ? 0.3300 0.2423 0.4078 0.0035  -0.0912 -0.0744 148 HOH A O   
795 O O   . HOH B .  ? 0.3011 0.3378 0.3955 -0.0056 -0.0776 -0.0471 149 HOH A O   
796 O O   . HOH B .  ? 0.5869 0.8499 0.5233 -0.1242 -0.0008 -0.1527 150 HOH A O   
797 O O   . HOH B .  ? 0.4843 0.4694 0.4131 0.0829  -0.0385 -0.0654 151 HOH A O   
798 O O   . HOH B .  ? 0.4743 0.4672 0.9033 -0.0200 -0.0652 -0.4062 152 HOH A O   
799 O O   . HOH B .  ? 0.4768 0.2744 0.4254 0.0193  -0.1446 0.0017  153 HOH A O   
800 O O   . HOH B .  ? 0.5992 0.4136 0.3326 -0.0415 -0.0178 -0.0067 154 HOH A O   
801 O O   . HOH B .  ? 0.3081 0.2930 0.3256 -0.0481 -0.0542 -0.0028 155 HOH A O   
802 O O   . HOH B .  ? 0.6464 0.9275 0.4137 0.0302  -0.0836 0.0695  156 HOH A O   
803 O O   . HOH B .  ? 0.5721 0.5137 0.4076 -0.0439 0.0577  0.0479  157 HOH A O   
804 O O   . HOH B .  ? 0.7262 0.5158 0.7917 -0.0598 -0.1953 0.0490  158 HOH A O   
805 O O   . HOH B .  ? 0.8430 0.8206 0.3830 0.3054  -0.0746 -0.0258 159 HOH A O   
806 O O   . HOH B .  ? 0.5914 0.3950 0.5475 -0.0256 -0.0955 -0.0664 160 HOH A O   
807 O O   . HOH B .  ? 0.4873 0.4786 0.4529 -0.1645 -0.0816 -0.0488 161 HOH A O   
808 O O   . HOH B .  ? 0.5420 0.6530 0.5313 0.1364  -0.0259 -0.1440 162 HOH A O   
809 O O   . HOH B .  ? 0.5890 0.5228 0.5028 -0.0695 0.0006  0.0305  163 HOH A O   
810 O O   . HOH B .  ? 0.8219 0.2382 0.3755 -0.0115 -0.0417 -0.0689 164 HOH A O   
811 O O   . HOH B .  ? 1.1752 0.5082 0.5740 -0.1722 -0.0980 0.0169  165 HOH A O   
812 O O   . HOH B .  ? 0.5522 0.8221 1.0549 -0.1919 -0.2194 0.1479  166 HOH A O   
813 O O   . HOH B .  ? 0.7525 0.7328 0.5808 0.3349  0.0821  0.0170  167 HOH A O   
814 O O   . HOH B .  ? 0.4922 0.4758 0.5204 -0.0323 -0.0409 0.0159  168 HOH A O   
815 O O   . HOH B .  ? 0.6461 0.6314 0.7541 0.0800  -0.1356 0.0019  169 HOH A O   
816 O O   . HOH B .  ? 0.8347 0.4474 0.5587 -0.0295 -0.0423 -0.0767 170 HOH A O   
817 O O   . HOH B .  ? 0.7583 0.4956 0.9754 0.1311  -0.0820 0.0406  171 HOH A O   
818 O O   . HOH B .  ? 0.6350 0.5005 0.4193 0.1031  -0.0395 -0.1467 172 HOH A O   
819 O O   . HOH B .  ? 0.6068 0.8463 0.6922 0.0910  0.0370  -0.1508 173 HOH A O   
820 O O   . HOH B .  ? 0.3748 0.3534 0.3246 -0.0641 -0.0809 -0.0597 174 HOH A O   
821 O O   . HOH B .  ? 0.6184 0.4428 0.5054 -0.0485 -0.2311 0.0234  175 HOH A O   
822 O O   . HOH B .  ? 0.9526 0.6457 0.3631 -0.2585 -0.1558 -0.0122 176 HOH A O   
823 O O   . HOH B .  ? 0.7914 0.7472 1.1893 -0.2252 -0.1891 0.0591  177 HOH A O   
824 O O   . HOH B .  ? 0.5561 0.7545 0.5052 -0.0167 -0.0673 0.0180  178 HOH A O   
825 O O   . HOH B .  ? 0.4883 0.3549 0.4045 -0.0466 -0.0814 -0.0269 179 HOH A O   
826 O O   . HOH B .  ? 0.6247 0.4949 0.7316 -0.1617 -0.0179 -0.0969 180 HOH A O   
827 O O   . HOH B .  ? 1.1211 1.0248 0.9547 0.3140  -0.3680 -0.4568 181 HOH A O   
828 O O   . HOH B .  ? 0.5859 0.6255 0.5707 -0.0156 -0.0873 0.0255  182 HOH A O   
829 O O   . HOH B .  ? 0.8081 0.6534 0.8262 0.0854  0.0514  0.1799  183 HOH A O   
830 O O   . HOH B .  ? 0.8556 0.6501 0.5109 -0.4139 -0.0497 -0.0230 184 HOH A O   
831 O O   . HOH B .  ? 0.4363 0.4011 0.4261 -0.0387 -0.0264 -0.0469 185 HOH A O   
832 O O   . HOH B .  ? 0.4967 0.6803 0.7890 -0.0759 0.0598  0.1037  186 HOH A O   
833 O O   . HOH B .  ? 0.7826 1.0910 0.5489 0.0482  0.2138  -0.1376 187 HOH A O   
834 O O   . HOH B .  ? 0.3870 0.4653 0.3410 0.0290  -0.1457 -0.0338 188 HOH A O   
835 O O   . HOH B .  ? 0.8255 0.6025 0.6503 0.1548  -0.1036 0.1038  189 HOH A O   
836 O O   . HOH B .  ? 0.7887 0.7728 0.3728 0.3353  -0.0686 -0.0998 190 HOH A O   
837 O O   . HOH B .  ? 0.5168 0.4297 0.6810 -0.1593 -0.2783 0.0943  191 HOH A O   
838 O O   . HOH B .  ? 0.3735 0.4448 0.5913 0.0711  -0.0674 -0.0455 192 HOH A O   
839 O O   . HOH B .  ? 0.6360 0.9636 0.4641 -0.1000 0.1038  0.0515  193 HOH A O   
840 O O   . HOH B .  ? 0.5132 0.4967 0.6352 -0.0139 -0.1094 -0.0545 194 HOH A O   
841 O O   . HOH B .  ? 0.7495 0.9018 0.8671 0.0859  0.2999  -0.0910 195 HOH A O   
842 O O   . HOH B .  ? 0.6206 0.8051 0.6584 -0.1311 -0.2731 0.0352  196 HOH A O   
843 O O   . HOH B .  ? 0.3451 0.7675 0.4847 -0.1258 -0.0899 0.0283  197 HOH A O   
844 O O   . HOH B .  ? 0.3727 0.7151 0.8942 -0.1956 -0.1901 0.3007  198 HOH A O   
845 O O   . HOH B .  ? 0.7659 0.6812 0.7559 -0.1165 -0.0709 0.2794  199 HOH A O   
846 O O   . HOH B .  ? 0.4656 0.6979 0.4583 -0.0818 -0.0439 -0.0793 200 HOH A O   
847 O O   . HOH B .  ? 0.4925 0.6499 0.8088 -0.2027 -0.2059 0.1096  201 HOH A O   
848 O O   . HOH B .  ? 0.6722 0.5220 0.8640 -0.0671 -0.0473 0.2454  202 HOH A O   
849 O O   . HOH B .  ? 0.3678 1.0497 0.5707 -0.1299 -0.0754 -0.0213 203 HOH A O   
850 O O   . HOH B .  ? 0.9317 0.5530 1.0508 -0.2875 -0.4537 0.0579  204 HOH A O   
851 O O   . HOH B .  ? 0.3977 0.5547 0.8981 0.0416  -0.0273 -0.0317 205 HOH A O   
852 O O   . HOH B .  ? 0.7800 0.9720 0.6587 0.1074  -0.2097 0.1251  206 HOH A O   
853 O O   . HOH B .  ? 0.7296 0.7056 0.4800 -0.0804 0.0042  -0.0376 207 HOH A O   
854 O O   . HOH B .  ? 0.9530 0.8422 0.3469 -0.1154 -0.1711 -0.1049 208 HOH A O   
855 O O   . HOH B .  ? 0.7086 1.0740 0.7776 0.1545  0.0767  -0.0249 209 HOH A O   
856 O O   . HOH B .  ? 0.4310 0.3808 0.3846 0.0684  -0.1392 -0.0282 210 HOH A O   
857 O O   . HOH B .  ? 0.7133 0.5073 0.5215 0.1797  -0.1336 -0.1169 211 HOH A O   
858 O O   . HOH B .  ? 0.5661 0.7379 0.5337 0.0386  0.0370  -0.2492 212 HOH A O   
859 O O   . HOH B .  ? 0.5141 0.4154 0.7944 -0.1640 -0.0991 -0.0662 213 HOH A O   
860 O O   . HOH B .  ? 0.4992 0.3650 0.5800 -0.1003 -0.1058 -0.1156 214 HOH A O   
861 O O   . HOH B .  ? 0.8097 0.3974 0.8164 0.2061  -0.2707 -0.1735 215 HOH A O   
862 O O   . HOH B .  ? 0.5488 0.6973 0.6323 -0.0361 0.0036  -0.0754 216 HOH A O   
863 O O   . HOH B .  ? 0.7449 0.4230 0.9339 -0.0102 0.0318  -0.1306 217 HOH A O   
864 O O   . HOH B .  ? 0.3900 0.9508 0.6998 -0.1373 -0.0777 0.3288  218 HOH A O   
865 O O   . HOH B .  ? 0.5671 0.3880 0.4687 0.0447  -0.1311 -0.1596 219 HOH A O   
866 O O   . HOH B .  ? 0.6796 1.1743 0.6075 0.3155  -0.2964 0.0393  220 HOH A O   
# 
